data_3SO4
#
_entry.id   3SO4
#
_cell.length_a   58.492
_cell.length_b   113.161
_cell.length_c   220.848
_cell.angle_alpha   90.000
_cell.angle_beta   90.000
_cell.angle_gamma   90.000
#
_symmetry.space_group_name_H-M   'P 21 21 21'
#
loop_
_entity.id
_entity.type
_entity.pdbx_description
1 polymer Methionine-adenosyltransferase
2 non-polymer 'ACETATE ION'
3 water water
#
_entity_poly.entity_id   1
_entity_poly.type   'polypeptide(L)'
_entity_poly.pdbx_seq_one_letter_code
;MAHHHHHHMGTLEAQTQGPGSRFFFTSESVSGGHPDKMCDQISDAILDACLAQDPKSHVACETATKTGLILVLGEITTNA
VIDIPKIVRGVVKSIGYDDTNKGFDYQTCSVLSCVEQQSQDIAKGVHVEKKEEDIGAGDQGIMFGYATDESKEMMPLTHV
LSTKLILRLQECREKGILPWLRPDSKSQVTLEYEEVEGHLKPIRVHTIVISTQHADNVSNEEIAKGLEEEVTQKVIPKEL
MDDKMLRYYNPSGRFVIGGPMGDAGLTGRKIIVDTYGGWGAHGGGAFSGKDSSKVDRSGAYCARWIAKSLVHAGLCHRVL
VQLSYAIGVSHPLSINVNTYGTGICDESILVDIVNKNFDMRPGMIIKELGLTRPIFQKTAVGGHFGRNDPDFKWEFPKEL
EIPAELKPKLLKNEP
;
_entity_poly.pdbx_strand_id   A,B,C,D
#
loop_
_chem_comp.id
_chem_comp.type
_chem_comp.name
_chem_comp.formula
ACT non-polymer 'ACETATE ION' 'C2 H3 O2 -1'
#
# COMPACT_ATOMS: atom_id res chain seq x y z
N ARG A 22 -9.84 -35.89 -38.47
CA ARG A 22 -8.66 -35.75 -37.56
C ARG A 22 -8.14 -34.30 -37.52
N PHE A 23 -7.74 -33.90 -36.32
CA PHE A 23 -7.21 -32.55 -36.07
C PHE A 23 -6.30 -32.49 -34.85
N PHE A 24 -5.67 -31.34 -34.63
CA PHE A 24 -4.88 -31.09 -33.42
C PHE A 24 -5.50 -30.05 -32.53
N PHE A 25 -5.17 -30.13 -31.24
CA PHE A 25 -5.59 -29.18 -30.21
C PHE A 25 -4.50 -28.98 -29.16
N THR A 26 -4.51 -27.81 -28.52
CA THR A 26 -3.55 -27.48 -27.47
C THR A 26 -4.22 -26.93 -26.23
N SER A 27 -3.74 -27.39 -25.08
CA SER A 27 -4.11 -26.81 -23.78
C SER A 27 -2.88 -26.63 -22.90
N GLU A 28 -3.07 -25.87 -21.82
CA GLU A 28 -1.98 -25.50 -20.92
C GLU A 28 -2.38 -25.59 -19.46
N SER A 29 -1.36 -25.58 -18.60
CA SER A 29 -1.53 -25.45 -17.15
C SER A 29 -0.30 -24.81 -16.50
N VAL A 30 -0.49 -24.35 -15.27
CA VAL A 30 0.61 -23.76 -14.48
C VAL A 30 0.61 -24.29 -13.04
N SER A 31 1.80 -24.26 -12.43
CA SER A 31 1.99 -24.77 -11.06
C SER A 31 1.53 -23.77 -10.03
N GLY A 32 1.42 -24.26 -8.79
CA GLY A 32 0.97 -23.45 -7.66
C GLY A 32 1.99 -22.40 -7.24
N GLY A 33 3.18 -22.49 -7.81
CA GLY A 33 4.24 -21.52 -7.58
C GLY A 33 4.08 -20.29 -8.45
N HIS A 34 3.35 -20.45 -9.55
CA HIS A 34 3.01 -19.35 -10.44
C HIS A 34 2.30 -18.24 -9.66
N PRO A 35 2.80 -17.00 -9.72
CA PRO A 35 2.24 -15.89 -8.92
C PRO A 35 0.73 -15.72 -9.06
N ASP A 36 0.26 -15.76 -10.30
CA ASP A 36 -1.18 -15.69 -10.60
C ASP A 36 -1.94 -16.74 -9.80
N LYS A 37 -1.39 -17.94 -9.77
CA LYS A 37 -2.01 -19.09 -9.08
C LYS A 37 -1.77 -19.04 -7.59
N MET A 38 -0.63 -18.47 -7.21
CA MET A 38 -0.27 -18.26 -5.80
C MET A 38 -1.34 -17.39 -5.12
N CYS A 39 -1.82 -16.42 -5.87
CA CYS A 39 -2.90 -15.53 -5.42
C CYS A 39 -4.19 -16.34 -5.24
N ASP A 40 -4.59 -17.00 -6.31
CA ASP A 40 -5.79 -17.85 -6.31
C ASP A 40 -5.82 -18.69 -5.03
N GLN A 41 -4.69 -19.35 -4.76
CA GLN A 41 -4.52 -20.20 -3.58
C GLN A 41 -4.73 -19.41 -2.27
N ILE A 42 -3.95 -18.33 -2.13
CA ILE A 42 -3.99 -17.48 -0.93
C ILE A 42 -5.40 -17.01 -0.63
N SER A 43 -6.08 -16.55 -1.68
CA SER A 43 -7.44 -16.03 -1.59
C SER A 43 -8.39 -17.09 -1.04
N ASP A 44 -8.27 -18.30 -1.57
CA ASP A 44 -9.14 -19.43 -1.16
C ASP A 44 -8.72 -19.97 0.20
N ALA A 45 -7.47 -19.70 0.58
CA ALA A 45 -6.97 -20.01 1.92
C ALA A 45 -7.71 -19.19 2.97
N ILE A 46 -7.93 -17.91 2.66
CA ILE A 46 -8.69 -17.01 3.54
C ILE A 46 -10.11 -17.52 3.67
N LEU A 47 -10.73 -17.79 2.53
CA LEU A 47 -12.11 -18.29 2.46
C LEU A 47 -12.30 -19.48 3.38
N ASP A 48 -11.46 -20.49 3.18
CA ASP A 48 -11.46 -21.71 4.00
C ASP A 48 -11.39 -21.37 5.49
N ALA A 49 -10.38 -20.56 5.81
CA ALA A 49 -10.17 -20.05 7.16
C ALA A 49 -11.46 -19.51 7.78
N CYS A 50 -12.26 -18.86 6.95
CA CYS A 50 -13.52 -18.24 7.38
C CYS A 50 -14.60 -19.28 7.60
N LEU A 51 -14.87 -20.06 6.55
CA LEU A 51 -15.93 -21.09 6.58
C LEU A 51 -15.71 -22.07 7.73
N ALA A 52 -14.44 -22.22 8.11
CA ALA A 52 -14.05 -23.11 9.22
C ALA A 52 -14.80 -22.80 10.49
N GLN A 53 -14.86 -21.51 10.82
CA GLN A 53 -15.54 -21.05 12.04
C GLN A 53 -16.99 -20.70 11.77
N ASP A 54 -17.23 -20.06 10.62
CA ASP A 54 -18.55 -19.55 10.24
C ASP A 54 -18.91 -19.98 8.80
N PRO A 55 -19.68 -21.06 8.67
CA PRO A 55 -20.02 -21.58 7.35
C PRO A 55 -20.88 -20.61 6.55
N LYS A 56 -21.67 -19.82 7.25
CA LYS A 56 -22.53 -18.81 6.62
C LYS A 56 -21.75 -17.54 6.24
N SER A 57 -20.41 -17.63 6.26
CA SER A 57 -19.55 -16.50 5.92
C SER A 57 -19.73 -16.04 4.49
N HIS A 58 -19.49 -14.75 4.29
CA HIS A 58 -19.50 -14.14 2.97
C HIS A 58 -18.15 -13.50 2.69
N VAL A 59 -17.47 -14.04 1.68
CA VAL A 59 -16.11 -13.64 1.33
C VAL A 59 -15.96 -13.35 -0.15
N ALA A 60 -15.72 -12.08 -0.45
CA ALA A 60 -15.43 -11.62 -1.81
C ALA A 60 -14.11 -10.89 -1.82
N CYS A 61 -13.03 -11.65 -1.69
CA CYS A 61 -11.69 -11.06 -1.54
C CYS A 61 -10.67 -11.60 -2.54
N GLU A 62 -9.71 -10.72 -2.85
CA GLU A 62 -8.70 -11.01 -3.87
C GLU A 62 -7.28 -10.64 -3.45
N THR A 63 -6.32 -11.36 -4.01
CA THR A 63 -4.91 -11.15 -3.72
C THR A 63 -4.13 -10.66 -4.93
N ALA A 64 -3.17 -9.78 -4.65
CA ALA A 64 -2.23 -9.28 -5.64
C ALA A 64 -0.82 -9.37 -5.06
N THR A 65 0.13 -9.80 -5.89
CA THR A 65 1.52 -10.00 -5.48
C THR A 65 2.54 -9.46 -6.43
N LYS A 66 3.63 -8.90 -5.90
CA LYS A 66 4.69 -8.48 -6.79
C LYS A 66 6.09 -8.87 -6.47
N THR A 67 6.90 -7.97 -5.95
CA THR A 67 8.30 -8.27 -5.88
C THR A 67 8.64 -8.74 -4.53
N GLY A 68 8.16 -8.05 -3.51
CA GLY A 68 8.53 -8.45 -2.20
C GLY A 68 7.31 -8.43 -1.34
N LEU A 69 6.17 -8.46 -2.02
CA LEU A 69 4.94 -8.03 -1.42
C LEU A 69 3.75 -8.89 -1.78
N ILE A 70 2.88 -9.04 -0.80
CA ILE A 70 1.56 -9.62 -1.00
C ILE A 70 0.54 -8.63 -0.48
N LEU A 71 -0.36 -8.22 -1.37
CA LEU A 71 -1.44 -7.32 -1.00
C LEU A 71 -2.78 -8.02 -1.11
N VAL A 72 -3.41 -8.23 0.04
CA VAL A 72 -4.75 -8.79 0.09
C VAL A 72 -5.75 -7.65 0.18
N LEU A 73 -6.66 -7.63 -0.78
CA LEU A 73 -7.71 -6.62 -0.80
C LEU A 73 -9.06 -7.26 -1.14
N GLY A 74 -10.10 -6.75 -0.50
CA GLY A 74 -11.43 -7.28 -0.69
C GLY A 74 -12.32 -7.06 0.51
N GLU A 75 -13.44 -7.77 0.53
CA GLU A 75 -14.44 -7.59 1.59
C GLU A 75 -14.92 -8.93 2.10
N ILE A 76 -15.08 -9.02 3.42
CA ILE A 76 -15.59 -10.23 4.06
C ILE A 76 -16.55 -9.96 5.22
N THR A 77 -17.78 -10.42 5.06
CA THR A 77 -18.75 -10.43 6.16
C THR A 77 -18.70 -11.78 6.87
N THR A 78 -18.28 -11.76 8.14
CA THR A 78 -18.13 -13.00 8.91
C THR A 78 -17.99 -12.80 10.41
N ASN A 79 -18.32 -13.85 11.15
CA ASN A 79 -18.16 -13.88 12.60
C ASN A 79 -16.80 -14.43 13.00
N ALA A 80 -16.18 -15.14 12.05
CA ALA A 80 -14.90 -15.80 12.28
C ALA A 80 -13.80 -14.82 12.66
N VAL A 81 -13.05 -15.16 13.70
CA VAL A 81 -11.87 -14.38 14.08
C VAL A 81 -10.66 -14.97 13.38
N ILE A 82 -10.15 -14.23 12.40
CA ILE A 82 -9.13 -14.73 11.48
C ILE A 82 -7.85 -13.92 11.53
N ASP A 83 -6.72 -14.62 11.40
CA ASP A 83 -5.40 -13.99 11.30
C ASP A 83 -4.90 -14.07 9.85
N ILE A 84 -5.32 -13.10 9.04
CA ILE A 84 -5.04 -13.09 7.59
C ILE A 84 -3.55 -13.18 7.22
N PRO A 85 -2.71 -12.30 7.76
CA PRO A 85 -1.28 -12.32 7.40
C PRO A 85 -0.65 -13.67 7.68
N LYS A 86 -1.05 -14.30 8.77
CA LYS A 86 -0.47 -15.61 9.15
C LYS A 86 -0.95 -16.72 8.22
N ILE A 87 -2.21 -16.65 7.80
CA ILE A 87 -2.76 -17.57 6.79
C ILE A 87 -1.93 -17.45 5.53
N VAL A 88 -1.85 -16.21 5.04
CA VAL A 88 -1.10 -15.87 3.83
C VAL A 88 0.28 -16.50 3.84
N ARG A 89 1.05 -16.12 4.87
CA ARG A 89 2.43 -16.59 5.03
C ARG A 89 2.49 -18.12 4.97
N GLY A 90 1.57 -18.76 5.68
CA GLY A 90 1.47 -20.22 5.71
C GLY A 90 1.29 -20.85 4.34
N VAL A 91 0.55 -20.15 3.47
CA VAL A 91 0.30 -20.63 2.11
C VAL A 91 1.57 -20.53 1.27
N VAL A 92 2.23 -19.39 1.38
CA VAL A 92 3.48 -19.13 0.65
C VAL A 92 4.54 -20.14 1.05
N LYS A 93 4.60 -20.43 2.34
CA LYS A 93 5.55 -21.41 2.89
C LYS A 93 5.27 -22.77 2.27
N SER A 94 4.03 -23.20 2.41
CA SER A 94 3.54 -24.47 1.85
C SER A 94 3.95 -24.66 0.39
N ILE A 95 3.86 -23.57 -0.36
CA ILE A 95 4.20 -23.59 -1.79
C ILE A 95 5.71 -23.78 -2.02
N GLY A 96 6.50 -23.45 -1.00
CA GLY A 96 7.96 -23.71 -1.01
C GLY A 96 8.85 -22.47 -1.05
N TYR A 97 8.24 -21.29 -0.99
CA TYR A 97 8.98 -20.04 -1.09
C TYR A 97 9.53 -19.62 0.27
N ASP A 98 10.66 -20.21 0.62
CA ASP A 98 11.34 -19.95 1.91
C ASP A 98 12.68 -19.21 1.78
N ASP A 99 13.07 -18.90 0.55
CA ASP A 99 14.37 -18.25 0.26
C ASP A 99 14.22 -17.10 -0.73
N THR A 100 14.87 -15.97 -0.44
CA THR A 100 14.84 -14.81 -1.34
C THR A 100 15.50 -15.12 -2.67
N ASN A 101 16.52 -15.99 -2.61
CA ASN A 101 17.23 -16.45 -3.80
C ASN A 101 16.32 -17.27 -4.70
N LYS A 102 15.27 -17.85 -4.12
CA LYS A 102 14.25 -18.60 -4.88
C LYS A 102 13.26 -17.66 -5.56
N GLY A 103 13.32 -16.40 -5.19
CA GLY A 103 12.46 -15.35 -5.74
C GLY A 103 11.37 -14.88 -4.78
N PHE A 104 11.15 -15.65 -3.73
CA PHE A 104 10.18 -15.27 -2.69
C PHE A 104 10.44 -15.96 -1.35
N ASP A 105 10.17 -15.22 -0.29
CA ASP A 105 10.39 -15.70 1.08
C ASP A 105 9.19 -15.40 1.96
N TYR A 106 8.49 -16.47 2.35
CA TYR A 106 7.31 -16.35 3.21
C TYR A 106 7.63 -15.66 4.54
N GLN A 107 8.87 -15.81 4.97
CA GLN A 107 9.34 -15.32 6.28
C GLN A 107 9.60 -13.82 6.29
N THR A 108 10.08 -13.32 5.16
CA THR A 108 10.61 -11.95 5.08
C THR A 108 9.77 -10.99 4.25
N CYS A 109 8.85 -11.53 3.45
CA CYS A 109 8.00 -10.71 2.59
C CYS A 109 6.99 -9.89 3.38
N SER A 110 6.51 -8.83 2.74
CA SER A 110 5.53 -7.92 3.35
C SER A 110 4.09 -8.29 2.98
N VAL A 111 3.21 -8.11 3.95
CA VAL A 111 1.79 -8.44 3.80
C VAL A 111 0.89 -7.25 4.15
N LEU A 112 0.34 -6.63 3.11
CA LEU A 112 -0.57 -5.49 3.27
C LEU A 112 -2.01 -5.97 3.18
N SER A 113 -2.76 -5.74 4.26
CA SER A 113 -4.18 -6.08 4.28
C SER A 113 -5.02 -4.82 4.08
N CYS A 114 -5.76 -4.82 2.98
CA CYS A 114 -6.71 -3.75 2.67
C CYS A 114 -8.11 -4.32 2.58
N VAL A 115 -8.39 -5.30 3.42
CA VAL A 115 -9.73 -5.90 3.43
C VAL A 115 -10.58 -5.39 4.56
N GLU A 116 -11.85 -5.12 4.22
CA GLU A 116 -12.81 -4.56 5.18
C GLU A 116 -13.71 -5.65 5.77
N GLN A 117 -13.49 -5.94 7.05
CA GLN A 117 -14.14 -7.03 7.74
C GLN A 117 -15.32 -6.56 8.57
N GLN A 118 -16.37 -7.39 8.56
CA GLN A 118 -17.61 -7.10 9.27
C GLN A 118 -18.11 -8.29 10.08
N SER A 119 -19.12 -8.00 10.90
CA SER A 119 -19.50 -8.91 11.98
C SER A 119 -20.78 -9.68 11.75
N GLN A 120 -21.49 -9.35 10.68
CA GLN A 120 -22.61 -10.16 10.17
C GLN A 120 -23.99 -9.75 10.68
N ASP A 121 -24.06 -8.65 11.42
CA ASP A 121 -25.36 -8.02 11.79
C ASP A 121 -26.41 -9.02 12.31
N GLU A 133 -32.23 -19.86 1.11
CA GLU A 133 -32.24 -21.07 0.32
C GLU A 133 -32.88 -20.69 -0.99
N ASP A 134 -34.09 -20.17 -0.91
CA ASP A 134 -34.64 -19.42 -2.01
C ASP A 134 -34.29 -18.04 -1.60
N ILE A 135 -33.28 -17.53 -2.26
CA ILE A 135 -32.65 -16.32 -1.90
C ILE A 135 -32.01 -15.86 -3.17
N GLY A 136 -31.76 -14.57 -3.24
CA GLY A 136 -31.41 -13.96 -4.48
C GLY A 136 -30.01 -14.27 -4.95
N ALA A 137 -29.93 -14.66 -6.21
CA ALA A 137 -28.66 -14.75 -6.86
C ALA A 137 -28.01 -13.45 -6.42
N GLY A 138 -26.77 -13.53 -5.98
CA GLY A 138 -26.07 -12.36 -5.43
C GLY A 138 -25.51 -11.39 -6.48
N ASP A 139 -25.46 -11.84 -7.71
CA ASP A 139 -24.92 -11.03 -8.81
C ASP A 139 -25.42 -11.62 -10.12
N GLN A 140 -25.32 -10.82 -11.17
CA GLN A 140 -25.77 -11.29 -12.46
C GLN A 140 -24.56 -11.97 -13.06
N GLY A 141 -24.81 -12.82 -14.04
CA GLY A 141 -23.71 -13.53 -14.67
C GLY A 141 -24.03 -14.61 -15.67
N ILE A 142 -22.96 -15.16 -16.23
CA ILE A 142 -23.06 -16.19 -17.25
C ILE A 142 -22.02 -17.27 -16.95
N MET A 143 -22.45 -18.52 -16.93
CA MET A 143 -21.65 -19.66 -16.45
C MET A 143 -21.77 -20.90 -17.29
N PHE A 144 -20.71 -21.70 -17.31
CA PHE A 144 -20.60 -22.82 -18.25
C PHE A 144 -20.21 -24.14 -17.60
N GLY A 145 -20.86 -25.20 -18.07
CA GLY A 145 -20.57 -26.57 -17.66
C GLY A 145 -20.14 -27.40 -18.86
N TYR A 146 -19.08 -28.19 -18.69
CA TYR A 146 -18.54 -29.01 -19.77
C TYR A 146 -18.17 -30.42 -19.32
N ALA A 147 -18.32 -31.36 -20.24
CA ALA A 147 -18.04 -32.77 -19.98
C ALA A 147 -17.82 -33.55 -21.27
N THR A 148 -16.80 -34.42 -21.25
CA THR A 148 -16.47 -35.26 -22.41
C THR A 148 -16.05 -36.67 -21.98
N ASP A 149 -16.72 -37.68 -22.56
CA ASP A 149 -16.48 -39.09 -22.21
C ASP A 149 -15.19 -39.66 -22.80
N GLU A 150 -14.43 -38.79 -23.47
CA GLU A 150 -13.09 -39.14 -23.98
C GLU A 150 -12.13 -39.64 -22.89
N SER A 151 -12.43 -39.27 -21.65
CA SER A 151 -11.61 -39.67 -20.50
C SER A 151 -12.45 -40.08 -19.28
N LYS A 152 -11.83 -40.81 -18.35
CA LYS A 152 -12.50 -41.33 -17.14
C LYS A 152 -13.02 -40.19 -16.30
N GLU A 153 -12.24 -39.11 -16.26
CA GLU A 153 -12.53 -37.94 -15.43
C GLU A 153 -13.57 -37.05 -16.09
N MET A 154 -14.05 -37.49 -17.26
CA MET A 154 -15.02 -36.76 -18.07
C MET A 154 -14.49 -35.40 -18.49
N MET A 155 -13.18 -35.35 -18.73
CA MET A 155 -12.49 -34.10 -19.06
C MET A 155 -11.67 -34.20 -20.35
N PRO A 156 -11.38 -33.05 -20.96
CA PRO A 156 -10.52 -33.05 -22.13
C PRO A 156 -9.15 -33.60 -21.79
N LEU A 157 -8.76 -34.65 -22.50
CA LEU A 157 -7.47 -35.31 -22.28
C LEU A 157 -6.34 -34.30 -22.36
N THR A 158 -6.45 -33.41 -23.34
CA THR A 158 -5.47 -32.33 -23.56
C THR A 158 -5.21 -31.53 -22.29
N HIS A 159 -6.27 -31.30 -21.51
CA HIS A 159 -6.19 -30.52 -20.27
C HIS A 159 -5.68 -31.37 -19.13
N VAL A 160 -6.23 -32.58 -19.04
CA VAL A 160 -5.87 -33.55 -17.99
C VAL A 160 -4.36 -33.75 -17.94
N LEU A 161 -3.79 -34.12 -19.09
CA LEU A 161 -2.34 -34.37 -19.21
C LEU A 161 -1.55 -33.13 -18.79
N SER A 162 -1.87 -32.02 -19.44
CA SER A 162 -1.24 -30.71 -19.16
C SER A 162 -1.10 -30.42 -17.67
N THR A 163 -2.16 -30.71 -16.93
CA THR A 163 -2.22 -30.42 -15.49
C THR A 163 -1.54 -31.53 -14.67
N LYS A 164 -1.72 -32.77 -15.10
CA LYS A 164 -1.05 -33.91 -14.46
C LYS A 164 0.45 -33.72 -14.55
N LEU A 165 0.88 -33.32 -15.74
CA LEU A 165 2.28 -32.95 -16.00
C LEU A 165 2.83 -32.04 -14.91
N ILE A 166 1.98 -31.12 -14.46
CA ILE A 166 2.36 -30.09 -13.48
C ILE A 166 2.33 -30.62 -12.05
N LEU A 167 1.30 -31.40 -11.74
CA LEU A 167 1.16 -31.99 -10.42
C LEU A 167 2.36 -32.89 -10.13
N ARG A 168 2.85 -33.53 -11.18
CA ARG A 168 4.02 -34.42 -11.08
C ARG A 168 5.29 -33.63 -10.75
N LEU A 169 5.41 -32.43 -11.29
CA LEU A 169 6.57 -31.56 -10.99
C LEU A 169 6.58 -31.19 -9.52
N GLN A 170 5.38 -31.04 -8.98
CA GLN A 170 5.18 -30.80 -7.54
C GLN A 170 5.69 -32.02 -6.77
N GLU A 171 5.08 -33.16 -7.07
CA GLU A 171 5.47 -34.44 -6.45
C GLU A 171 6.99 -34.55 -6.40
N CYS A 172 7.61 -34.37 -7.56
CA CYS A 172 9.06 -34.44 -7.72
C CYS A 172 9.79 -33.44 -6.83
N ARG A 173 9.29 -32.22 -6.81
CA ARG A 173 9.90 -31.15 -6.00
C ARG A 173 9.81 -31.49 -4.52
N GLU A 174 8.61 -31.84 -4.09
CA GLU A 174 8.31 -32.05 -2.67
C GLU A 174 8.96 -33.33 -2.15
N LYS A 175 8.79 -34.40 -2.92
CA LYS A 175 9.27 -35.74 -2.52
C LYS A 175 10.77 -35.93 -2.70
N GLY A 176 11.42 -34.96 -3.34
CA GLY A 176 12.87 -34.98 -3.51
C GLY A 176 13.33 -35.79 -4.71
N ILE A 177 12.36 -36.38 -5.42
CA ILE A 177 12.64 -37.14 -6.66
C ILE A 177 13.48 -36.31 -7.64
N LEU A 178 13.35 -34.99 -7.53
CA LEU A 178 14.13 -34.04 -8.35
C LEU A 178 14.40 -32.77 -7.53
N PRO A 179 15.34 -32.85 -6.59
CA PRO A 179 15.56 -31.78 -5.61
C PRO A 179 15.96 -30.42 -6.19
N TRP A 180 16.61 -30.44 -7.34
CA TRP A 180 17.02 -29.18 -8.02
C TRP A 180 15.83 -28.35 -8.51
N LEU A 181 14.68 -29.00 -8.59
CA LEU A 181 13.42 -28.35 -9.01
C LEU A 181 13.02 -27.18 -8.10
N ARG A 182 12.26 -26.26 -8.68
CA ARG A 182 11.75 -25.06 -7.97
C ARG A 182 10.27 -24.80 -8.31
N PRO A 183 9.56 -24.07 -7.44
CA PRO A 183 8.09 -24.06 -7.49
C PRO A 183 7.48 -23.44 -8.73
N ASP A 184 7.98 -22.29 -9.14
CA ASP A 184 7.43 -21.59 -10.31
C ASP A 184 7.66 -22.39 -11.59
N SER A 185 6.58 -22.97 -12.09
CA SER A 185 6.65 -23.80 -13.29
C SER A 185 5.38 -23.73 -14.12
N LYS A 186 5.50 -24.20 -15.36
CA LYS A 186 4.47 -24.05 -16.38
C LYS A 186 4.55 -25.18 -17.39
N SER A 187 3.40 -25.57 -17.93
CA SER A 187 3.33 -26.67 -18.91
C SER A 187 2.32 -26.42 -20.02
N GLN A 188 2.42 -27.27 -21.04
CA GLN A 188 1.60 -27.13 -22.26
C GLN A 188 1.60 -28.41 -23.09
N VAL A 189 0.43 -29.01 -23.21
CA VAL A 189 0.26 -30.28 -23.94
C VAL A 189 -0.63 -30.14 -25.16
N THR A 190 0.01 -30.05 -26.33
CA THR A 190 -0.73 -30.00 -27.59
C THR A 190 -0.80 -31.42 -28.15
N LEU A 191 -2.03 -31.87 -28.41
CA LEU A 191 -2.39 -33.26 -28.72
C LEU A 191 -3.08 -33.42 -30.06
N GLU A 192 -2.82 -34.54 -30.73
CA GLU A 192 -3.55 -34.91 -31.94
C GLU A 192 -4.83 -35.66 -31.61
N TYR A 193 -5.86 -35.40 -32.40
CA TYR A 193 -7.21 -35.95 -32.18
C TYR A 193 -7.83 -36.56 -33.42
N GLU A 194 -8.94 -37.24 -33.20
CA GLU A 194 -9.86 -37.67 -34.27
C GLU A 194 -11.28 -37.69 -33.70
N GLU A 195 -12.24 -37.35 -34.54
CA GLU A 195 -13.65 -37.34 -34.16
C GLU A 195 -14.47 -38.35 -34.98
N VAL A 196 -15.02 -39.33 -34.27
CA VAL A 196 -15.89 -40.36 -34.86
C VAL A 196 -17.36 -39.95 -34.75
N GLU A 197 -17.73 -38.97 -35.57
CA GLU A 197 -19.11 -38.47 -35.65
C GLU A 197 -19.56 -37.87 -34.32
N GLY A 198 -18.66 -37.10 -33.70
CA GLY A 198 -18.91 -36.43 -32.42
C GLY A 198 -18.14 -36.99 -31.24
N HIS A 199 -17.74 -38.26 -31.35
CA HIS A 199 -16.95 -38.90 -30.30
C HIS A 199 -15.45 -38.66 -30.50
N LEU A 200 -14.81 -38.07 -29.50
CA LEU A 200 -13.38 -37.74 -29.58
C LEU A 200 -12.51 -38.88 -29.11
N LYS A 201 -11.75 -39.43 -30.05
CA LYS A 201 -10.73 -40.43 -29.75
C LYS A 201 -9.33 -39.83 -29.99
N PRO A 202 -8.56 -39.61 -28.92
CA PRO A 202 -7.21 -39.08 -29.09
C PRO A 202 -6.23 -40.13 -29.59
N ILE A 203 -5.29 -39.68 -30.40
CA ILE A 203 -4.38 -40.56 -31.14
C ILE A 203 -2.98 -40.53 -30.54
N ARG A 204 -2.43 -39.33 -30.47
CA ARG A 204 -1.04 -39.14 -30.02
C ARG A 204 -0.73 -37.71 -29.59
N VAL A 205 0.23 -37.58 -28.67
CA VAL A 205 0.72 -36.29 -28.23
C VAL A 205 1.70 -35.75 -29.26
N HIS A 206 1.25 -34.78 -30.05
CA HIS A 206 2.06 -34.22 -31.13
C HIS A 206 3.30 -33.52 -30.61
N THR A 207 3.08 -32.54 -29.74
CA THR A 207 4.18 -31.79 -29.11
C THR A 207 3.97 -31.60 -27.62
N ILE A 208 5.06 -31.31 -26.92
CA ILE A 208 5.04 -31.07 -25.48
C ILE A 208 5.96 -29.94 -25.06
N VAL A 209 5.47 -29.14 -24.12
CA VAL A 209 6.23 -28.03 -23.55
C VAL A 209 6.23 -28.13 -22.04
N ILE A 210 7.36 -27.74 -21.46
CA ILE A 210 7.46 -27.60 -20.01
C ILE A 210 8.62 -26.67 -19.63
N SER A 211 8.25 -25.58 -18.96
CA SER A 211 9.19 -24.58 -18.50
C SER A 211 9.15 -24.49 -16.98
N THR A 212 10.15 -25.07 -16.33
CA THR A 212 10.24 -25.02 -14.87
C THR A 212 11.35 -24.12 -14.36
N GLN A 213 11.14 -23.58 -13.17
CA GLN A 213 12.19 -22.89 -12.42
C GLN A 213 13.11 -23.96 -11.82
N HIS A 214 14.34 -23.57 -11.52
CA HIS A 214 15.33 -24.49 -10.94
C HIS A 214 16.48 -23.82 -10.22
N ALA A 215 17.18 -24.61 -9.42
CA ALA A 215 18.41 -24.17 -8.77
C ALA A 215 19.50 -23.96 -9.81
N ASP A 216 20.42 -23.03 -9.54
CA ASP A 216 21.47 -22.72 -10.51
C ASP A 216 22.59 -23.72 -10.55
N ASN A 217 22.50 -24.72 -9.69
CA ASN A 217 23.54 -25.76 -9.59
C ASN A 217 23.30 -26.91 -10.57
N VAL A 218 22.34 -26.76 -11.47
CA VAL A 218 21.93 -27.85 -12.34
C VAL A 218 22.39 -27.59 -13.74
N SER A 219 22.82 -28.65 -14.39
CA SER A 219 23.21 -28.60 -15.80
C SER A 219 21.96 -28.60 -16.69
N ASN A 220 22.01 -27.81 -17.76
CA ASN A 220 20.97 -27.81 -18.82
C ASN A 220 20.65 -29.20 -19.32
N GLU A 221 21.71 -29.99 -19.51
CA GLU A 221 21.58 -31.37 -19.95
C GLU A 221 20.93 -32.22 -18.87
N GLU A 222 21.32 -31.95 -17.62
CA GLU A 222 20.80 -32.68 -16.47
C GLU A 222 19.30 -32.45 -16.28
N ILE A 223 18.84 -31.25 -16.63
CA ILE A 223 17.42 -30.89 -16.52
C ILE A 223 16.57 -31.69 -17.50
N ALA A 224 16.98 -31.65 -18.77
CA ALA A 224 16.26 -32.35 -19.83
C ALA A 224 16.13 -33.83 -19.48
N LYS A 225 17.22 -34.42 -19.02
CA LYS A 225 17.26 -35.82 -18.62
C LYS A 225 16.17 -36.11 -17.59
N GLY A 226 16.25 -35.40 -16.47
CA GLY A 226 15.32 -35.61 -15.37
C GLY A 226 13.88 -35.36 -15.77
N LEU A 227 13.68 -34.37 -16.61
CA LEU A 227 12.33 -33.97 -17.03
C LEU A 227 11.68 -35.08 -17.86
N GLU A 228 12.44 -35.59 -18.82
CA GLU A 228 11.95 -36.66 -19.68
C GLU A 228 11.69 -37.93 -18.88
N GLU A 229 12.66 -38.32 -18.06
CA GLU A 229 12.57 -39.62 -17.37
C GLU A 229 11.57 -39.63 -16.27
N GLU A 230 11.63 -38.60 -15.44
CA GLU A 230 10.89 -38.61 -14.17
C GLU A 230 9.55 -37.91 -14.16
N VAL A 231 9.25 -37.16 -15.20
CA VAL A 231 7.94 -36.59 -15.35
C VAL A 231 7.27 -37.08 -16.58
N THR A 232 7.70 -36.50 -17.70
CA THR A 232 7.03 -36.73 -18.95
C THR A 232 6.61 -38.19 -19.07
N GLN A 233 7.58 -39.08 -18.93
CA GLN A 233 7.36 -40.52 -19.08
C GLN A 233 6.40 -41.09 -18.07
N LYS A 234 6.47 -40.55 -16.85
CA LYS A 234 5.70 -41.09 -15.72
C LYS A 234 4.28 -40.50 -15.65
N VAL A 235 3.98 -39.59 -16.57
CA VAL A 235 2.67 -38.94 -16.65
C VAL A 235 1.97 -39.19 -17.99
N ILE A 236 2.71 -39.01 -19.09
CA ILE A 236 2.16 -39.19 -20.43
C ILE A 236 2.03 -40.68 -20.75
N PRO A 237 0.83 -41.13 -21.14
CA PRO A 237 0.62 -42.55 -21.41
C PRO A 237 1.48 -43.03 -22.58
N LYS A 238 1.96 -44.27 -22.48
CA LYS A 238 2.86 -44.84 -23.48
C LYS A 238 2.14 -45.05 -24.81
N GLU A 239 0.83 -45.24 -24.73
CA GLU A 239 -0.04 -45.38 -25.91
C GLU A 239 0.02 -44.16 -26.80
N LEU A 240 0.00 -42.99 -26.17
CA LEU A 240 0.01 -41.70 -26.86
C LEU A 240 1.44 -41.23 -27.15
N MET A 241 2.40 -41.85 -26.47
CA MET A 241 3.81 -41.49 -26.59
C MET A 241 4.42 -42.02 -27.88
N ASP A 242 5.46 -41.31 -28.32
CA ASP A 242 6.13 -41.56 -29.61
C ASP A 242 7.61 -41.20 -29.57
N ASP A 243 8.31 -41.62 -30.61
CA ASP A 243 9.69 -41.13 -30.85
C ASP A 243 9.64 -39.79 -31.59
N LYS A 244 8.55 -39.57 -32.33
CA LYS A 244 8.34 -38.35 -33.11
C LYS A 244 7.81 -37.16 -32.31
N MET A 245 7.49 -37.40 -31.05
CA MET A 245 6.88 -36.36 -30.20
C MET A 245 7.87 -35.28 -29.88
N LEU A 246 7.44 -34.04 -30.11
CA LEU A 246 8.28 -32.86 -29.89
C LEU A 246 8.43 -32.52 -28.42
N ARG A 247 9.58 -31.97 -28.09
CA ARG A 247 9.92 -31.66 -26.70
C ARG A 247 10.56 -30.28 -26.56
N TYR A 248 9.95 -29.50 -25.67
CA TYR A 248 10.37 -28.13 -25.41
C TYR A 248 10.63 -27.94 -23.92
N TYR A 249 11.90 -28.11 -23.55
CA TYR A 249 12.30 -28.03 -22.13
C TYR A 249 13.08 -26.74 -21.86
N ASN A 250 12.43 -25.86 -21.11
CA ASN A 250 12.94 -24.52 -20.85
C ASN A 250 13.57 -23.87 -22.09
N PRO A 251 12.77 -23.71 -23.15
CA PRO A 251 13.27 -23.09 -24.39
C PRO A 251 13.65 -21.63 -24.23
N SER A 252 13.13 -21.00 -23.17
CA SER A 252 13.55 -19.65 -22.78
C SER A 252 14.96 -19.68 -22.21
N GLY A 253 15.64 -20.81 -22.36
CA GLY A 253 16.99 -20.99 -21.84
C GLY A 253 16.96 -21.29 -20.35
N ARG A 254 17.51 -20.37 -19.56
CA ARG A 254 17.63 -20.58 -18.12
C ARG A 254 16.46 -19.95 -17.37
N PHE A 255 16.26 -20.43 -16.15
CA PHE A 255 15.14 -20.01 -15.32
C PHE A 255 15.40 -20.34 -13.85
N VAL A 256 16.33 -19.58 -13.26
CA VAL A 256 16.73 -19.77 -11.86
C VAL A 256 15.94 -18.89 -10.90
N ILE A 257 16.01 -17.59 -11.16
CA ILE A 257 15.38 -16.57 -10.28
C ILE A 257 14.06 -16.09 -10.84
N GLY A 258 12.98 -16.70 -10.36
CA GLY A 258 11.60 -16.49 -10.83
C GLY A 258 10.61 -16.20 -9.72
N GLY A 259 9.43 -16.81 -9.79
CA GLY A 259 8.39 -16.58 -8.79
C GLY A 259 7.71 -15.23 -9.01
N PRO A 260 7.16 -14.64 -7.94
CA PRO A 260 6.51 -13.35 -8.04
C PRO A 260 7.49 -12.20 -8.20
N MET A 261 8.76 -12.48 -7.99
CA MET A 261 9.79 -11.47 -8.22
C MET A 261 10.00 -11.28 -9.70
N GLY A 262 9.65 -10.10 -10.18
CA GLY A 262 9.74 -9.75 -11.58
C GLY A 262 8.36 -9.74 -12.17
N ASP A 263 7.60 -10.80 -11.85
CA ASP A 263 6.27 -11.01 -12.44
C ASP A 263 5.13 -10.59 -11.51
N ALA A 264 4.23 -9.75 -12.03
CA ALA A 264 3.06 -9.39 -11.23
C ALA A 264 2.09 -10.57 -11.28
N GLY A 265 1.35 -10.78 -10.20
CA GLY A 265 0.35 -11.86 -10.14
C GLY A 265 -0.93 -11.43 -9.46
N LEU A 266 -2.05 -11.95 -9.96
CA LEU A 266 -3.38 -11.58 -9.47
C LEU A 266 -4.31 -12.79 -9.37
N THR A 267 -5.35 -12.63 -8.56
CA THR A 267 -6.37 -13.66 -8.40
C THR A 267 -7.23 -13.73 -9.66
N GLY A 268 -7.64 -14.94 -10.01
CA GLY A 268 -8.58 -15.15 -11.12
C GLY A 268 -8.07 -14.84 -12.51
N ARG A 269 -6.75 -14.77 -12.65
CA ARG A 269 -6.13 -14.49 -13.96
C ARG A 269 -5.87 -15.75 -14.76
N LYS A 270 -5.86 -16.89 -14.08
CA LYS A 270 -5.71 -18.21 -14.73
C LYS A 270 -7.05 -18.93 -14.71
N ILE A 271 -8.05 -18.28 -15.29
CA ILE A 271 -9.44 -18.77 -15.28
C ILE A 271 -9.64 -20.02 -16.14
N ILE A 272 -8.80 -20.19 -17.15
CA ILE A 272 -8.95 -21.27 -18.12
C ILE A 272 -8.28 -22.55 -17.64
N VAL A 273 -7.09 -22.43 -17.07
CA VAL A 273 -6.39 -23.60 -16.49
C VAL A 273 -7.17 -24.11 -15.28
N ASP A 274 -7.91 -23.19 -14.64
CA ASP A 274 -8.82 -23.49 -13.52
C ASP A 274 -9.99 -24.37 -13.94
N THR A 275 -10.31 -24.36 -15.23
CA THR A 275 -11.51 -25.05 -15.73
C THR A 275 -11.22 -26.15 -16.78
N TYR A 276 -11.44 -25.83 -18.06
CA TYR A 276 -11.44 -26.84 -19.14
C TYR A 276 -10.40 -26.65 -20.24
N GLY A 277 -9.40 -25.83 -19.98
CA GLY A 277 -8.32 -25.61 -20.95
C GLY A 277 -8.79 -25.09 -22.30
N GLY A 278 -9.87 -24.31 -22.28
CA GLY A 278 -10.39 -23.66 -23.48
C GLY A 278 -11.23 -24.54 -24.38
N TRP A 279 -11.58 -25.73 -23.88
CA TRP A 279 -12.37 -26.68 -24.65
C TRP A 279 -13.82 -26.28 -24.78
N GLY A 280 -14.43 -25.93 -23.65
CA GLY A 280 -15.83 -25.55 -23.62
C GLY A 280 -16.00 -24.07 -23.87
N ALA A 281 -16.44 -23.37 -22.83
CA ALA A 281 -16.56 -21.91 -22.85
C ALA A 281 -16.32 -21.38 -21.44
N HIS A 282 -16.31 -20.06 -21.30
CA HIS A 282 -16.24 -19.44 -19.97
C HIS A 282 -17.12 -18.22 -19.84
N GLY A 283 -17.58 -17.99 -18.62
CA GLY A 283 -18.42 -16.86 -18.32
C GLY A 283 -17.63 -15.62 -17.90
N GLY A 284 -16.33 -15.79 -17.71
CA GLY A 284 -15.45 -14.72 -17.23
C GLY A 284 -15.31 -14.67 -15.71
N GLY A 285 -16.06 -15.51 -15.01
CA GLY A 285 -16.07 -15.52 -13.55
C GLY A 285 -14.89 -16.21 -12.89
N ALA A 286 -14.02 -15.42 -12.29
CA ALA A 286 -12.93 -15.95 -11.47
C ALA A 286 -13.50 -16.69 -10.26
N PHE A 287 -13.04 -17.92 -10.06
CA PHE A 287 -13.59 -18.78 -8.99
C PHE A 287 -13.03 -18.43 -7.63
N SER A 288 -11.71 -18.38 -7.54
CA SER A 288 -11.00 -18.29 -6.27
C SER A 288 -11.26 -16.99 -5.53
N GLY A 289 -11.33 -17.07 -4.21
CA GLY A 289 -11.52 -15.92 -3.34
C GLY A 289 -12.98 -15.56 -3.13
N LYS A 290 -13.84 -16.20 -3.91
CA LYS A 290 -15.28 -15.99 -3.82
C LYS A 290 -15.92 -17.14 -3.06
N ASP A 291 -16.78 -16.78 -2.10
CA ASP A 291 -17.59 -17.79 -1.40
C ASP A 291 -18.64 -18.35 -2.34
N SER A 292 -19.31 -19.41 -1.91
CA SER A 292 -20.21 -20.18 -2.78
C SER A 292 -21.54 -19.49 -3.05
N SER A 293 -21.82 -18.42 -2.32
CA SER A 293 -23.01 -17.58 -2.59
C SER A 293 -22.88 -16.85 -3.92
N LYS A 294 -21.64 -16.66 -4.36
CA LYS A 294 -21.35 -16.03 -5.64
C LYS A 294 -21.69 -17.00 -6.77
N VAL A 295 -22.75 -16.66 -7.51
CA VAL A 295 -23.24 -17.46 -8.63
C VAL A 295 -22.13 -17.84 -9.62
N ASP A 296 -21.13 -16.97 -9.75
CA ASP A 296 -19.98 -17.22 -10.64
C ASP A 296 -19.32 -18.56 -10.36
N ARG A 297 -19.34 -18.96 -9.09
CA ARG A 297 -18.73 -20.22 -8.65
C ARG A 297 -19.77 -21.34 -8.66
N SER A 298 -20.83 -21.14 -7.90
CA SER A 298 -21.92 -22.11 -7.73
C SER A 298 -22.46 -22.58 -9.08
N GLY A 299 -22.82 -21.61 -9.91
CA GLY A 299 -23.38 -21.88 -11.23
C GLY A 299 -22.42 -22.66 -12.11
N ALA A 300 -21.15 -22.28 -12.03
CA ALA A 300 -20.09 -22.94 -12.79
C ALA A 300 -19.94 -24.38 -12.34
N TYR A 301 -20.09 -24.59 -11.03
CA TYR A 301 -19.93 -25.92 -10.43
C TYR A 301 -21.11 -26.79 -10.77
N CYS A 302 -22.29 -26.27 -10.45
CA CYS A 302 -23.56 -26.94 -10.80
C CYS A 302 -23.61 -27.31 -12.28
N ALA A 303 -23.07 -26.43 -13.11
CA ALA A 303 -23.00 -26.65 -14.55
C ALA A 303 -22.17 -27.88 -14.87
N ARG A 304 -20.99 -27.95 -14.27
CA ARG A 304 -20.12 -29.13 -14.41
C ARG A 304 -20.90 -30.37 -14.00
N TRP A 305 -21.55 -30.27 -12.85
CA TRP A 305 -22.36 -31.36 -12.29
C TRP A 305 -23.33 -31.89 -13.33
N ILE A 306 -24.17 -30.99 -13.83
CA ILE A 306 -25.17 -31.29 -14.84
C ILE A 306 -24.54 -32.07 -15.99
N ALA A 307 -23.52 -31.46 -16.59
CA ALA A 307 -22.80 -32.03 -17.72
C ALA A 307 -22.30 -33.43 -17.42
N LYS A 308 -21.61 -33.57 -16.29
CA LYS A 308 -21.05 -34.87 -15.85
C LYS A 308 -22.16 -35.90 -15.72
N SER A 309 -23.31 -35.45 -15.22
CA SER A 309 -24.49 -36.31 -15.11
C SER A 309 -25.03 -36.70 -16.48
N LEU A 310 -25.19 -35.69 -17.33
CA LEU A 310 -25.78 -35.85 -18.65
C LEU A 310 -25.04 -36.87 -19.53
N VAL A 311 -23.73 -36.96 -19.37
CA VAL A 311 -22.92 -37.89 -20.16
C VAL A 311 -22.84 -39.25 -19.46
N HIS A 312 -23.07 -39.24 -18.16
CA HIS A 312 -23.08 -40.48 -17.38
C HIS A 312 -24.30 -41.30 -17.72
N ALA A 313 -25.44 -40.62 -17.73
CA ALA A 313 -26.73 -41.23 -18.04
C ALA A 313 -26.82 -41.73 -19.47
N GLY A 314 -25.72 -41.64 -20.22
CA GLY A 314 -25.65 -42.11 -21.59
C GLY A 314 -26.54 -41.32 -22.54
N LEU A 315 -26.88 -40.09 -22.15
CA LEU A 315 -27.70 -39.22 -22.99
C LEU A 315 -26.91 -38.66 -24.16
N CYS A 316 -25.58 -38.62 -24.01
CA CYS A 316 -24.68 -38.07 -25.03
C CYS A 316 -23.21 -38.41 -24.77
N HIS A 317 -22.37 -38.09 -25.74
CA HIS A 317 -20.90 -38.31 -25.64
C HIS A 317 -20.18 -37.06 -25.14
N ARG A 318 -20.73 -35.90 -25.51
CA ARG A 318 -20.11 -34.60 -25.24
C ARG A 318 -21.18 -33.54 -25.00
N VAL A 319 -21.06 -32.82 -23.90
CA VAL A 319 -22.02 -31.75 -23.58
C VAL A 319 -21.32 -30.47 -23.11
N LEU A 320 -21.95 -29.36 -23.42
CA LEU A 320 -21.58 -28.05 -22.89
C LEU A 320 -22.85 -27.38 -22.43
N VAL A 321 -23.14 -27.46 -21.15
CA VAL A 321 -24.27 -26.72 -20.56
C VAL A 321 -23.94 -25.28 -20.21
N GLN A 322 -24.78 -24.35 -20.63
CA GLN A 322 -24.68 -22.98 -20.16
C GLN A 322 -25.83 -22.57 -19.28
N LEU A 323 -25.45 -22.01 -18.13
CA LEU A 323 -26.41 -21.38 -17.22
C LEU A 323 -26.24 -19.86 -17.23
N SER A 324 -27.28 -19.16 -16.81
CA SER A 324 -27.29 -17.68 -16.75
C SER A 324 -28.22 -17.16 -15.67
N TYR A 325 -27.76 -16.12 -14.98
CA TYR A 325 -28.48 -15.59 -13.80
C TYR A 325 -28.62 -14.08 -13.82
N ALA A 326 -29.64 -13.63 -13.09
CA ALA A 326 -29.92 -12.22 -12.89
C ALA A 326 -29.69 -11.83 -11.44
N ILE A 327 -29.13 -10.64 -11.22
CA ILE A 327 -28.89 -10.14 -9.87
C ILE A 327 -30.22 -10.00 -9.13
N GLY A 328 -30.25 -10.47 -7.89
CA GLY A 328 -31.46 -10.42 -7.07
C GLY A 328 -32.57 -11.39 -7.46
N VAL A 329 -32.38 -12.13 -8.55
CA VAL A 329 -33.38 -13.13 -8.99
C VAL A 329 -32.90 -14.56 -8.70
N SER A 330 -33.68 -15.27 -7.89
CA SER A 330 -33.33 -16.60 -7.40
C SER A 330 -33.19 -17.65 -8.49
N HIS A 331 -34.19 -17.74 -9.35
CA HIS A 331 -34.19 -18.77 -10.42
C HIS A 331 -33.26 -18.37 -11.59
N PRO A 332 -32.75 -19.37 -12.31
CA PRO A 332 -31.91 -19.11 -13.48
C PRO A 332 -32.69 -18.40 -14.58
N LEU A 333 -32.12 -17.32 -15.08
CA LEU A 333 -32.74 -16.46 -16.10
C LEU A 333 -32.84 -17.16 -17.45
N SER A 334 -31.89 -18.04 -17.69
CA SER A 334 -31.79 -18.77 -18.95
C SER A 334 -31.01 -20.08 -18.80
N ILE A 335 -31.18 -20.95 -19.77
CA ILE A 335 -30.59 -22.30 -19.75
C ILE A 335 -30.35 -22.83 -21.16
N ASN A 336 -29.21 -23.50 -21.34
CA ASN A 336 -28.82 -24.05 -22.64
C ASN A 336 -27.92 -25.26 -22.49
N VAL A 337 -28.23 -26.32 -23.24
CA VAL A 337 -27.39 -27.52 -23.26
C VAL A 337 -26.95 -27.80 -24.71
N ASN A 338 -25.68 -27.50 -25.00
CA ASN A 338 -25.12 -27.76 -26.33
C ASN A 338 -24.32 -29.04 -26.39
N THR A 339 -25.01 -30.13 -26.71
CA THR A 339 -24.36 -31.37 -27.10
C THR A 339 -23.88 -31.22 -28.54
N TYR A 340 -22.66 -31.69 -28.81
CA TYR A 340 -22.02 -31.46 -30.11
C TYR A 340 -22.51 -32.47 -31.15
N GLY A 341 -23.83 -32.55 -31.30
CA GLY A 341 -24.46 -33.47 -32.24
C GLY A 341 -24.31 -34.92 -31.81
N THR A 342 -23.74 -35.09 -30.62
CA THR A 342 -23.42 -36.42 -30.09
C THR A 342 -24.57 -36.98 -29.25
N GLY A 343 -25.56 -36.12 -29.00
CA GLY A 343 -26.65 -36.45 -28.09
C GLY A 343 -27.77 -37.19 -28.77
N ILE A 344 -28.14 -38.33 -28.20
CA ILE A 344 -29.20 -39.16 -28.79
C ILE A 344 -30.59 -38.51 -28.69
N CYS A 345 -30.84 -37.81 -27.60
CA CYS A 345 -32.21 -37.34 -27.25
C CYS A 345 -32.75 -36.17 -28.09
N ASP A 346 -31.84 -35.38 -28.66
CA ASP A 346 -32.19 -34.05 -29.22
C ASP A 346 -32.33 -32.98 -28.14
N GLU A 347 -31.86 -31.76 -28.43
CA GLU A 347 -31.59 -30.73 -27.41
C GLU A 347 -32.79 -30.22 -26.61
N SER A 348 -33.94 -30.12 -27.26
CA SER A 348 -35.15 -29.60 -26.59
C SER A 348 -35.52 -30.46 -25.40
N ILE A 349 -35.30 -31.75 -25.54
CA ILE A 349 -35.63 -32.70 -24.51
C ILE A 349 -34.66 -32.55 -23.35
N LEU A 350 -33.38 -32.47 -23.69
CA LEU A 350 -32.31 -32.41 -22.69
C LEU A 350 -32.55 -31.26 -21.74
N VAL A 351 -32.75 -30.08 -22.27
CA VAL A 351 -32.84 -28.95 -21.38
C VAL A 351 -34.02 -29.11 -20.46
N ASP A 352 -35.00 -29.92 -20.85
CA ASP A 352 -36.11 -30.26 -19.96
C ASP A 352 -35.62 -31.18 -18.84
N ILE A 353 -34.94 -32.26 -19.23
CA ILE A 353 -34.48 -33.27 -18.26
C ILE A 353 -33.68 -32.61 -17.18
N VAL A 354 -32.81 -31.70 -17.60
CA VAL A 354 -31.99 -30.93 -16.68
C VAL A 354 -32.87 -30.23 -15.65
N ASN A 355 -33.84 -29.47 -16.15
CA ASN A 355 -34.75 -28.67 -15.31
C ASN A 355 -35.54 -29.49 -14.30
N LYS A 356 -35.91 -30.69 -14.71
CA LYS A 356 -36.73 -31.60 -13.90
C LYS A 356 -35.96 -32.15 -12.71
N ASN A 357 -34.69 -32.44 -12.93
CA ASN A 357 -33.88 -33.20 -11.98
C ASN A 357 -32.97 -32.32 -11.12
N PHE A 358 -32.76 -31.08 -11.55
CA PHE A 358 -31.84 -30.15 -10.86
C PHE A 358 -32.52 -28.89 -10.33
N ASP A 359 -32.17 -28.51 -9.10
CA ASP A 359 -32.60 -27.25 -8.51
C ASP A 359 -31.46 -26.24 -8.59
N MET A 360 -31.54 -25.38 -9.60
CA MET A 360 -30.43 -24.48 -9.96
C MET A 360 -30.48 -23.14 -9.24
N ARG A 361 -31.31 -23.07 -8.20
CA ARG A 361 -31.33 -21.92 -7.30
C ARG A 361 -30.03 -21.90 -6.50
N PRO A 362 -29.25 -20.81 -6.59
CA PRO A 362 -27.96 -20.71 -5.88
C PRO A 362 -28.02 -21.26 -4.47
N GLY A 363 -29.08 -20.88 -3.76
CA GLY A 363 -29.28 -21.30 -2.37
C GLY A 363 -29.24 -22.81 -2.19
N MET A 364 -29.82 -23.53 -3.14
CA MET A 364 -29.91 -25.00 -3.09
C MET A 364 -28.59 -25.61 -3.50
N ILE A 365 -28.01 -25.05 -4.55
CA ILE A 365 -26.73 -25.50 -5.10
C ILE A 365 -25.69 -25.62 -3.97
N ILE A 366 -25.68 -24.63 -3.08
CA ILE A 366 -24.81 -24.64 -1.91
C ILE A 366 -25.09 -25.86 -1.02
N LYS A 367 -26.37 -26.10 -0.75
CA LYS A 367 -26.82 -27.19 0.13
C LYS A 367 -26.47 -28.56 -0.47
N GLU A 368 -26.82 -28.73 -1.73
CA GLU A 368 -26.70 -30.04 -2.40
C GLU A 368 -25.24 -30.43 -2.64
N LEU A 369 -24.44 -29.43 -2.96
CA LEU A 369 -23.02 -29.64 -3.27
C LEU A 369 -22.13 -29.41 -2.05
N GLY A 370 -22.74 -29.09 -0.92
CA GLY A 370 -22.00 -28.89 0.34
C GLY A 370 -20.89 -27.88 0.19
N LEU A 371 -21.27 -26.69 -0.26
CA LEU A 371 -20.32 -25.62 -0.58
C LEU A 371 -20.07 -24.66 0.59
N THR A 372 -20.59 -25.01 1.77
CA THR A 372 -20.32 -24.24 3.00
C THR A 372 -19.07 -24.76 3.70
N ARG A 373 -18.46 -25.76 3.09
CA ARG A 373 -17.31 -26.44 3.64
C ARG A 373 -15.99 -25.81 3.28
N PRO A 374 -15.01 -25.95 4.17
CA PRO A 374 -13.68 -25.46 3.84
C PRO A 374 -12.92 -26.46 3.00
N ILE A 375 -13.25 -26.50 1.72
CA ILE A 375 -12.56 -27.37 0.77
C ILE A 375 -11.92 -26.60 -0.38
N PHE A 376 -12.00 -25.28 -0.32
CA PHE A 376 -11.76 -24.43 -1.50
C PHE A 376 -10.29 -24.10 -1.76
N GLN A 377 -9.44 -24.24 -0.76
CA GLN A 377 -8.01 -23.94 -0.93
C GLN A 377 -7.41 -24.90 -1.94
N LYS A 378 -7.69 -26.18 -1.75
CA LYS A 378 -7.14 -27.25 -2.61
C LYS A 378 -7.71 -27.22 -4.02
N THR A 379 -8.84 -26.55 -4.17
CA THR A 379 -9.45 -26.32 -5.48
C THR A 379 -8.63 -25.35 -6.33
N ALA A 380 -7.84 -24.52 -5.65
CA ALA A 380 -7.16 -23.39 -6.28
C ALA A 380 -5.98 -23.79 -7.18
N VAL A 381 -5.61 -25.06 -7.18
CA VAL A 381 -4.52 -25.55 -8.02
C VAL A 381 -4.80 -26.89 -8.65
N GLY A 382 -4.22 -27.12 -9.82
CA GLY A 382 -4.44 -28.35 -10.57
C GLY A 382 -5.85 -28.50 -11.09
N GLY A 383 -6.57 -27.38 -11.20
CA GLY A 383 -7.88 -27.34 -11.84
C GLY A 383 -9.02 -27.67 -10.89
N HIS A 384 -10.14 -26.97 -11.09
CA HIS A 384 -11.33 -27.17 -10.26
C HIS A 384 -12.09 -28.42 -10.66
N PHE A 385 -11.89 -28.86 -11.91
CA PHE A 385 -12.63 -29.99 -12.46
C PHE A 385 -11.73 -31.13 -12.92
N GLY A 386 -12.34 -32.32 -12.93
CA GLY A 386 -11.65 -33.55 -13.32
C GLY A 386 -11.10 -34.33 -12.14
N ARG A 387 -11.14 -33.73 -10.96
CA ARG A 387 -10.57 -34.36 -9.78
C ARG A 387 -11.65 -34.99 -8.90
N ASN A 388 -11.44 -36.26 -8.55
CA ASN A 388 -12.44 -37.05 -7.84
C ASN A 388 -12.17 -37.13 -6.34
N ASP A 389 -11.83 -35.98 -5.77
CA ASP A 389 -11.78 -35.82 -4.31
C ASP A 389 -13.20 -35.95 -3.75
N PRO A 390 -13.36 -36.63 -2.62
CA PRO A 390 -14.68 -36.86 -2.02
C PRO A 390 -15.46 -35.57 -1.74
N ASP A 391 -14.75 -34.53 -1.36
CA ASP A 391 -15.39 -33.26 -0.98
C ASP A 391 -15.94 -32.51 -2.20
N PHE A 392 -15.43 -32.84 -3.38
CA PHE A 392 -15.88 -32.22 -4.63
C PHE A 392 -17.20 -32.85 -5.06
N LYS A 393 -18.27 -32.47 -4.37
CA LYS A 393 -19.59 -33.09 -4.54
C LYS A 393 -20.19 -32.89 -5.93
N TRP A 394 -19.53 -32.09 -6.75
CA TRP A 394 -19.98 -31.79 -8.12
C TRP A 394 -19.38 -32.74 -9.16
N GLU A 395 -18.46 -33.58 -8.72
CA GLU A 395 -17.80 -34.55 -9.61
C GLU A 395 -18.47 -35.91 -9.58
N PHE A 396 -19.35 -36.11 -8.62
CA PHE A 396 -20.13 -37.34 -8.52
C PHE A 396 -21.48 -37.07 -9.13
N PRO A 397 -21.82 -37.76 -10.23
CA PRO A 397 -23.04 -37.45 -10.94
C PRO A 397 -24.32 -37.68 -10.17
N LYS A 398 -25.40 -37.18 -10.77
CA LYS A 398 -26.75 -37.40 -10.31
C LYS A 398 -27.39 -38.52 -11.11
N GLU A 399 -28.53 -38.99 -10.62
CA GLU A 399 -29.35 -39.98 -11.36
C GLU A 399 -30.63 -39.32 -11.78
N LEU A 400 -30.86 -39.31 -13.09
CA LEU A 400 -31.85 -38.40 -13.68
C LEU A 400 -33.09 -39.14 -14.19
N GLU A 401 -34.25 -38.56 -13.93
CA GLU A 401 -35.50 -39.11 -14.49
C GLU A 401 -35.50 -38.87 -15.99
N ILE A 402 -35.76 -39.93 -16.72
CA ILE A 402 -35.71 -39.91 -18.19
C ILE A 402 -37.02 -40.46 -18.77
N PRO A 403 -37.58 -39.81 -19.79
CA PRO A 403 -38.77 -40.33 -20.44
C PRO A 403 -38.58 -41.76 -21.04
N ALA A 404 -39.53 -42.66 -20.77
CA ALA A 404 -39.39 -44.09 -21.10
C ALA A 404 -39.23 -44.33 -22.60
N GLU A 405 -39.60 -43.33 -23.40
CA GLU A 405 -39.44 -43.36 -24.88
C GLU A 405 -38.01 -43.59 -25.32
N LEU A 406 -37.07 -43.23 -24.47
CA LEU A 406 -35.63 -43.36 -24.82
C LEU A 406 -34.74 -44.09 -23.83
N LYS A 407 -35.23 -45.23 -23.33
CA LYS A 407 -34.43 -46.18 -22.57
C LYS A 407 -33.36 -46.81 -23.45
N PRO A 408 -33.49 -46.70 -24.77
CA PRO A 408 -32.40 -47.06 -25.66
C PRO A 408 -31.57 -45.85 -26.04
N LYS A 409 -30.34 -45.84 -25.54
CA LYS A 409 -29.43 -44.73 -25.78
C LYS A 409 -28.00 -45.27 -25.90
N LEU A 410 -27.10 -44.87 -24.99
CA LEU A 410 -25.70 -45.25 -25.05
C LEU A 410 -25.31 -46.13 -23.88
N LEU A 411 -24.14 -46.74 -24.03
CA LEU A 411 -23.48 -47.45 -22.93
C LEU A 411 -23.46 -46.58 -21.67
N ARG B 22 -33.46 -24.97 -32.82
CA ARG B 22 -33.92 -23.74 -32.11
C ARG B 22 -33.60 -23.82 -30.61
N PHE B 23 -32.98 -22.76 -30.10
CA PHE B 23 -32.52 -22.71 -28.70
C PHE B 23 -32.34 -21.27 -28.19
N PHE B 24 -32.04 -21.14 -26.90
CA PHE B 24 -31.71 -19.84 -26.31
C PHE B 24 -30.26 -19.76 -25.85
N PHE B 25 -29.76 -18.53 -25.79
CA PHE B 25 -28.40 -18.24 -25.32
C PHE B 25 -28.37 -16.90 -24.57
N THR B 26 -27.40 -16.77 -23.68
CA THR B 26 -27.21 -15.53 -22.90
C THR B 26 -25.78 -15.04 -22.93
N SER B 27 -25.63 -13.74 -23.08
CA SER B 27 -24.34 -13.05 -22.91
C SER B 27 -24.49 -11.78 -22.08
N GLU B 28 -23.35 -11.25 -21.65
CA GLU B 28 -23.33 -10.10 -20.76
C GLU B 28 -22.25 -9.09 -21.15
N SER B 29 -22.37 -7.90 -20.58
CA SER B 29 -21.35 -6.86 -20.66
C SER B 29 -21.41 -5.91 -19.46
N VAL B 30 -20.33 -5.15 -19.28
CA VAL B 30 -20.26 -4.15 -18.20
C VAL B 30 -19.70 -2.82 -18.70
N SER B 31 -20.05 -1.74 -18.00
CA SER B 31 -19.61 -0.39 -18.36
C SER B 31 -18.21 -0.11 -17.90
N GLY B 32 -17.65 0.98 -18.41
CA GLY B 32 -16.28 1.41 -18.08
C GLY B 32 -16.15 1.91 -16.66
N GLY B 33 -17.29 2.08 -15.99
CA GLY B 33 -17.33 2.48 -14.59
C GLY B 33 -17.12 1.31 -13.66
N HIS B 34 -17.39 0.12 -14.17
CA HIS B 34 -17.15 -1.13 -13.43
C HIS B 34 -15.67 -1.21 -13.01
N PRO B 35 -15.41 -1.42 -11.71
CA PRO B 35 -14.03 -1.38 -11.20
C PRO B 35 -13.07 -2.30 -11.94
N ASP B 36 -13.53 -3.53 -12.20
CA ASP B 36 -12.75 -4.51 -12.97
C ASP B 36 -12.34 -3.92 -14.31
N LYS B 37 -13.28 -3.23 -14.95
CA LYS B 37 -13.06 -2.62 -16.27
C LYS B 37 -12.30 -1.30 -16.17
N MET B 38 -12.52 -0.61 -15.06
CA MET B 38 -11.80 0.63 -14.75
C MET B 38 -10.29 0.37 -14.72
N CYS B 39 -9.94 -0.78 -14.18
CA CYS B 39 -8.55 -1.24 -14.13
C CYS B 39 -8.04 -1.49 -15.54
N ASP B 40 -8.76 -2.35 -16.26
CA ASP B 40 -8.43 -2.69 -17.65
C ASP B 40 -8.07 -1.41 -18.41
N GLN B 41 -8.96 -0.42 -18.29
CA GLN B 41 -8.78 0.90 -18.94
C GLN B 41 -7.50 1.59 -18.50
N ILE B 42 -7.35 1.75 -17.18
CA ILE B 42 -6.20 2.44 -16.59
C ILE B 42 -4.90 1.81 -17.07
N SER B 43 -4.86 0.49 -17.03
CA SER B 43 -3.68 -0.30 -17.42
C SER B 43 -3.28 0.00 -18.87
N ASP B 44 -4.27 0.00 -19.74
CA ASP B 44 -4.04 0.25 -21.17
C ASP B 44 -3.76 1.73 -21.43
N ALA B 45 -4.20 2.58 -20.51
CA ALA B 45 -3.89 4.01 -20.54
C ALA B 45 -2.39 4.20 -20.38
N ILE B 46 -1.81 3.45 -19.46
CA ILE B 46 -0.38 3.49 -19.19
C ILE B 46 0.37 3.03 -20.44
N LEU B 47 -0.05 1.89 -20.98
CA LEU B 47 0.53 1.30 -22.19
C LEU B 47 0.60 2.33 -23.32
N ASP B 48 -0.56 2.92 -23.63
CA ASP B 48 -0.68 3.96 -24.66
C ASP B 48 0.32 5.08 -24.40
N ALA B 49 0.27 5.59 -23.18
CA ALA B 49 1.19 6.62 -22.69
C ALA B 49 2.63 6.31 -23.05
N CYS B 50 2.98 5.03 -22.95
CA CYS B 50 4.34 4.56 -23.22
C CYS B 50 4.63 4.52 -24.71
N LEU B 51 3.80 3.79 -25.44
CA LEU B 51 3.97 3.60 -26.89
C LEU B 51 4.03 4.95 -27.61
N ALA B 52 3.36 5.95 -27.02
CA ALA B 52 3.31 7.30 -27.54
C ALA B 52 4.71 7.86 -27.79
N GLN B 53 5.59 7.68 -26.80
CA GLN B 53 6.96 8.18 -26.88
C GLN B 53 7.91 7.13 -27.44
N ASP B 54 7.70 5.89 -27.02
CA ASP B 54 8.55 4.76 -27.36
C ASP B 54 7.73 3.56 -27.86
N PRO B 55 7.58 3.40 -29.18
CA PRO B 55 6.77 2.33 -29.74
C PRO B 55 7.33 0.95 -29.43
N LYS B 56 8.65 0.87 -29.29
CA LYS B 56 9.33 -0.39 -28.94
C LYS B 56 9.24 -0.70 -27.45
N SER B 57 8.36 0.01 -26.74
CA SER B 57 8.17 -0.20 -25.30
C SER B 57 7.67 -1.59 -24.96
N HIS B 58 8.05 -2.03 -23.78
CA HIS B 58 7.57 -3.30 -23.23
C HIS B 58 6.87 -3.06 -21.91
N VAL B 59 5.57 -3.36 -21.90
CA VAL B 59 4.72 -3.10 -20.75
C VAL B 59 3.88 -4.30 -20.35
N ALA B 60 4.20 -4.83 -19.16
CA ALA B 60 3.44 -5.92 -18.56
C ALA B 60 2.96 -5.49 -17.17
N CYS B 61 1.97 -4.60 -17.16
CA CYS B 61 1.52 -3.99 -15.89
C CYS B 61 0.02 -4.11 -15.66
N GLU B 62 -0.34 -4.16 -14.38
CA GLU B 62 -1.74 -4.35 -13.92
C GLU B 62 -2.16 -3.35 -12.88
N THR B 63 -3.46 -3.12 -12.85
CA THR B 63 -4.08 -2.24 -11.87
C THR B 63 -5.04 -2.99 -10.95
N ALA B 64 -5.03 -2.57 -9.69
CA ALA B 64 -5.93 -3.06 -8.67
C ALA B 64 -6.55 -1.87 -7.94
N THR B 65 -7.85 -1.95 -7.68
CA THR B 65 -8.58 -0.87 -7.02
C THR B 65 -9.52 -1.31 -5.95
N LYS B 66 -9.59 -0.55 -4.85
CA LYS B 66 -10.61 -0.85 -3.88
C LYS B 66 -11.44 0.29 -3.41
N THR B 67 -11.13 0.86 -2.27
CA THR B 67 -12.09 1.78 -1.75
C THR B 67 -11.87 3.18 -2.28
N GLY B 68 -10.87 3.87 -1.78
CA GLY B 68 -10.60 5.18 -2.30
C GLY B 68 -9.16 5.09 -2.69
N LEU B 69 -8.86 4.00 -3.36
CA LEU B 69 -7.49 3.61 -3.62
C LEU B 69 -7.33 2.94 -4.96
N ILE B 70 -6.26 3.32 -5.63
CA ILE B 70 -5.81 2.66 -6.86
C ILE B 70 -4.37 2.25 -6.69
N LEU B 71 -4.12 0.97 -6.88
CA LEU B 71 -2.76 0.43 -6.83
C LEU B 71 -2.33 -0.07 -8.20
N VAL B 72 -1.36 0.61 -8.78
CA VAL B 72 -0.76 0.19 -10.04
C VAL B 72 0.50 -0.60 -9.73
N LEU B 73 0.53 -1.84 -10.23
CA LEU B 73 1.67 -2.73 -10.03
C LEU B 73 1.99 -3.50 -11.31
N GLY B 74 3.28 -3.71 -11.54
CA GLY B 74 3.74 -4.38 -12.75
C GLY B 74 5.14 -3.94 -13.15
N GLU B 75 5.50 -4.27 -14.39
CA GLU B 75 6.83 -3.97 -14.91
C GLU B 75 6.75 -3.35 -16.28
N ILE B 76 7.58 -2.34 -16.53
CA ILE B 76 7.66 -1.69 -17.85
C ILE B 76 9.09 -1.32 -18.26
N THR B 77 9.57 -1.94 -19.33
CA THR B 77 10.84 -1.55 -19.97
C THR B 77 10.54 -0.52 -21.05
N THR B 78 11.04 0.69 -20.85
CA THR B 78 10.78 1.79 -21.78
C THR B 78 11.67 3.01 -21.60
N ASN B 79 11.79 3.79 -22.67
CA ASN B 79 12.51 5.06 -22.66
C ASN B 79 11.59 6.22 -22.31
N ALA B 80 10.29 5.99 -22.48
CA ALA B 80 9.27 7.02 -22.27
C ALA B 80 9.28 7.54 -20.85
N VAL B 81 9.26 8.87 -20.71
CA VAL B 81 9.14 9.51 -19.41
C VAL B 81 7.67 9.76 -19.11
N ILE B 82 7.13 8.97 -18.19
CA ILE B 82 5.69 8.94 -17.93
C ILE B 82 5.32 9.37 -16.50
N ASP B 83 4.20 10.08 -16.39
CA ASP B 83 3.64 10.48 -15.09
C ASP B 83 2.43 9.60 -14.77
N ILE B 84 2.71 8.43 -14.18
CA ILE B 84 1.68 7.39 -13.94
C ILE B 84 0.48 7.87 -13.11
N PRO B 85 0.70 8.45 -11.94
CA PRO B 85 -0.42 8.90 -11.11
C PRO B 85 -1.35 9.87 -11.84
N LYS B 86 -0.74 10.74 -12.63
CA LYS B 86 -1.49 11.75 -13.38
C LYS B 86 -2.32 11.12 -14.50
N ILE B 87 -1.74 10.14 -15.17
CA ILE B 87 -2.48 9.39 -16.21
C ILE B 87 -3.68 8.71 -15.54
N VAL B 88 -3.40 7.97 -14.48
CA VAL B 88 -4.40 7.24 -13.71
C VAL B 88 -5.59 8.14 -13.39
N ARG B 89 -5.29 9.24 -12.69
CA ARG B 89 -6.31 10.20 -12.26
C ARG B 89 -7.14 10.67 -13.44
N GLY B 90 -6.46 10.99 -14.53
CA GLY B 90 -7.10 11.43 -15.76
C GLY B 90 -8.11 10.44 -16.32
N VAL B 91 -7.80 9.14 -16.17
CA VAL B 91 -8.68 8.07 -16.64
C VAL B 91 -9.94 7.99 -15.77
N VAL B 92 -9.71 8.05 -14.46
CA VAL B 92 -10.81 7.99 -13.48
C VAL B 92 -11.77 9.16 -13.68
N LYS B 93 -11.19 10.32 -13.92
CA LYS B 93 -11.97 11.55 -14.17
C LYS B 93 -12.83 11.35 -15.40
N SER B 94 -12.17 10.98 -16.50
CA SER B 94 -12.83 10.71 -17.78
C SER B 94 -14.03 9.79 -17.63
N ILE B 95 -13.88 8.78 -16.77
CA ILE B 95 -14.93 7.78 -16.53
C ILE B 95 -16.11 8.41 -15.79
N GLY B 96 -15.86 9.52 -15.10
CA GLY B 96 -16.93 10.32 -14.48
C GLY B 96 -16.95 10.37 -12.96
N TYR B 97 -15.98 9.75 -12.32
CA TYR B 97 -15.98 9.76 -10.86
C TYR B 97 -15.44 11.08 -10.33
N ASP B 98 -16.33 12.07 -10.29
CA ASP B 98 -15.99 13.38 -9.68
C ASP B 98 -16.17 13.45 -8.17
N ASP B 99 -17.17 12.74 -7.69
CA ASP B 99 -17.68 12.93 -6.32
C ASP B 99 -17.47 11.73 -5.46
N THR B 100 -16.95 11.95 -4.27
CA THR B 100 -16.76 10.85 -3.36
C THR B 100 -18.12 10.33 -3.11
N ASN B 101 -19.09 11.17 -3.47
CA ASN B 101 -20.49 10.83 -3.35
C ASN B 101 -20.89 9.76 -4.32
N LYS B 102 -20.16 9.69 -5.42
CA LYS B 102 -20.46 8.74 -6.48
C LYS B 102 -19.87 7.38 -6.18
N GLY B 103 -19.04 7.32 -5.13
CA GLY B 103 -18.32 6.08 -4.79
C GLY B 103 -16.84 6.15 -5.14
N PHE B 104 -16.48 7.13 -5.95
CA PHE B 104 -15.08 7.38 -6.28
C PHE B 104 -14.80 8.80 -6.75
N ASP B 105 -13.64 9.30 -6.35
CA ASP B 105 -13.25 10.66 -6.66
C ASP B 105 -11.80 10.69 -7.16
N TYR B 106 -11.65 11.01 -8.44
CA TYR B 106 -10.33 11.08 -9.08
C TYR B 106 -9.42 12.09 -8.41
N GLN B 107 -10.04 13.10 -7.81
CA GLN B 107 -9.32 14.24 -7.21
C GLN B 107 -8.77 13.92 -5.83
N THR B 108 -9.49 13.08 -5.09
CA THR B 108 -9.20 12.83 -3.68
C THR B 108 -8.65 11.43 -3.36
N CYS B 109 -8.79 10.51 -4.30
CA CYS B 109 -8.34 9.12 -4.10
C CYS B 109 -6.82 9.00 -4.06
N SER B 110 -6.36 7.91 -3.47
CA SER B 110 -4.92 7.62 -3.35
C SER B 110 -4.41 6.73 -4.47
N VAL B 111 -3.17 7.00 -4.90
CA VAL B 111 -2.53 6.27 -5.99
C VAL B 111 -1.17 5.72 -5.57
N LEU B 112 -1.12 4.41 -5.36
CA LEU B 112 0.12 3.71 -5.02
C LEU B 112 0.73 3.08 -6.26
N SER B 113 1.95 3.50 -6.57
CA SER B 113 2.69 2.96 -7.70
C SER B 113 3.77 1.99 -7.24
N CYS B 114 3.61 0.74 -7.63
CA CYS B 114 4.60 -0.31 -7.38
C CYS B 114 5.11 -0.87 -8.70
N VAL B 115 5.25 0.00 -9.69
CA VAL B 115 5.75 -0.41 -11.01
C VAL B 115 7.26 -0.23 -11.08
N GLU B 116 7.93 -1.25 -11.60
CA GLU B 116 9.38 -1.26 -11.74
C GLU B 116 9.78 -0.88 -13.16
N GLN B 117 10.28 0.33 -13.29
CA GLN B 117 10.56 0.92 -14.60
C GLN B 117 12.02 0.79 -15.01
N GLN B 118 12.23 0.57 -16.30
CA GLN B 118 13.58 0.35 -16.86
C GLN B 118 13.88 1.12 -18.11
N SER B 119 15.12 1.57 -18.23
CA SER B 119 15.50 2.16 -19.51
C SER B 119 15.62 0.99 -20.44
N GLN B 120 15.71 1.23 -21.73
CA GLN B 120 15.91 0.10 -22.58
C GLN B 120 17.38 -0.01 -22.80
N ASP B 121 17.90 -1.21 -22.61
CA ASP B 121 19.30 -1.51 -22.92
C ASP B 121 19.78 -0.59 -24.02
N GLU B 133 10.51 -8.36 -35.87
CA GLU B 133 10.26 -9.46 -36.80
C GLU B 133 11.16 -10.59 -36.37
N ASP B 134 10.71 -11.82 -36.62
CA ASP B 134 11.38 -13.07 -36.18
C ASP B 134 12.13 -13.06 -34.83
N ILE B 135 11.34 -12.98 -33.76
CA ILE B 135 11.78 -13.11 -32.41
C ILE B 135 10.85 -14.14 -31.85
N GLY B 136 11.32 -14.85 -30.84
CA GLY B 136 10.53 -15.88 -30.20
C GLY B 136 9.36 -15.32 -29.41
N ALA B 137 8.28 -16.08 -29.39
CA ALA B 137 7.12 -15.71 -28.61
C ALA B 137 7.69 -15.43 -27.23
N GLY B 138 7.24 -14.37 -26.60
CA GLY B 138 7.73 -14.02 -25.26
C GLY B 138 7.30 -14.99 -24.18
N ASP B 139 6.15 -15.61 -24.37
CA ASP B 139 5.60 -16.49 -23.36
C ASP B 139 4.83 -17.59 -24.05
N GLN B 140 4.55 -18.64 -23.30
CA GLN B 140 3.84 -19.76 -23.86
C GLN B 140 2.39 -19.44 -23.66
N GLY B 141 1.53 -20.11 -24.41
CA GLY B 141 0.11 -19.85 -24.28
C GLY B 141 -0.81 -20.44 -25.31
N ILE B 142 -2.09 -20.15 -25.10
CA ILE B 142 -3.16 -20.62 -25.94
C ILE B 142 -4.07 -19.43 -26.25
N MET B 143 -4.49 -19.35 -27.51
CA MET B 143 -5.28 -18.21 -27.99
C MET B 143 -6.34 -18.62 -29.00
N PHE B 144 -7.44 -17.86 -29.00
CA PHE B 144 -8.64 -18.21 -29.77
C PHE B 144 -9.17 -17.09 -30.64
N GLY B 145 -9.58 -17.47 -31.84
CA GLY B 145 -10.21 -16.56 -32.79
C GLY B 145 -11.60 -17.05 -33.13
N TYR B 146 -12.57 -16.13 -33.14
CA TYR B 146 -13.96 -16.47 -33.42
C TYR B 146 -14.64 -15.47 -34.35
N ALA B 147 -15.57 -15.99 -35.14
CA ALA B 147 -16.30 -15.20 -36.13
C ALA B 147 -17.60 -15.88 -36.55
N THR B 148 -18.66 -15.08 -36.65
CA THR B 148 -19.98 -15.57 -37.07
C THR B 148 -20.69 -14.58 -37.97
N ASP B 149 -21.13 -15.06 -39.14
CA ASP B 149 -21.77 -14.22 -40.16
C ASP B 149 -23.22 -13.85 -39.82
N GLU B 150 -23.67 -14.27 -38.64
CA GLU B 150 -24.99 -13.91 -38.10
C GLU B 150 -25.21 -12.39 -37.99
N SER B 151 -24.10 -11.65 -37.95
CA SER B 151 -24.16 -10.19 -37.89
C SER B 151 -23.09 -9.53 -38.74
N LYS B 152 -23.30 -8.24 -38.99
CA LYS B 152 -22.40 -7.47 -39.84
C LYS B 152 -21.00 -7.41 -39.29
N GLU B 153 -20.94 -7.30 -37.98
CA GLU B 153 -19.67 -7.13 -37.26
C GLU B 153 -18.97 -8.47 -37.12
N MET B 154 -19.57 -9.50 -37.71
CA MET B 154 -19.07 -10.89 -37.66
C MET B 154 -18.97 -11.38 -36.23
N MET B 155 -19.91 -10.93 -35.41
CA MET B 155 -19.91 -11.24 -33.97
C MET B 155 -21.24 -11.83 -33.50
N PRO B 156 -21.22 -12.53 -32.36
CA PRO B 156 -22.45 -13.03 -31.79
C PRO B 156 -23.38 -11.88 -31.45
N LEU B 157 -24.57 -11.93 -32.03
CA LEU B 157 -25.60 -10.89 -31.81
C LEU B 157 -25.84 -10.69 -30.32
N THR B 158 -25.91 -11.82 -29.61
CA THR B 158 -26.12 -11.84 -28.16
C THR B 158 -25.12 -10.94 -27.44
N HIS B 159 -23.88 -10.92 -27.90
CA HIS B 159 -22.80 -10.12 -27.31
C HIS B 159 -22.87 -8.67 -27.75
N VAL B 160 -23.08 -8.50 -29.07
CA VAL B 160 -23.18 -7.16 -29.67
C VAL B 160 -24.19 -6.31 -28.95
N LEU B 161 -25.42 -6.82 -28.86
CA LEU B 161 -26.54 -6.12 -28.20
C LEU B 161 -26.18 -5.77 -26.76
N SER B 162 -25.80 -6.80 -26.01
CA SER B 162 -25.38 -6.67 -24.60
C SER B 162 -24.43 -5.49 -24.37
N THR B 163 -23.48 -5.33 -25.28
CA THR B 163 -22.45 -4.30 -25.17
C THR B 163 -22.94 -2.96 -25.70
N LYS B 164 -23.72 -2.99 -26.78
CA LYS B 164 -24.33 -1.78 -27.34
C LYS B 164 -25.25 -1.16 -26.29
N LEU B 165 -26.01 -2.02 -25.65
CA LEU B 165 -26.86 -1.65 -24.50
C LEU B 165 -26.10 -0.77 -23.52
N ILE B 166 -24.83 -1.13 -23.30
CA ILE B 166 -23.97 -0.49 -22.30
C ILE B 166 -23.37 0.81 -22.81
N LEU B 167 -22.95 0.79 -24.08
CA LEU B 167 -22.38 1.98 -24.73
C LEU B 167 -23.41 3.11 -24.74
N ARG B 168 -24.67 2.71 -24.88
CA ARG B 168 -25.80 3.66 -24.89
C ARG B 168 -25.99 4.31 -23.53
N LEU B 169 -25.78 3.55 -22.47
CA LEU B 169 -25.88 4.09 -21.10
C LEU B 169 -24.83 5.15 -20.88
N GLN B 170 -23.67 4.95 -21.50
CA GLN B 170 -22.59 5.92 -21.49
C GLN B 170 -23.07 7.20 -22.20
N GLU B 171 -23.45 7.04 -23.47
CA GLU B 171 -23.98 8.14 -24.29
C GLU B 171 -24.94 8.97 -23.46
N CYS B 172 -25.92 8.28 -22.89
CA CYS B 172 -26.97 8.90 -22.07
C CYS B 172 -26.39 9.65 -20.88
N ARG B 173 -25.45 9.03 -20.20
CA ARG B 173 -24.81 9.63 -19.03
C ARG B 173 -24.04 10.89 -19.42
N GLU B 174 -23.21 10.74 -20.43
CA GLU B 174 -22.29 11.81 -20.86
C GLU B 174 -23.04 12.97 -21.52
N LYS B 175 -23.92 12.61 -22.44
CA LYS B 175 -24.67 13.60 -23.25
C LYS B 175 -25.81 14.28 -22.49
N GLY B 176 -26.10 13.78 -21.29
CA GLY B 176 -27.13 14.36 -20.42
C GLY B 176 -28.53 13.88 -20.73
N ILE B 177 -28.65 13.01 -21.74
CA ILE B 177 -29.94 12.40 -22.13
C ILE B 177 -30.62 11.75 -20.92
N LEU B 178 -29.82 11.37 -19.94
CA LEU B 178 -30.30 10.79 -18.69
C LEU B 178 -29.36 11.18 -17.55
N PRO B 179 -29.45 12.43 -17.09
CA PRO B 179 -28.47 13.00 -16.16
C PRO B 179 -28.37 12.29 -14.80
N TRP B 180 -29.48 11.69 -14.36
CA TRP B 180 -29.51 10.94 -13.09
C TRP B 180 -28.62 9.70 -13.11
N LEU B 181 -28.25 9.26 -14.31
CA LEU B 181 -27.39 8.09 -14.51
C LEU B 181 -26.01 8.25 -13.88
N ARG B 182 -25.40 7.11 -13.56
CA ARG B 182 -24.07 7.05 -12.94
C ARG B 182 -23.20 5.94 -13.59
N PRO B 183 -21.87 6.06 -13.48
CA PRO B 183 -20.98 5.29 -14.34
C PRO B 183 -21.01 3.78 -14.14
N ASP B 184 -20.98 3.35 -12.89
CA ASP B 184 -20.99 1.90 -12.60
C ASP B 184 -22.28 1.25 -13.03
N SER B 185 -22.19 0.50 -14.12
CA SER B 185 -23.36 -0.18 -14.67
C SER B 185 -23.01 -1.50 -15.34
N LYS B 186 -24.06 -2.28 -15.57
CA LYS B 186 -23.94 -3.68 -16.01
C LYS B 186 -25.16 -4.09 -16.82
N SER B 187 -24.95 -4.98 -17.79
CA SER B 187 -26.04 -5.45 -18.66
C SER B 187 -25.95 -6.92 -18.99
N GLN B 188 -27.05 -7.43 -19.55
CA GLN B 188 -27.18 -8.86 -19.87
C GLN B 188 -28.32 -9.12 -20.85
N VAL B 189 -27.96 -9.63 -22.03
CA VAL B 189 -28.95 -9.89 -23.09
C VAL B 189 -29.02 -11.38 -23.43
N THR B 190 -30.06 -12.03 -22.91
CA THR B 190 -30.32 -13.42 -23.23
C THR B 190 -31.34 -13.46 -24.34
N LEU B 191 -31.01 -14.15 -25.43
CA LEU B 191 -31.87 -14.12 -26.59
C LEU B 191 -32.10 -15.50 -27.24
N GLU B 192 -33.22 -15.59 -27.96
CA GLU B 192 -33.65 -16.82 -28.64
C GLU B 192 -33.00 -16.93 -30.03
N TYR B 193 -32.65 -18.16 -30.38
CA TYR B 193 -31.95 -18.48 -31.63
C TYR B 193 -32.61 -19.60 -32.42
N GLU B 194 -32.12 -19.75 -33.64
CA GLU B 194 -32.36 -20.92 -34.48
C GLU B 194 -31.16 -21.09 -35.36
N GLU B 195 -30.80 -22.33 -35.64
CA GLU B 195 -29.73 -22.52 -36.61
C GLU B 195 -30.31 -23.37 -37.69
N VAL B 196 -30.08 -22.91 -38.90
CA VAL B 196 -30.53 -23.61 -40.10
C VAL B 196 -29.33 -24.03 -40.90
N GLU B 197 -28.89 -25.27 -40.77
CA GLU B 197 -27.70 -25.75 -41.51
C GLU B 197 -26.43 -25.03 -41.04
N GLY B 198 -26.31 -24.86 -39.74
CA GLY B 198 -25.06 -24.34 -39.18
C GLY B 198 -25.10 -22.83 -39.10
N HIS B 199 -26.01 -22.25 -39.89
CA HIS B 199 -26.21 -20.81 -39.88
C HIS B 199 -27.14 -20.40 -38.76
N LEU B 200 -26.64 -19.50 -37.93
CA LEU B 200 -27.42 -18.99 -36.80
C LEU B 200 -28.27 -17.80 -37.24
N LYS B 201 -29.58 -17.99 -37.18
CA LYS B 201 -30.55 -16.92 -37.42
C LYS B 201 -31.29 -16.57 -36.12
N PRO B 202 -31.03 -15.39 -35.55
CA PRO B 202 -31.70 -15.01 -34.32
C PRO B 202 -33.15 -14.58 -34.54
N ILE B 203 -33.99 -14.91 -33.57
CA ILE B 203 -35.45 -14.76 -33.69
C ILE B 203 -35.97 -13.61 -32.86
N ARG B 204 -35.68 -13.65 -31.57
CA ARG B 204 -36.18 -12.66 -30.62
C ARG B 204 -35.41 -12.60 -29.30
N VAL B 205 -35.42 -11.43 -28.68
CA VAL B 205 -34.82 -11.25 -27.35
C VAL B 205 -35.78 -11.76 -26.28
N HIS B 206 -35.47 -12.92 -25.72
CA HIS B 206 -36.33 -13.57 -24.73
C HIS B 206 -36.45 -12.75 -23.46
N THR B 207 -35.30 -12.46 -22.85
CA THR B 207 -35.22 -11.65 -21.63
C THR B 207 -34.12 -10.60 -21.71
N ILE B 208 -34.24 -9.59 -20.85
CA ILE B 208 -33.25 -8.51 -20.77
C ILE B 208 -33.00 -8.06 -19.34
N VAL B 209 -31.72 -7.79 -19.06
CA VAL B 209 -31.29 -7.31 -17.75
C VAL B 209 -30.45 -6.07 -17.91
N ILE B 210 -30.61 -5.16 -16.95
CA ILE B 210 -29.74 -3.99 -16.86
C ILE B 210 -29.77 -3.39 -15.46
N SER B 211 -28.60 -3.38 -14.84
CA SER B 211 -28.42 -2.85 -13.48
C SER B 211 -27.45 -1.68 -13.53
N THR B 212 -27.99 -0.47 -13.42
CA THR B 212 -27.16 0.73 -13.41
C THR B 212 -27.10 1.41 -12.06
N GLN B 213 -25.99 2.11 -11.81
CA GLN B 213 -25.87 3.01 -10.67
C GLN B 213 -26.62 4.29 -11.01
N HIS B 214 -27.02 5.03 -9.97
CA HIS B 214 -27.76 6.28 -10.16
C HIS B 214 -27.72 7.23 -8.97
N ALA B 215 -28.09 8.48 -9.24
CA ALA B 215 -28.25 9.50 -8.20
C ALA B 215 -29.43 9.14 -7.30
N ASP B 216 -29.35 9.54 -6.04
CA ASP B 216 -30.42 9.25 -5.07
C ASP B 216 -31.67 10.09 -5.34
N ASN B 217 -31.50 11.16 -6.11
CA ASN B 217 -32.61 12.08 -6.42
C ASN B 217 -33.51 11.58 -7.56
N VAL B 218 -33.66 10.27 -7.68
CA VAL B 218 -34.54 9.71 -8.71
C VAL B 218 -35.20 8.42 -8.29
N SER B 219 -36.42 8.26 -8.76
CA SER B 219 -37.30 7.18 -8.38
C SER B 219 -37.06 5.90 -9.13
N ASN B 220 -37.42 4.80 -8.50
CA ASN B 220 -37.37 3.53 -9.17
C ASN B 220 -38.29 3.44 -10.38
N GLU B 221 -39.45 4.09 -10.33
CA GLU B 221 -40.37 4.10 -11.47
C GLU B 221 -39.79 4.95 -12.60
N GLU B 222 -39.19 6.07 -12.23
CA GLU B 222 -38.59 7.01 -13.18
C GLU B 222 -37.41 6.37 -13.91
N ILE B 223 -36.69 5.50 -13.21
CA ILE B 223 -35.53 4.79 -13.78
C ILE B 223 -35.98 3.82 -14.87
N ALA B 224 -36.96 2.99 -14.54
CA ALA B 224 -37.53 2.02 -15.46
C ALA B 224 -38.00 2.68 -16.74
N LYS B 225 -38.72 3.79 -16.56
CA LYS B 225 -39.25 4.58 -17.67
C LYS B 225 -38.11 4.94 -18.62
N GLY B 226 -37.09 5.60 -18.10
CA GLY B 226 -35.94 5.98 -18.92
C GLY B 226 -35.22 4.85 -19.65
N LEU B 227 -34.89 3.79 -18.93
CA LEU B 227 -34.06 2.76 -19.56
C LEU B 227 -34.83 2.17 -20.70
N GLU B 228 -36.12 1.95 -20.48
CA GLU B 228 -36.97 1.36 -21.51
C GLU B 228 -37.07 2.28 -22.70
N GLU B 229 -37.33 3.55 -22.42
CA GLU B 229 -37.59 4.53 -23.49
C GLU B 229 -36.32 4.97 -24.21
N GLU B 230 -35.30 5.32 -23.44
CA GLU B 230 -34.10 5.97 -24.00
C GLU B 230 -32.86 5.08 -24.18
N VAL B 231 -32.90 3.85 -23.70
CA VAL B 231 -31.80 2.89 -23.94
C VAL B 231 -32.27 1.64 -24.67
N THR B 232 -33.03 0.79 -23.97
CA THR B 232 -33.53 -0.47 -24.54
C THR B 232 -34.07 -0.31 -25.96
N GLN B 233 -35.07 0.56 -26.08
CA GLN B 233 -35.80 0.81 -27.32
C GLN B 233 -34.89 1.39 -28.43
N LYS B 234 -33.94 2.22 -28.02
CA LYS B 234 -33.05 2.91 -28.95
C LYS B 234 -31.81 2.08 -29.35
N VAL B 235 -31.66 0.89 -28.77
CA VAL B 235 -30.57 -0.04 -29.14
C VAL B 235 -31.09 -1.39 -29.66
N ILE B 236 -32.08 -1.96 -28.98
CA ILE B 236 -32.63 -3.26 -29.38
C ILE B 236 -33.52 -3.10 -30.62
N PRO B 237 -33.26 -3.88 -31.68
CA PRO B 237 -34.07 -3.76 -32.89
C PRO B 237 -35.53 -4.12 -32.65
N LYS B 238 -36.42 -3.41 -33.32
CA LYS B 238 -37.87 -3.60 -33.10
C LYS B 238 -38.34 -4.96 -33.65
N GLU B 239 -37.59 -5.48 -34.63
CA GLU B 239 -37.86 -6.80 -35.20
C GLU B 239 -37.71 -7.92 -34.15
N LEU B 240 -36.72 -7.79 -33.28
CA LEU B 240 -36.44 -8.75 -32.21
C LEU B 240 -37.24 -8.44 -30.93
N MET B 241 -37.75 -7.22 -30.88
CA MET B 241 -38.52 -6.74 -29.72
C MET B 241 -39.93 -7.27 -29.72
N ASP B 242 -40.53 -7.27 -28.54
CA ASP B 242 -41.95 -7.64 -28.43
C ASP B 242 -42.55 -7.25 -27.06
N ASP B 243 -43.79 -7.66 -26.82
CA ASP B 243 -44.48 -7.32 -25.56
C ASP B 243 -44.20 -8.36 -24.46
N LYS B 244 -43.91 -9.58 -24.88
CA LYS B 244 -43.62 -10.70 -23.97
C LYS B 244 -42.16 -10.74 -23.49
N MET B 245 -41.34 -9.79 -23.97
CA MET B 245 -39.91 -9.75 -23.59
C MET B 245 -39.78 -9.32 -22.14
N LEU B 246 -39.00 -10.11 -21.40
CA LEU B 246 -38.79 -9.88 -19.97
C LEU B 246 -37.85 -8.73 -19.71
N ARG B 247 -38.08 -8.05 -18.59
CA ARG B 247 -37.31 -6.87 -18.23
C ARG B 247 -36.91 -6.87 -16.76
N TYR B 248 -35.62 -6.70 -16.55
CA TYR B 248 -35.01 -6.73 -15.22
C TYR B 248 -34.20 -5.46 -14.98
N TYR B 249 -34.86 -4.47 -14.39
CA TYR B 249 -34.26 -3.15 -14.19
C TYR B 249 -33.93 -2.94 -12.72
N ASN B 250 -32.64 -2.94 -12.43
CA ASN B 250 -32.12 -2.90 -11.06
C ASN B 250 -32.89 -3.80 -10.10
N PRO B 251 -32.92 -5.10 -10.38
CA PRO B 251 -33.65 -6.06 -9.53
C PRO B 251 -33.04 -6.19 -8.14
N SER B 252 -31.78 -5.79 -8.03
CA SER B 252 -31.11 -5.68 -6.73
C SER B 252 -31.69 -4.51 -5.91
N GLY B 253 -32.79 -3.95 -6.41
CA GLY B 253 -33.44 -2.82 -5.76
C GLY B 253 -32.73 -1.53 -6.08
N ARG B 254 -32.14 -0.92 -5.06
CA ARG B 254 -31.46 0.37 -5.24
C ARG B 254 -29.97 0.17 -5.49
N PHE B 255 -29.38 1.20 -6.08
CA PHE B 255 -27.98 1.18 -6.47
C PHE B 255 -27.51 2.62 -6.63
N VAL B 256 -27.50 3.31 -5.51
CA VAL B 256 -27.24 4.74 -5.53
C VAL B 256 -25.75 4.88 -5.64
N ILE B 257 -25.05 4.13 -4.80
CA ILE B 257 -23.62 4.01 -4.99
C ILE B 257 -22.99 2.66 -4.74
N GLY B 258 -21.77 2.71 -5.19
CA GLY B 258 -21.22 1.64 -5.94
C GLY B 258 -19.85 2.08 -6.36
N GLY B 259 -19.48 1.71 -7.58
CA GLY B 259 -18.15 1.99 -8.08
C GLY B 259 -17.17 1.05 -7.40
N PRO B 260 -15.91 1.45 -7.30
CA PRO B 260 -14.90 0.64 -6.65
C PRO B 260 -15.03 0.62 -5.14
N MET B 261 -15.86 1.50 -4.61
CA MET B 261 -16.12 1.51 -3.17
C MET B 261 -17.03 0.36 -2.80
N GLY B 262 -16.50 -0.58 -2.03
CA GLY B 262 -17.32 -1.70 -1.59
C GLY B 262 -17.32 -2.87 -2.55
N ASP B 263 -16.75 -2.68 -3.74
CA ASP B 263 -16.32 -3.78 -4.58
C ASP B 263 -14.84 -3.65 -4.79
N ALA B 264 -14.19 -4.79 -5.02
CA ALA B 264 -12.79 -4.83 -5.41
C ALA B 264 -12.73 -5.03 -6.91
N GLY B 265 -11.70 -4.49 -7.55
CA GLY B 265 -11.54 -4.59 -9.00
C GLY B 265 -10.12 -4.82 -9.45
N LEU B 266 -9.97 -5.62 -10.51
CA LEU B 266 -8.65 -6.01 -11.02
C LEU B 266 -8.61 -6.03 -12.54
N THR B 267 -7.40 -5.92 -13.07
CA THR B 267 -7.19 -5.98 -14.52
C THR B 267 -7.42 -7.40 -15.01
N GLY B 268 -7.98 -7.51 -16.20
CA GLY B 268 -8.15 -8.80 -16.89
C GLY B 268 -9.15 -9.77 -16.26
N ARG B 269 -10.03 -9.23 -15.42
CA ARG B 269 -11.03 -10.07 -14.75
C ARG B 269 -12.32 -10.19 -15.57
N LYS B 270 -12.49 -9.27 -16.52
CA LYS B 270 -13.63 -9.32 -17.44
C LYS B 270 -13.14 -9.74 -18.83
N ILE B 271 -12.52 -10.92 -18.86
CA ILE B 271 -11.88 -11.45 -20.07
C ILE B 271 -12.90 -11.85 -21.15
N ILE B 272 -14.10 -12.19 -20.72
CA ILE B 272 -15.12 -12.72 -21.64
C ILE B 272 -15.91 -11.59 -22.30
N VAL B 273 -16.25 -10.57 -21.52
CA VAL B 273 -16.90 -9.37 -22.05
C VAL B 273 -15.98 -8.65 -23.03
N ASP B 274 -14.69 -8.80 -22.76
CA ASP B 274 -13.60 -8.24 -23.59
C ASP B 274 -13.55 -8.89 -24.96
N THR B 275 -14.12 -10.08 -25.08
CA THR B 275 -14.01 -10.90 -26.30
C THR B 275 -15.35 -11.24 -26.97
N TYR B 276 -15.83 -12.48 -26.76
CA TYR B 276 -16.98 -13.02 -27.52
C TYR B 276 -18.19 -13.44 -26.69
N GLY B 277 -18.26 -12.99 -25.44
CA GLY B 277 -19.40 -13.28 -24.58
C GLY B 277 -19.64 -14.76 -24.36
N GLY B 278 -18.55 -15.54 -24.36
CA GLY B 278 -18.60 -16.97 -24.06
C GLY B 278 -19.05 -17.85 -25.22
N TRP B 279 -19.12 -17.26 -26.41
CA TRP B 279 -19.57 -17.98 -27.60
C TRP B 279 -18.52 -18.94 -28.13
N GLY B 280 -17.29 -18.46 -28.26
CA GLY B 280 -16.20 -19.27 -28.79
C GLY B 280 -15.49 -20.02 -27.70
N ALA B 281 -14.24 -19.64 -27.45
CA ALA B 281 -13.44 -20.15 -26.34
C ALA B 281 -12.47 -19.06 -25.87
N HIS B 282 -11.71 -19.35 -24.82
CA HIS B 282 -10.65 -18.44 -24.36
C HIS B 282 -9.40 -19.17 -23.92
N GLY B 283 -8.27 -18.50 -24.09
CA GLY B 283 -6.99 -19.04 -23.71
C GLY B 283 -6.57 -18.68 -22.29
N GLY B 284 -7.37 -17.84 -21.64
CA GLY B 284 -7.09 -17.37 -20.28
C GLY B 284 -6.34 -16.06 -20.22
N GLY B 285 -5.88 -15.61 -21.38
CA GLY B 285 -5.03 -14.42 -21.45
C GLY B 285 -5.74 -13.09 -21.34
N ALA B 286 -5.55 -12.42 -20.22
CA ALA B 286 -6.02 -11.03 -20.06
C ALA B 286 -5.32 -10.11 -21.06
N PHE B 287 -6.10 -9.34 -21.79
CA PHE B 287 -5.54 -8.49 -22.87
C PHE B 287 -4.92 -7.21 -22.33
N SER B 288 -5.69 -6.50 -21.51
CA SER B 288 -5.34 -5.13 -21.09
C SER B 288 -4.09 -5.10 -20.22
N GLY B 289 -3.30 -4.04 -20.41
CA GLY B 289 -2.09 -3.81 -19.62
C GLY B 289 -0.86 -4.48 -20.21
N LYS B 290 -1.10 -5.34 -21.19
CA LYS B 290 -0.04 -6.05 -21.89
C LYS B 290 0.25 -5.41 -23.24
N ASP B 291 1.53 -5.19 -23.50
CA ASP B 291 1.97 -4.71 -24.82
C ASP B 291 1.79 -5.83 -25.85
N SER B 292 1.94 -5.47 -27.11
CA SER B 292 1.60 -6.39 -28.22
C SER B 292 2.63 -7.50 -28.43
N SER B 293 3.78 -7.38 -27.78
CA SER B 293 4.80 -8.45 -27.78
C SER B 293 4.29 -9.68 -27.04
N LYS B 294 3.34 -9.46 -26.14
CA LYS B 294 2.72 -10.57 -25.40
C LYS B 294 1.78 -11.35 -26.32
N VAL B 295 2.17 -12.58 -26.63
CA VAL B 295 1.40 -13.48 -27.51
C VAL B 295 -0.07 -13.58 -27.10
N ASP B 296 -0.33 -13.45 -25.81
CA ASP B 296 -1.70 -13.52 -25.27
C ASP B 296 -2.62 -12.54 -25.98
N ARG B 297 -2.06 -11.40 -26.38
CA ARG B 297 -2.82 -10.36 -27.07
C ARG B 297 -2.74 -10.53 -28.59
N SER B 298 -1.51 -10.51 -29.09
CA SER B 298 -1.22 -10.64 -30.53
C SER B 298 -1.90 -11.84 -31.15
N GLY B 299 -1.70 -12.99 -30.53
CA GLY B 299 -2.26 -14.26 -31.00
C GLY B 299 -3.77 -14.25 -31.01
N ALA B 300 -4.33 -13.67 -29.96
CA ALA B 300 -5.78 -13.52 -29.82
C ALA B 300 -6.34 -12.62 -30.92
N TYR B 301 -5.58 -11.59 -31.26
CA TYR B 301 -5.99 -10.60 -32.27
C TYR B 301 -5.89 -11.21 -33.64
N CYS B 302 -4.69 -11.70 -33.96
CA CYS B 302 -4.43 -12.40 -35.22
C CYS B 302 -5.47 -13.50 -35.46
N ALA B 303 -5.86 -14.18 -34.38
CA ALA B 303 -6.86 -15.24 -34.44
C ALA B 303 -8.19 -14.70 -34.91
N ARG B 304 -8.63 -13.59 -34.31
CA ARG B 304 -9.85 -12.90 -34.73
C ARG B 304 -9.75 -12.56 -36.22
N TRP B 305 -8.62 -12.00 -36.58
CA TRP B 305 -8.32 -11.61 -37.97
C TRP B 305 -8.59 -12.78 -38.91
N ILE B 306 -7.90 -13.89 -38.65
CA ILE B 306 -8.01 -15.10 -39.44
C ILE B 306 -9.48 -15.47 -39.61
N ALA B 307 -10.18 -15.63 -38.49
CA ALA B 307 -11.59 -16.00 -38.45
C ALA B 307 -12.43 -15.07 -39.31
N LYS B 308 -12.27 -13.77 -39.07
CA LYS B 308 -13.02 -12.74 -39.81
C LYS B 308 -12.76 -12.85 -41.30
N SER B 309 -11.53 -13.17 -41.65
CA SER B 309 -11.14 -13.41 -43.05
C SER B 309 -11.81 -14.66 -43.61
N LEU B 310 -11.70 -15.73 -42.84
CA LEU B 310 -12.20 -17.06 -43.25
C LEU B 310 -13.68 -17.07 -43.58
N VAL B 311 -14.46 -16.26 -42.87
CA VAL B 311 -15.91 -16.20 -43.11
C VAL B 311 -16.23 -15.18 -44.20
N HIS B 312 -15.31 -14.24 -44.41
CA HIS B 312 -15.47 -13.22 -45.45
C HIS B 312 -15.30 -13.85 -46.81
N ALA B 313 -14.25 -14.65 -46.92
CA ALA B 313 -13.91 -15.36 -48.16
C ALA B 313 -14.95 -16.42 -48.53
N GLY B 314 -16.04 -16.49 -47.77
CA GLY B 314 -17.13 -17.42 -48.05
C GLY B 314 -16.74 -18.87 -47.87
N LEU B 315 -15.69 -19.11 -47.10
CA LEU B 315 -15.22 -20.48 -46.84
C LEU B 315 -16.15 -21.19 -45.86
N CYS B 316 -16.87 -20.41 -45.07
CA CYS B 316 -17.76 -20.94 -44.03
C CYS B 316 -18.72 -19.88 -43.45
N HIS B 317 -19.65 -20.35 -42.64
CA HIS B 317 -20.62 -19.46 -41.96
C HIS B 317 -20.15 -19.09 -40.55
N ARG B 318 -19.45 -20.02 -39.92
CA ARG B 318 -19.03 -19.90 -38.52
C ARG B 318 -17.68 -20.58 -38.32
N VAL B 319 -16.74 -19.86 -37.73
CA VAL B 319 -15.42 -20.43 -37.42
C VAL B 319 -14.94 -20.10 -36.02
N LEU B 320 -14.14 -21.00 -35.49
CA LEU B 320 -13.41 -20.78 -34.25
C LEU B 320 -12.01 -21.24 -34.49
N VAL B 321 -11.06 -20.32 -34.56
CA VAL B 321 -9.70 -20.71 -34.85
C VAL B 321 -8.92 -20.70 -33.57
N GLN B 322 -8.16 -21.75 -33.31
CA GLN B 322 -7.27 -21.75 -32.18
C GLN B 322 -5.82 -21.76 -32.55
N LEU B 323 -5.10 -20.82 -31.97
CA LEU B 323 -3.65 -20.77 -32.08
C LEU B 323 -2.99 -21.16 -30.76
N SER B 324 -1.74 -21.56 -30.84
CA SER B 324 -0.96 -21.99 -29.65
C SER B 324 0.54 -21.75 -29.84
N TYR B 325 1.18 -21.30 -28.77
CA TYR B 325 2.59 -20.88 -28.83
C TYR B 325 3.43 -21.44 -27.69
N ALA B 326 4.73 -21.51 -27.98
CA ALA B 326 5.73 -21.96 -27.01
C ALA B 326 6.64 -20.80 -26.67
N ILE B 327 7.03 -20.71 -25.39
CA ILE B 327 7.94 -19.66 -24.93
C ILE B 327 9.28 -19.78 -25.65
N GLY B 328 9.78 -18.64 -26.12
CA GLY B 328 11.05 -18.60 -26.86
C GLY B 328 11.03 -19.16 -28.28
N VAL B 329 9.89 -19.72 -28.70
CA VAL B 329 9.75 -20.28 -30.05
C VAL B 329 8.90 -19.36 -30.92
N SER B 330 9.51 -18.88 -32.00
CA SER B 330 8.91 -17.87 -32.87
C SER B 330 7.65 -18.34 -33.58
N HIS B 331 7.72 -19.51 -34.20
CA HIS B 331 6.57 -20.04 -34.96
C HIS B 331 5.50 -20.62 -34.03
N PRO B 332 4.25 -20.63 -34.49
CA PRO B 332 3.18 -21.23 -33.71
C PRO B 332 3.39 -22.73 -33.56
N LEU B 333 3.31 -23.22 -32.33
CA LEU B 333 3.60 -24.64 -32.12
C LEU B 333 2.43 -25.54 -32.49
N SER B 334 1.24 -24.95 -32.59
CA SER B 334 0.05 -25.69 -33.04
C SER B 334 -1.01 -24.77 -33.64
N ILE B 335 -1.93 -25.39 -34.38
CA ILE B 335 -2.99 -24.64 -35.08
C ILE B 335 -4.23 -25.49 -35.32
N ASN B 336 -5.38 -24.84 -35.19
CA ASN B 336 -6.68 -25.51 -35.33
C ASN B 336 -7.77 -24.55 -35.79
N VAL B 337 -8.54 -25.00 -36.77
CA VAL B 337 -9.70 -24.25 -37.27
C VAL B 337 -10.96 -25.09 -37.13
N ASN B 338 -11.78 -24.76 -36.13
CA ASN B 338 -13.06 -25.46 -35.93
C ASN B 338 -14.26 -24.69 -36.50
N THR B 339 -14.57 -24.97 -37.74
CA THR B 339 -15.85 -24.55 -38.33
C THR B 339 -16.92 -25.52 -37.84
N TYR B 340 -18.08 -24.97 -37.48
CA TYR B 340 -19.14 -25.77 -36.85
C TYR B 340 -19.95 -26.56 -37.88
N GLY B 341 -19.25 -27.33 -38.69
CA GLY B 341 -19.86 -28.12 -39.77
C GLY B 341 -20.42 -27.26 -40.87
N THR B 342 -20.16 -25.97 -40.74
CA THR B 342 -20.75 -24.94 -41.55
C THR B 342 -19.76 -24.47 -42.57
N GLY B 343 -18.63 -25.17 -42.66
CA GLY B 343 -17.60 -24.88 -43.65
C GLY B 343 -17.82 -25.77 -44.86
N ILE B 344 -17.28 -25.33 -45.99
CA ILE B 344 -17.61 -25.90 -47.27
C ILE B 344 -16.66 -27.01 -47.76
N CYS B 345 -15.56 -27.30 -47.05
CA CYS B 345 -14.63 -28.38 -47.42
C CYS B 345 -14.12 -29.07 -46.19
N ASP B 346 -13.09 -29.90 -46.33
CA ASP B 346 -12.57 -30.54 -45.15
C ASP B 346 -11.98 -29.39 -44.35
N GLU B 347 -11.43 -29.73 -43.20
CA GLU B 347 -10.88 -28.76 -42.28
C GLU B 347 -9.39 -28.76 -42.34
N SER B 348 -8.81 -29.77 -42.98
CA SER B 348 -7.36 -29.83 -43.16
C SER B 348 -6.94 -28.84 -44.22
N ILE B 349 -7.85 -28.58 -45.14
CA ILE B 349 -7.58 -27.61 -46.17
C ILE B 349 -7.53 -26.27 -45.51
N LEU B 350 -8.61 -25.97 -44.81
CA LEU B 350 -8.70 -24.66 -44.18
C LEU B 350 -7.39 -24.39 -43.47
N VAL B 351 -7.00 -25.34 -42.62
CA VAL B 351 -5.77 -25.21 -41.84
C VAL B 351 -4.58 -24.82 -42.73
N ASP B 352 -4.59 -25.33 -43.96
CA ASP B 352 -3.55 -24.99 -44.95
C ASP B 352 -3.71 -23.54 -45.43
N ILE B 353 -4.92 -23.21 -45.89
CA ILE B 353 -5.22 -21.88 -46.47
C ILE B 353 -4.77 -20.78 -45.50
N VAL B 354 -5.08 -21.00 -44.22
CA VAL B 354 -4.62 -20.10 -43.16
C VAL B 354 -3.11 -19.91 -43.19
N ASN B 355 -2.40 -21.04 -43.14
CA ASN B 355 -0.93 -21.07 -43.08
C ASN B 355 -0.26 -20.35 -44.25
N LYS B 356 -0.89 -20.49 -45.42
CA LYS B 356 -0.36 -19.93 -46.66
C LYS B 356 -0.43 -18.40 -46.71
N ASN B 357 -1.51 -17.87 -46.15
CA ASN B 357 -1.86 -16.44 -46.29
C ASN B 357 -1.52 -15.59 -45.05
N PHE B 358 -1.22 -16.25 -43.93
CA PHE B 358 -0.90 -15.56 -42.68
C PHE B 358 0.47 -15.89 -42.11
N ASP B 359 1.16 -14.84 -41.66
CA ASP B 359 2.44 -15.00 -40.94
C ASP B 359 2.19 -14.82 -39.45
N MET B 360 2.07 -15.94 -38.75
CA MET B 360 1.61 -15.96 -37.35
C MET B 360 2.74 -15.84 -36.34
N ARG B 361 3.91 -15.44 -36.83
CA ARG B 361 5.04 -15.10 -35.96
C ARG B 361 4.70 -13.80 -35.21
N PRO B 362 4.71 -13.83 -33.88
CA PRO B 362 4.37 -12.64 -33.08
C PRO B 362 4.97 -11.36 -33.63
N GLY B 363 6.26 -11.44 -33.98
CA GLY B 363 6.99 -10.30 -34.52
C GLY B 363 6.29 -9.64 -35.70
N MET B 364 5.75 -10.48 -36.58
CA MET B 364 5.08 -10.01 -37.81
C MET B 364 3.70 -9.48 -37.49
N ILE B 365 3.01 -10.21 -36.63
CA ILE B 365 1.64 -9.83 -36.20
C ILE B 365 1.61 -8.38 -35.78
N ILE B 366 2.63 -7.98 -35.04
CA ILE B 366 2.78 -6.58 -34.58
C ILE B 366 2.85 -5.63 -35.78
N LYS B 367 3.70 -5.99 -36.74
CA LYS B 367 3.95 -5.18 -37.94
C LYS B 367 2.67 -5.04 -38.78
N GLU B 368 2.05 -6.18 -39.05
CA GLU B 368 0.93 -6.27 -40.02
C GLU B 368 -0.31 -5.60 -39.45
N LEU B 369 -0.52 -5.76 -38.16
CA LEU B 369 -1.69 -5.23 -37.46
C LEU B 369 -1.42 -3.85 -36.81
N GLY B 370 -0.21 -3.35 -36.98
CA GLY B 370 0.19 -2.04 -36.46
C GLY B 370 -0.09 -1.92 -34.98
N LEU B 371 0.48 -2.85 -34.22
CA LEU B 371 0.25 -2.96 -32.78
C LEU B 371 1.27 -2.19 -31.94
N THR B 372 2.12 -1.41 -32.59
CA THR B 372 3.07 -0.52 -31.89
C THR B 372 2.43 0.83 -31.57
N ARG B 373 1.18 0.97 -31.98
CA ARG B 373 0.44 2.22 -31.90
C ARG B 373 -0.28 2.39 -30.57
N PRO B 374 -0.45 3.63 -30.13
CA PRO B 374 -1.26 3.88 -28.96
C PRO B 374 -2.74 3.91 -29.26
N ILE B 375 -3.31 2.73 -29.43
CA ILE B 375 -4.74 2.58 -29.70
C ILE B 375 -5.45 1.73 -28.64
N PHE B 376 -4.69 1.33 -27.62
CA PHE B 376 -5.11 0.24 -26.73
C PHE B 376 -6.03 0.65 -25.58
N GLN B 377 -6.04 1.94 -25.25
CA GLN B 377 -6.90 2.43 -24.17
C GLN B 377 -8.36 2.23 -24.54
N LYS B 378 -8.71 2.65 -25.75
CA LYS B 378 -10.10 2.56 -26.24
C LYS B 378 -10.57 1.13 -26.47
N THR B 379 -9.63 0.22 -26.57
CA THR B 379 -9.94 -1.22 -26.67
C THR B 379 -10.48 -1.75 -25.36
N ALA B 380 -10.14 -1.07 -24.28
CA ALA B 380 -10.38 -1.54 -22.93
C ALA B 380 -11.84 -1.59 -22.51
N VAL B 381 -12.71 -1.00 -23.31
CA VAL B 381 -14.16 -1.00 -22.99
C VAL B 381 -15.01 -1.22 -24.24
N GLY B 382 -16.18 -1.81 -24.02
CA GLY B 382 -17.09 -2.13 -25.10
C GLY B 382 -16.58 -3.22 -26.02
N GLY B 383 -15.63 -4.02 -25.52
CA GLY B 383 -15.15 -5.21 -26.23
C GLY B 383 -14.04 -4.92 -27.22
N HIS B 384 -13.10 -5.86 -27.31
CA HIS B 384 -11.94 -5.73 -28.22
C HIS B 384 -12.33 -6.06 -29.65
N PHE B 385 -13.42 -6.82 -29.80
CA PHE B 385 -13.85 -7.28 -31.12
C PHE B 385 -15.26 -6.84 -31.49
N GLY B 386 -15.50 -6.79 -32.80
CA GLY B 386 -16.78 -6.37 -33.36
C GLY B 386 -16.83 -4.89 -33.72
N ARG B 387 -15.80 -4.16 -33.33
CA ARG B 387 -15.77 -2.72 -33.57
C ARG B 387 -14.89 -2.37 -34.76
N ASN B 388 -15.46 -1.58 -35.68
CA ASN B 388 -14.80 -1.27 -36.95
C ASN B 388 -14.11 0.10 -36.93
N ASP B 389 -13.42 0.38 -35.83
CA ASP B 389 -12.50 1.51 -35.76
C ASP B 389 -11.34 1.28 -36.74
N PRO B 390 -10.92 2.31 -37.46
CA PRO B 390 -9.86 2.17 -38.47
C PRO B 390 -8.55 1.61 -37.91
N ASP B 391 -8.24 1.98 -36.67
CA ASP B 391 -6.98 1.55 -36.04
C ASP B 391 -6.97 0.07 -35.69
N PHE B 392 -8.16 -0.51 -35.58
CA PHE B 392 -8.29 -1.93 -35.26
C PHE B 392 -8.04 -2.73 -36.54
N LYS B 393 -6.77 -2.83 -36.90
CA LYS B 393 -6.35 -3.45 -38.18
C LYS B 393 -6.70 -4.94 -38.29
N TRP B 394 -7.20 -5.51 -37.20
CA TRP B 394 -7.57 -6.94 -37.15
C TRP B 394 -9.04 -7.17 -37.50
N GLU B 395 -9.79 -6.08 -37.64
CA GLU B 395 -11.22 -6.17 -37.99
C GLU B 395 -11.48 -6.03 -39.49
N PHE B 396 -10.46 -5.63 -40.22
CA PHE B 396 -10.54 -5.55 -41.68
C PHE B 396 -9.90 -6.82 -42.24
N PRO B 397 -10.68 -7.65 -42.92
CA PRO B 397 -10.17 -8.94 -43.34
C PRO B 397 -9.03 -8.91 -44.34
N LYS B 398 -8.44 -10.07 -44.54
CA LYS B 398 -7.43 -10.28 -45.58
C LYS B 398 -8.08 -10.94 -46.78
N GLU B 399 -7.35 -10.95 -47.88
CA GLU B 399 -7.77 -11.62 -49.09
C GLU B 399 -6.88 -12.84 -49.29
N LEU B 400 -7.50 -14.00 -49.37
CA LEU B 400 -6.79 -15.26 -49.21
C LEU B 400 -6.67 -16.03 -50.51
N GLU B 401 -5.45 -16.53 -50.74
CA GLU B 401 -5.16 -17.33 -51.93
C GLU B 401 -5.79 -18.68 -51.65
N ILE B 402 -6.98 -18.85 -52.19
CA ILE B 402 -7.72 -20.08 -52.02
C ILE B 402 -7.47 -20.87 -53.30
N PRO B 403 -7.60 -22.18 -53.21
CA PRO B 403 -7.42 -22.99 -54.40
C PRO B 403 -8.42 -22.60 -55.45
N ALA B 404 -8.12 -22.99 -56.67
CA ALA B 404 -9.04 -22.88 -57.81
C ALA B 404 -10.13 -23.93 -57.82
N GLU B 405 -9.92 -25.03 -57.10
CA GLU B 405 -10.88 -26.10 -57.08
C GLU B 405 -12.06 -25.75 -56.18
N LEU B 406 -11.88 -24.73 -55.32
CA LEU B 406 -12.92 -24.32 -54.39
C LEU B 406 -13.48 -22.94 -54.72
N LYS B 407 -13.44 -22.57 -56.00
CA LYS B 407 -13.95 -21.26 -56.45
C LYS B 407 -15.45 -21.11 -56.18
N PRO B 408 -16.16 -22.22 -56.04
CA PRO B 408 -17.55 -22.16 -55.57
C PRO B 408 -17.67 -22.43 -54.07
N LYS B 409 -18.03 -21.38 -53.34
CA LYS B 409 -18.18 -21.43 -51.87
C LYS B 409 -19.52 -20.88 -51.40
N LEU B 410 -19.51 -19.63 -50.92
CA LEU B 410 -20.62 -19.08 -50.14
C LEU B 410 -21.00 -17.64 -50.43
N LEU B 411 -22.22 -17.30 -50.05
CA LEU B 411 -22.81 -15.98 -50.34
C LEU B 411 -21.92 -14.83 -49.87
N ARG C 22 28.69 20.80 39.73
CA ARG C 22 29.07 19.45 39.23
C ARG C 22 27.87 18.53 39.12
N PHE C 23 27.70 17.91 37.95
CA PHE C 23 26.54 17.06 37.66
C PHE C 23 26.81 16.06 36.53
N PHE C 24 25.87 15.13 36.32
CA PHE C 24 25.94 14.22 35.14
C PHE C 24 24.81 14.49 34.12
N PHE C 25 25.10 14.12 32.87
CA PHE C 25 24.17 14.27 31.75
C PHE C 25 24.31 13.10 30.79
N THR C 26 23.23 12.80 30.08
CA THR C 26 23.21 11.70 29.11
C THR C 26 22.67 12.13 27.76
N SER C 27 23.33 11.66 26.71
CA SER C 27 22.82 11.78 25.34
C SER C 27 22.99 10.47 24.57
N GLU C 28 22.31 10.41 23.43
CA GLU C 28 22.27 9.19 22.62
C GLU C 28 22.41 9.47 21.13
N SER C 29 22.69 8.40 20.40
CA SER C 29 22.68 8.41 18.93
C SER C 29 22.39 7.02 18.36
N VAL C 30 22.04 6.99 17.08
CA VAL C 30 21.78 5.73 16.38
C VAL C 30 22.45 5.71 14.99
N SER C 31 22.71 4.49 14.51
CA SER C 31 23.36 4.30 13.22
C SER C 31 22.40 4.46 12.06
N GLY C 32 22.98 4.56 10.86
CA GLY C 32 22.21 4.72 9.62
C GLY C 32 21.44 3.47 9.23
N GLY C 33 21.72 2.38 9.93
CA GLY C 33 20.99 1.13 9.74
C GLY C 33 19.67 1.10 10.49
N HIS C 34 19.57 1.94 11.50
CA HIS C 34 18.33 2.11 12.26
C HIS C 34 17.19 2.51 11.32
N PRO C 35 16.07 1.78 11.35
CA PRO C 35 14.98 2.01 10.40
C PRO C 35 14.49 3.45 10.36
N ASP C 36 14.31 4.02 11.54
CA ASP C 36 13.91 5.44 11.68
C ASP C 36 14.86 6.34 10.88
N LYS C 37 16.15 6.05 11.01
CA LYS C 37 17.22 6.82 10.36
C LYS C 37 17.38 6.45 8.90
N MET C 38 17.09 5.19 8.60
CA MET C 38 17.10 4.69 7.23
C MET C 38 16.12 5.48 6.37
N CYS C 39 14.99 5.81 6.98
CA CYS C 39 13.96 6.64 6.35
C CYS C 39 14.49 8.03 6.09
N ASP C 40 14.95 8.66 7.17
CA ASP C 40 15.54 10.01 7.12
C ASP C 40 16.48 10.10 5.92
N GLN C 41 17.38 9.12 5.82
CA GLN C 41 18.36 9.03 4.72
C GLN C 41 17.68 8.96 3.36
N ILE C 42 16.80 7.97 3.22
CA ILE C 42 16.09 7.72 1.95
C ILE C 42 15.37 8.97 1.46
N SER C 43 14.68 9.61 2.40
CA SER C 43 13.91 10.84 2.12
C SER C 43 14.81 11.93 1.55
N ASP C 44 15.95 12.12 2.19
CA ASP C 44 16.91 13.16 1.79
C ASP C 44 17.65 12.76 0.52
N ALA C 45 17.68 11.45 0.26
CA ALA C 45 18.23 10.91 -0.99
C ALA C 45 17.38 11.39 -2.17
N ILE C 46 16.07 11.35 -1.98
CA ILE C 46 15.12 11.79 -2.99
C ILE C 46 15.30 13.29 -3.24
N LEU C 47 15.35 14.05 -2.15
CA LEU C 47 15.56 15.50 -2.20
C LEU C 47 16.78 15.86 -3.05
N ASP C 48 17.92 15.27 -2.68
CA ASP C 48 19.19 15.46 -3.38
C ASP C 48 19.00 15.18 -4.87
N ALA C 49 18.45 14.01 -5.15
CA ALA C 49 18.13 13.58 -6.51
C ALA C 49 17.43 14.66 -7.30
N CYS C 50 16.54 15.38 -6.61
CA CYS C 50 15.74 16.44 -7.23
C CYS C 50 16.58 17.70 -7.48
N LEU C 51 17.16 18.21 -6.41
CA LEU C 51 17.97 19.45 -6.47
C LEU C 51 19.08 19.34 -7.52
N ALA C 52 19.53 18.12 -7.73
CA ALA C 52 20.58 17.81 -8.70
C ALA C 52 20.25 18.36 -10.08
N GLN C 53 19.01 18.12 -10.51
CA GLN C 53 18.55 18.57 -11.83
C GLN C 53 17.90 19.94 -11.75
N ASP C 54 17.11 20.14 -10.69
CA ASP C 54 16.30 21.36 -10.50
C ASP C 54 16.50 21.92 -9.09
N PRO C 55 17.41 22.90 -8.95
CA PRO C 55 17.69 23.48 -7.64
C PRO C 55 16.50 24.19 -7.02
N LYS C 56 15.62 24.72 -7.88
CA LYS C 56 14.40 25.39 -7.43
C LYS C 56 13.30 24.41 -7.05
N SER C 57 13.65 23.13 -6.91
CA SER C 57 12.68 22.08 -6.58
C SER C 57 12.05 22.29 -5.21
N HIS C 58 10.83 21.80 -5.10
CA HIS C 58 10.09 21.80 -3.84
C HIS C 58 9.73 20.35 -3.48
N VAL C 59 10.29 19.89 -2.37
CA VAL C 59 10.14 18.51 -1.90
C VAL C 59 9.72 18.43 -0.43
N ALA C 60 8.50 17.94 -0.22
CA ALA C 60 7.97 17.70 1.12
C ALA C 60 7.52 16.24 1.22
N CYS C 61 8.49 15.35 1.27
CA CYS C 61 8.19 13.92 1.23
C CYS C 61 8.81 13.11 2.38
N GLU C 62 8.11 12.04 2.75
CA GLU C 62 8.49 11.16 3.87
C GLU C 62 8.51 9.69 3.50
N THR C 63 9.33 8.95 4.24
CA THR C 63 9.46 7.51 4.07
C THR C 63 8.99 6.76 5.31
N ALA C 64 8.34 5.63 5.06
CA ALA C 64 7.94 4.69 6.10
C ALA C 64 8.37 3.29 5.69
N THR C 65 8.91 2.52 6.63
CA THR C 65 9.40 1.17 6.36
C THR C 65 9.03 0.14 7.42
N LYS C 66 8.75 -1.07 6.98
CA LYS C 66 8.43 -2.15 7.91
C LYS C 66 9.01 -3.49 7.48
N THR C 67 8.23 -4.55 7.58
CA THR C 67 8.88 -5.84 7.56
C THR C 67 9.62 -6.12 6.25
N GLY C 68 8.94 -6.02 5.12
CA GLY C 68 9.62 -6.30 3.87
C GLY C 68 9.43 -5.18 2.87
N LEU C 69 9.18 -3.99 3.42
CA LEU C 69 8.61 -2.92 2.66
C LEU C 69 9.20 -1.58 2.93
N ILE C 70 9.22 -0.80 1.87
CA ILE C 70 9.47 0.64 1.96
C ILE C 70 8.35 1.37 1.25
N LEU C 71 7.71 2.27 1.98
CA LEU C 71 6.64 3.11 1.43
C LEU C 71 7.07 4.56 1.45
N VAL C 72 7.29 5.10 0.25
CA VAL C 72 7.59 6.52 0.09
C VAL C 72 6.32 7.27 -0.20
N LEU C 73 6.07 8.27 0.62
CA LEU C 73 4.86 9.06 0.53
C LEU C 73 5.12 10.52 0.78
N GLY C 74 4.46 11.37 0.01
CA GLY C 74 4.66 12.81 0.11
C GLY C 74 4.39 13.52 -1.19
N GLU C 75 4.84 14.76 -1.29
CA GLU C 75 4.60 15.60 -2.46
C GLU C 75 5.87 16.28 -2.92
N ILE C 76 6.06 16.35 -4.23
CA ILE C 76 7.22 17.05 -4.82
C ILE C 76 6.87 17.83 -6.09
N THR C 77 7.03 19.14 -6.03
CA THR C 77 6.96 20.01 -7.22
C THR C 77 8.35 20.19 -7.81
N THR C 78 8.54 19.66 -9.01
CA THR C 78 9.86 19.71 -9.67
C THR C 78 9.85 19.37 -11.16
N ASN C 79 10.88 19.85 -11.84
CA ASN C 79 11.09 19.56 -13.25
C ASN C 79 11.95 18.32 -13.44
N ALA C 80 12.66 17.95 -12.38
CA ALA C 80 13.59 16.83 -12.40
C ALA C 80 12.89 15.51 -12.72
N VAL C 81 13.48 14.77 -13.65
CA VAL C 81 13.01 13.43 -13.98
C VAL C 81 13.75 12.42 -13.11
N ILE C 82 13.03 11.87 -12.13
CA ILE C 82 13.64 11.05 -11.09
C ILE C 82 13.12 9.61 -11.09
N ASP C 83 14.02 8.68 -10.78
CA ASP C 83 13.67 7.26 -10.60
C ASP C 83 13.68 6.93 -9.10
N ILE C 84 12.56 7.20 -8.45
CA ILE C 84 12.43 7.06 -6.99
C ILE C 84 12.78 5.66 -6.43
N PRO C 85 12.16 4.60 -6.95
CA PRO C 85 12.44 3.25 -6.45
C PRO C 85 13.91 2.90 -6.51
N LYS C 86 14.56 3.35 -7.59
CA LYS C 86 15.97 3.04 -7.83
C LYS C 86 16.85 3.80 -6.83
N ILE C 87 16.49 5.05 -6.56
CA ILE C 87 17.18 5.86 -5.54
C ILE C 87 17.10 5.13 -4.21
N VAL C 88 15.86 4.84 -3.83
CA VAL C 88 15.55 4.15 -2.57
C VAL C 88 16.45 2.93 -2.40
N ARG C 89 16.35 2.01 -3.36
CA ARG C 89 17.10 0.75 -3.33
C ARG C 89 18.59 1.02 -3.14
N GLY C 90 19.10 1.99 -3.89
CA GLY C 90 20.50 2.39 -3.82
C GLY C 90 20.95 2.80 -2.43
N VAL C 91 20.05 3.46 -1.72
CA VAL C 91 20.33 3.94 -0.36
C VAL C 91 20.39 2.75 0.60
N VAL C 92 19.43 1.85 0.47
CA VAL C 92 19.36 0.65 1.31
C VAL C 92 20.59 -0.22 1.11
N LYS C 93 21.01 -0.33 -0.14
CA LYS C 93 22.20 -1.11 -0.50
C LYS C 93 23.41 -0.51 0.19
N SER C 94 23.60 0.78 -0.05
CA SER C 94 24.70 1.55 0.55
C SER C 94 24.81 1.34 2.05
N ILE C 95 23.66 1.27 2.71
CA ILE C 95 23.59 1.09 4.16
C ILE C 95 24.05 -0.32 4.57
N GLY C 96 23.99 -1.25 3.62
CA GLY C 96 24.52 -2.62 3.81
C GLY C 96 23.48 -3.74 3.85
N TYR C 97 22.22 -3.40 3.64
CA TYR C 97 21.13 -4.37 3.71
C TYR C 97 20.97 -5.12 2.38
N ASP C 98 21.82 -6.13 2.21
CA ASP C 98 21.83 -6.96 0.99
C ASP C 98 21.36 -8.40 1.20
N ASP C 99 21.02 -8.73 2.44
CA ASP C 99 20.62 -10.10 2.82
C ASP C 99 19.37 -10.12 3.69
N THR C 100 18.45 -11.01 3.37
CA THR C 100 17.22 -11.16 4.17
C THR C 100 17.52 -11.63 5.59
N ASN C 101 18.58 -12.42 5.72
CA ASN C 101 19.05 -12.91 7.01
C ASN C 101 19.56 -11.77 7.88
N LYS C 102 19.98 -10.69 7.22
CA LYS C 102 20.43 -9.46 7.92
C LYS C 102 19.24 -8.64 8.41
N GLY C 103 18.06 -9.00 7.94
CA GLY C 103 16.81 -8.33 8.31
C GLY C 103 16.23 -7.46 7.22
N PHE C 104 17.04 -7.17 6.20
CA PHE C 104 16.57 -6.41 5.03
C PHE C 104 17.43 -6.63 3.79
N ASP C 105 16.75 -6.61 2.65
CA ASP C 105 17.41 -6.84 1.37
C ASP C 105 16.96 -5.80 0.34
N TYR C 106 17.90 -4.95 -0.05
CA TYR C 106 17.63 -3.90 -1.03
C TYR C 106 17.18 -4.46 -2.37
N GLN C 107 17.64 -5.67 -2.66
CA GLN C 107 17.34 -6.28 -3.96
C GLN C 107 15.97 -6.89 -4.07
N THR C 108 15.44 -7.37 -2.95
CA THR C 108 14.20 -8.16 -2.95
C THR C 108 13.02 -7.50 -2.25
N CYS C 109 13.28 -6.44 -1.51
CA CYS C 109 12.23 -5.72 -0.80
C CYS C 109 11.30 -4.99 -1.75
N SER C 110 10.10 -4.68 -1.26
CA SER C 110 9.08 -3.99 -2.04
C SER C 110 9.10 -2.49 -1.81
N VAL C 111 8.83 -1.75 -2.88
CA VAL C 111 8.85 -0.28 -2.86
C VAL C 111 7.54 0.30 -3.41
N LEU C 112 6.72 0.81 -2.49
CA LEU C 112 5.46 1.49 -2.85
C LEU C 112 5.66 2.99 -2.88
N SER C 113 5.41 3.58 -4.04
CA SER C 113 5.50 5.02 -4.20
C SER C 113 4.10 5.63 -4.21
N CYS C 114 3.84 6.45 -3.21
CA CYS C 114 2.61 7.23 -3.13
C CYS C 114 2.92 8.71 -3.15
N VAL C 115 3.92 9.08 -3.91
CA VAL C 115 4.32 10.49 -4.04
C VAL C 115 3.62 11.13 -5.22
N GLU C 116 3.08 12.33 -4.99
CA GLU C 116 2.36 13.08 -6.03
C GLU C 116 3.27 14.14 -6.65
N GLN C 117 3.70 13.86 -7.87
CA GLN C 117 4.71 14.68 -8.55
C GLN C 117 4.09 15.70 -9.49
N GLN C 118 4.72 16.86 -9.56
CA GLN C 118 4.28 17.97 -10.41
C GLN C 118 5.40 18.61 -11.23
N SER C 119 5.00 19.45 -12.18
CA SER C 119 5.93 19.99 -13.20
C SER C 119 6.28 21.45 -12.99
N GLN C 120 5.41 22.19 -12.29
CA GLN C 120 5.67 23.60 -11.92
C GLN C 120 5.98 24.56 -13.09
N ASP C 121 5.99 24.05 -14.32
CA ASP C 121 6.74 24.66 -15.44
C ASP C 121 6.42 26.14 -15.73
N ILE C 122 5.15 26.46 -15.93
CA ILE C 122 4.75 27.84 -16.26
C ILE C 122 3.23 28.01 -16.34
N ASP C 134 10.81 39.08 -0.80
CA ASP C 134 11.26 37.74 -1.12
C ASP C 134 10.53 36.70 -0.26
N ILE C 135 9.83 35.79 -0.91
CA ILE C 135 9.50 34.47 -0.32
C ILE C 135 8.84 34.42 1.09
N GLY C 136 7.55 34.69 1.20
CA GLY C 136 6.89 34.52 2.51
C GLY C 136 7.12 33.07 2.95
N ALA C 137 7.40 32.90 4.25
CA ALA C 137 7.69 31.58 4.81
C ALA C 137 6.57 30.65 4.40
N GLY C 138 6.92 29.39 4.14
CA GLY C 138 5.94 28.40 3.66
C GLY C 138 5.05 27.79 4.73
N ASP C 139 5.41 27.98 5.99
CA ASP C 139 4.65 27.41 7.09
C ASP C 139 5.01 28.12 8.36
N GLN C 140 4.14 27.98 9.35
CA GLN C 140 4.38 28.64 10.61
C GLN C 140 5.20 27.67 11.41
N GLY C 141 5.88 28.17 12.43
CA GLY C 141 6.72 27.29 13.25
C GLY C 141 7.64 27.93 14.25
N ILE C 142 8.37 27.04 14.91
CA ILE C 142 9.32 27.40 15.95
C ILE C 142 10.61 26.63 15.70
N MET C 143 11.75 27.32 15.86
CA MET C 143 13.07 26.75 15.56
C MET C 143 14.13 27.21 16.54
N PHE C 144 15.11 26.34 16.75
CA PHE C 144 16.12 26.54 17.77
C PHE C 144 17.56 26.38 17.28
N GLY C 145 18.40 27.28 17.77
CA GLY C 145 19.84 27.26 17.50
C GLY C 145 20.60 27.11 18.80
N TYR C 146 21.59 26.22 18.81
CA TYR C 146 22.40 25.98 20.00
C TYR C 146 23.89 25.88 19.71
N ALA C 147 24.68 26.30 20.68
CA ALA C 147 26.13 26.31 20.57
C ALA C 147 26.81 26.37 21.95
N THR C 148 27.86 25.56 22.10
CA THR C 148 28.64 25.52 23.35
C THR C 148 30.13 25.37 23.08
N ASP C 149 30.91 26.28 23.66
CA ASP C 149 32.36 26.34 23.45
C ASP C 149 33.13 25.26 24.22
N GLU C 150 32.39 24.38 24.89
CA GLU C 150 32.95 23.20 25.57
C GLU C 150 33.73 22.27 24.63
N SER C 151 33.43 22.37 23.34
CA SER C 151 34.08 21.56 22.29
C SER C 151 34.44 22.37 21.06
N LYS C 152 35.39 21.85 20.28
CA LYS C 152 35.86 22.54 19.08
C LYS C 152 34.74 22.70 18.07
N GLU C 153 33.87 21.71 18.04
CA GLU C 153 32.74 21.67 17.10
C GLU C 153 31.60 22.54 17.57
N MET C 154 31.81 23.19 18.69
CA MET C 154 30.82 24.07 19.33
C MET C 154 29.57 23.29 19.69
N MET C 155 29.76 22.03 20.06
CA MET C 155 28.65 21.10 20.36
C MET C 155 28.79 20.44 21.73
N PRO C 156 27.67 19.96 22.27
CA PRO C 156 27.74 19.22 23.52
C PRO C 156 28.59 17.98 23.37
N LEU C 157 29.62 17.89 24.21
CA LEU C 157 30.55 16.76 24.19
C LEU C 157 29.77 15.44 24.30
N THR C 158 28.79 15.44 25.19
CA THR C 158 27.92 14.30 25.42
C THR C 158 27.32 13.75 24.12
N HIS C 159 26.95 14.66 23.22
CA HIS C 159 26.34 14.30 21.94
C HIS C 159 27.40 13.89 20.93
N VAL C 160 28.48 14.67 20.89
CA VAL C 160 29.61 14.42 19.98
C VAL C 160 30.10 12.98 20.10
N LEU C 161 30.47 12.62 21.33
CA LEU C 161 30.98 11.28 21.62
C LEU C 161 30.00 10.21 21.20
N SER C 162 28.78 10.33 21.71
CA SER C 162 27.66 9.41 21.38
C SER C 162 27.56 9.09 19.90
N THR C 163 27.71 10.12 19.08
CA THR C 163 27.58 9.99 17.62
C THR C 163 28.87 9.49 16.98
N LYS C 164 30.00 9.96 17.49
CA LYS C 164 31.32 9.50 17.02
C LYS C 164 31.42 8.00 17.24
N LEU C 165 31.00 7.59 18.44
CA LEU C 165 30.89 6.18 18.82
C LEU C 165 30.24 5.37 17.71
N ILE C 166 29.21 5.95 17.11
CA ILE C 166 28.37 5.29 16.10
C ILE C 166 29.02 5.31 14.71
N LEU C 167 29.61 6.45 14.37
CA LEU C 167 30.30 6.60 13.08
C LEU C 167 31.44 5.58 12.99
N ARG C 168 32.06 5.33 14.14
CA ARG C 168 33.16 4.38 14.23
C ARG C 168 32.69 2.95 13.97
N LEU C 169 31.48 2.63 14.43
CA LEU C 169 30.90 1.30 14.19
C LEU C 169 30.69 1.08 12.70
N GLN C 170 30.35 2.18 12.02
CA GLN C 170 30.21 2.18 10.57
C GLN C 170 31.58 1.87 9.95
N GLU C 171 32.55 2.72 10.26
CA GLU C 171 33.94 2.56 9.77
C GLU C 171 34.33 1.10 9.89
N CYS C 172 34.17 0.57 11.09
CA CYS C 172 34.53 -0.82 11.41
C CYS C 172 33.78 -1.81 10.54
N ARG C 173 32.49 -1.59 10.37
CA ARG C 173 31.65 -2.47 9.56
C ARG C 173 32.11 -2.45 8.11
N GLU C 174 32.23 -1.25 7.57
CA GLU C 174 32.51 -1.04 6.14
C GLU C 174 33.94 -1.45 5.80
N LYS C 175 34.88 -0.99 6.62
CA LYS C 175 36.31 -1.21 6.38
C LYS C 175 36.79 -2.62 6.73
N GLY C 176 35.92 -3.38 7.36
CA GLY C 176 36.21 -4.78 7.69
C GLY C 176 36.98 -4.95 9.00
N ILE C 177 37.28 -3.82 9.64
CA ILE C 177 37.97 -3.81 10.95
C ILE C 177 37.23 -4.71 11.95
N LEU C 178 35.94 -4.89 11.74
CA LEU C 178 35.09 -5.76 12.56
C LEU C 178 33.99 -6.38 11.69
N PRO C 179 34.36 -7.37 10.87
CA PRO C 179 33.46 -7.89 9.84
C PRO C 179 32.15 -8.52 10.35
N TRP C 180 32.19 -9.05 11.57
CA TRP C 180 30.99 -9.66 12.19
C TRP C 180 29.89 -8.63 12.48
N LEU C 181 30.27 -7.36 12.47
CA LEU C 181 29.35 -6.24 12.71
C LEU C 181 28.22 -6.17 11.67
N ARG C 182 27.10 -5.57 12.08
CA ARG C 182 25.91 -5.41 11.23
C ARG C 182 25.31 -3.98 11.38
N PRO C 183 24.55 -3.53 10.39
CA PRO C 183 24.24 -2.10 10.28
C PRO C 183 23.38 -1.53 11.39
N ASP C 184 22.32 -2.23 11.76
CA ASP C 184 21.42 -1.73 12.80
C ASP C 184 22.11 -1.67 14.15
N SER C 185 22.41 -0.46 14.58
CA SER C 185 23.10 -0.25 15.84
C SER C 185 22.70 1.05 16.53
N LYS C 186 23.06 1.13 17.80
CA LYS C 186 22.60 2.19 18.70
C LYS C 186 23.62 2.44 19.81
N SER C 187 23.72 3.69 20.25
CA SER C 187 24.68 4.08 21.29
C SER C 187 24.12 5.10 22.27
N GLN C 188 24.86 5.28 23.36
CA GLN C 188 24.45 6.16 24.46
C GLN C 188 25.62 6.51 25.38
N VAL C 189 25.94 7.80 25.44
CA VAL C 189 27.07 8.28 26.25
C VAL C 189 26.61 9.23 27.35
N THR C 190 26.53 8.69 28.56
CA THR C 190 26.22 9.52 29.72
C THR C 190 27.52 9.90 30.39
N LEU C 191 27.71 11.19 30.59
CA LEU C 191 28.99 11.66 31.10
C LEU C 191 28.86 12.70 32.21
N GLU C 192 29.91 12.78 33.00
CA GLU C 192 29.97 13.72 34.10
C GLU C 192 30.43 15.09 33.65
N TYR C 193 29.91 16.10 34.33
CA TYR C 193 30.21 17.51 34.05
C TYR C 193 30.57 18.34 35.27
N GLU C 194 31.02 19.55 35.00
CA GLU C 194 31.16 20.61 36.00
C GLU C 194 30.97 21.95 35.31
N GLU C 195 30.34 22.88 36.01
CA GLU C 195 30.05 24.21 35.48
C GLU C 195 30.77 25.30 36.27
N VAL C 196 31.68 25.99 35.59
CA VAL C 196 32.46 27.09 36.16
C VAL C 196 31.76 28.43 35.89
N GLU C 197 30.64 28.64 36.58
CA GLU C 197 29.86 29.87 36.49
C GLU C 197 29.32 30.08 35.08
N GLY C 198 28.84 29.00 34.48
CA GLY C 198 28.25 28.99 33.12
C GLY C 198 29.08 28.27 32.07
N HIS C 199 30.38 28.17 32.31
CA HIS C 199 31.30 27.46 31.40
C HIS C 199 31.34 25.97 31.74
N LEU C 200 30.98 25.14 30.77
CA LEU C 200 30.93 23.68 30.97
C LEU C 200 32.28 23.03 30.69
N LYS C 201 32.89 22.49 31.75
CA LYS C 201 34.10 21.69 31.65
C LYS C 201 33.79 20.23 31.99
N PRO C 202 33.84 19.33 31.00
CA PRO C 202 33.58 17.92 31.26
C PRO C 202 34.75 17.24 31.96
N ILE C 203 34.43 16.29 32.84
CA ILE C 203 35.43 15.64 33.70
C ILE C 203 35.73 14.21 33.24
N ARG C 204 34.68 13.41 33.15
CA ARG C 204 34.82 11.97 32.80
C ARG C 204 33.53 11.34 32.29
N VAL C 205 33.69 10.33 31.45
CA VAL C 205 32.55 9.54 30.98
C VAL C 205 32.14 8.53 32.06
N HIS C 206 31.04 8.84 32.74
CA HIS C 206 30.56 8.01 33.87
C HIS C 206 30.19 6.60 33.42
N THR C 207 29.26 6.53 32.48
CA THR C 207 28.81 5.24 31.92
C THR C 207 28.73 5.27 30.40
N ILE C 208 28.73 4.08 29.81
CA ILE C 208 28.65 3.93 28.35
C ILE C 208 27.78 2.75 27.95
N VAL C 209 27.00 2.98 26.89
CA VAL C 209 26.12 1.97 26.32
C VAL C 209 26.35 1.85 24.82
N ILE C 210 26.26 0.62 24.33
CA ILE C 210 26.29 0.36 22.90
C ILE C 210 25.67 -1.00 22.56
N SER C 211 24.60 -0.93 21.78
CA SER C 211 23.85 -2.11 21.34
C SER C 211 23.90 -2.21 19.83
N THR C 212 24.74 -3.12 19.34
CA THR C 212 24.85 -3.34 17.90
C THR C 212 24.25 -4.66 17.44
N GLN C 213 23.82 -4.67 16.19
CA GLN C 213 23.44 -5.91 15.51
C GLN C 213 24.72 -6.63 15.09
N HIS C 214 24.63 -7.94 14.90
CA HIS C 214 25.79 -8.75 14.50
C HIS C 214 25.44 -10.09 13.86
N ALA C 215 26.44 -10.66 13.20
CA ALA C 215 26.33 -12.01 12.64
C ALA C 215 26.25 -13.05 13.76
N ASP C 216 25.58 -14.16 13.48
CA ASP C 216 25.43 -15.24 14.46
C ASP C 216 26.74 -15.99 14.70
N ASN C 217 27.67 -15.84 13.77
CA ASN C 217 28.96 -16.56 13.86
C ASN C 217 29.98 -15.87 14.78
N VAL C 218 29.49 -15.19 15.82
CA VAL C 218 30.37 -14.45 16.74
C VAL C 218 30.01 -14.67 18.21
N SER C 219 31.06 -14.75 19.02
CA SER C 219 30.93 -15.01 20.46
C SER C 219 30.57 -13.74 21.21
N ASN C 220 29.68 -13.88 22.19
CA ASN C 220 29.33 -12.77 23.11
C ASN C 220 30.56 -12.13 23.73
N GLU C 221 31.50 -12.98 24.12
CA GLU C 221 32.77 -12.53 24.69
C GLU C 221 33.61 -11.81 23.64
N GLU C 222 33.59 -12.35 22.43
CA GLU C 222 34.33 -11.80 21.31
C GLU C 222 33.83 -10.40 20.94
N ILE C 223 32.53 -10.18 21.11
CA ILE C 223 31.89 -8.89 20.81
C ILE C 223 32.42 -7.81 21.74
N ALA C 224 32.32 -8.09 23.04
CA ALA C 224 32.75 -7.15 24.08
C ALA C 224 34.19 -6.73 23.85
N LYS C 225 35.03 -7.72 23.56
CA LYS C 225 36.45 -7.49 23.28
C LYS C 225 36.59 -6.46 22.17
N GLY C 226 36.04 -6.80 21.01
CA GLY C 226 36.17 -5.96 19.82
C GLY C 226 35.60 -4.57 20.03
N LEU C 227 34.49 -4.50 20.78
CA LEU C 227 33.81 -3.23 21.01
C LEU C 227 34.67 -2.29 21.86
N GLU C 228 35.23 -2.83 22.93
CA GLU C 228 36.09 -2.05 23.84
C GLU C 228 37.36 -1.62 23.12
N GLU C 229 37.99 -2.58 22.45
CA GLU C 229 39.31 -2.37 21.85
C GLU C 229 39.28 -1.48 20.61
N GLU C 230 38.36 -1.79 19.68
CA GLU C 230 38.38 -1.17 18.35
C GLU C 230 37.37 -0.04 18.11
N VAL C 231 36.46 0.19 19.05
CA VAL C 231 35.54 1.34 18.93
C VAL C 231 35.66 2.30 20.13
N THR C 232 35.21 1.85 21.31
CA THR C 232 35.25 2.67 22.53
C THR C 232 36.57 3.41 22.71
N GLN C 233 37.64 2.63 22.76
CA GLN C 233 39.01 3.16 23.00
C GLN C 233 39.47 4.13 21.92
N LYS C 234 39.09 3.81 20.69
CA LYS C 234 39.56 4.55 19.51
C LYS C 234 38.71 5.80 19.22
N VAL C 235 37.64 5.99 20.00
CA VAL C 235 36.78 7.20 19.87
C VAL C 235 36.73 8.03 21.14
N ILE C 236 36.59 7.37 22.30
CA ILE C 236 36.52 8.08 23.58
C ILE C 236 37.91 8.58 23.98
N PRO C 237 38.04 9.87 24.26
CA PRO C 237 39.35 10.42 24.64
C PRO C 237 39.88 9.80 25.92
N LYS C 238 41.20 9.63 25.97
CA LYS C 238 41.85 8.97 27.10
C LYS C 238 41.75 9.82 28.37
N GLU C 239 41.66 11.14 28.17
CA GLU C 239 41.50 12.10 29.27
C GLU C 239 40.22 11.82 30.06
N LEU C 240 39.16 11.54 29.32
CA LEU C 240 37.83 11.29 29.91
C LEU C 240 37.64 9.82 30.29
N MET C 241 38.51 8.97 29.74
CA MET C 241 38.42 7.52 29.97
C MET C 241 38.99 7.12 31.32
N ASP C 242 38.49 5.99 31.82
CA ASP C 242 38.75 5.51 33.18
C ASP C 242 38.75 3.99 33.28
N ASP C 243 39.19 3.49 34.43
CA ASP C 243 38.98 2.08 34.79
C ASP C 243 37.60 2.07 35.39
N LYS C 244 37.21 3.29 35.74
CA LYS C 244 36.02 3.63 36.49
C LYS C 244 34.78 3.84 35.64
N MET C 245 34.90 3.62 34.33
CA MET C 245 33.73 3.76 33.48
C MET C 245 32.89 2.47 33.27
N LEU C 246 31.58 2.64 33.40
CA LEU C 246 30.61 1.54 33.22
C LEU C 246 30.45 1.19 31.74
N ARG C 247 30.18 -0.08 31.49
CA ARG C 247 30.08 -0.60 30.12
C ARG C 247 28.89 -1.52 29.94
N TYR C 248 28.09 -1.18 28.93
CA TYR C 248 26.86 -1.88 28.60
C TYR C 248 26.87 -2.32 27.14
N TYR C 249 27.33 -3.55 26.92
CA TYR C 249 27.49 -4.07 25.56
C TYR C 249 26.43 -5.13 25.27
N ASN C 250 25.52 -4.76 24.38
CA ASN C 250 24.33 -5.57 24.06
C ASN C 250 23.70 -6.21 25.31
N PRO C 251 23.28 -5.38 26.26
CA PRO C 251 22.65 -5.88 27.48
C PRO C 251 21.33 -6.59 27.24
N SER C 252 20.73 -6.30 26.09
CA SER C 252 19.55 -7.05 25.63
C SER C 252 19.91 -8.47 25.21
N GLY C 253 21.15 -8.86 25.53
CA GLY C 253 21.65 -10.19 25.18
C GLY C 253 22.08 -10.23 23.73
N ARG C 254 21.37 -11.03 22.94
CA ARG C 254 21.74 -11.23 21.52
C ARG C 254 20.94 -10.29 20.62
N PHE C 255 21.48 -10.08 19.43
CA PHE C 255 20.94 -9.14 18.45
C PHE C 255 21.46 -9.47 17.05
N VAL C 256 20.98 -10.59 16.51
CA VAL C 256 21.40 -11.06 15.17
C VAL C 256 20.48 -10.54 14.09
N ILE C 257 19.20 -10.84 14.26
CA ILE C 257 18.18 -10.44 13.32
C ILE C 257 17.60 -9.15 13.85
N GLY C 258 17.57 -8.13 13.00
CA GLY C 258 17.16 -6.78 13.37
C GLY C 258 16.81 -5.99 12.13
N GLY C 259 17.19 -4.71 12.12
CA GLY C 259 16.87 -3.85 10.99
C GLY C 259 15.41 -3.44 11.03
N PRO C 260 14.83 -3.14 9.87
CA PRO C 260 13.42 -2.77 9.78
C PRO C 260 12.49 -3.96 9.95
N MET C 261 13.05 -5.17 9.91
CA MET C 261 12.25 -6.38 10.17
C MET C 261 11.96 -6.51 11.64
N GLY C 262 10.68 -6.40 11.98
CA GLY C 262 10.23 -6.48 13.37
C GLY C 262 9.92 -5.09 13.88
N ASP C 263 10.86 -4.18 13.72
CA ASP C 263 10.63 -2.78 14.05
C ASP C 263 10.00 -2.05 12.88
N ALA C 264 9.25 -1.00 13.21
CA ALA C 264 8.74 -0.05 12.22
C ALA C 264 9.60 1.21 12.28
N GLY C 265 9.71 1.89 11.15
CA GLY C 265 10.54 3.10 11.06
C GLY C 265 9.94 4.20 10.21
N LEU C 266 10.16 5.44 10.65
CA LEU C 266 9.58 6.62 9.99
C LEU C 266 10.57 7.76 9.89
N THR C 267 10.30 8.67 8.95
CA THR C 267 11.13 9.86 8.78
C THR C 267 10.89 10.83 9.94
N GLY C 268 11.96 11.50 10.36
CA GLY C 268 11.86 12.57 11.36
C GLY C 268 11.52 12.12 12.77
N ARG C 269 11.71 10.85 13.05
CA ARG C 269 11.41 10.30 14.38
C ARG C 269 12.61 10.38 15.32
N LYS C 270 13.79 10.55 14.74
CA LYS C 270 15.03 10.73 15.52
C LYS C 270 15.47 12.18 15.42
N ILE C 271 14.56 13.07 15.84
CA ILE C 271 14.76 14.52 15.71
C ILE C 271 15.85 15.06 16.64
N ILE C 272 16.08 14.35 17.74
CA ILE C 272 17.01 14.82 18.77
C ILE C 272 18.44 14.40 18.47
N VAL C 273 18.62 13.16 18.02
CA VAL C 273 19.96 12.68 17.60
C VAL C 273 20.42 13.46 16.36
N ASP C 274 19.45 13.92 15.58
CA ASP C 274 19.67 14.76 14.40
C ASP C 274 20.24 16.12 14.76
N THR C 275 20.04 16.55 16.01
CA THR C 275 20.40 17.91 16.44
C THR C 275 21.42 17.96 17.59
N TYR C 276 20.94 18.20 18.80
CA TYR C 276 21.82 18.53 19.96
C TYR C 276 21.74 17.57 21.15
N GLY C 277 21.15 16.39 20.94
CA GLY C 277 21.07 15.38 21.98
C GLY C 277 20.33 15.85 23.23
N GLY C 278 19.35 16.72 23.02
CA GLY C 278 18.48 17.19 24.11
C GLY C 278 19.08 18.29 24.98
N TRP C 279 20.20 18.83 24.54
CA TRP C 279 20.89 19.88 25.30
C TRP C 279 20.19 21.21 25.25
N GLY C 280 19.84 21.63 24.04
CA GLY C 280 19.18 22.91 23.84
C GLY C 280 17.67 22.78 23.95
N ALA C 281 17.01 22.97 22.81
CA ALA C 281 15.56 22.77 22.68
C ALA C 281 15.24 22.31 21.26
N HIS C 282 13.97 22.03 21.01
CA HIS C 282 13.53 21.72 19.64
C HIS C 282 12.17 22.32 19.33
N GLY C 283 11.98 22.63 18.05
CA GLY C 283 10.74 23.21 17.56
C GLY C 283 9.73 22.18 17.10
N GLY C 284 10.16 20.92 17.09
CA GLY C 284 9.32 19.80 16.62
C GLY C 284 9.51 19.45 15.15
N GLY C 285 10.26 20.29 14.44
CA GLY C 285 10.42 20.15 12.99
C GLY C 285 11.40 19.09 12.56
N ALA C 286 10.87 18.00 11.99
CA ALA C 286 11.70 16.99 11.33
C ALA C 286 12.42 17.60 10.13
N PHE C 287 13.74 17.41 10.07
CA PHE C 287 14.56 18.03 9.03
C PHE C 287 14.49 17.29 7.70
N SER C 288 14.74 15.99 7.76
CA SER C 288 14.91 15.18 6.56
C SER C 288 13.66 15.10 5.70
N GLY C 289 13.87 15.08 4.40
CA GLY C 289 12.79 14.93 3.42
C GLY C 289 12.16 16.25 3.03
N LYS C 290 12.53 17.29 3.77
CA LYS C 290 12.05 18.64 3.50
C LYS C 290 13.11 19.45 2.77
N ASP C 291 12.68 20.12 1.71
CA ASP C 291 13.56 21.06 1.00
C ASP C 291 13.81 22.28 1.87
N SER C 292 14.74 23.11 1.45
CA SER C 292 15.21 24.23 2.28
C SER C 292 14.24 25.40 2.36
N SER C 293 13.21 25.39 1.51
CA SER C 293 12.13 26.38 1.58
C SER C 293 11.30 26.21 2.85
N LYS C 294 11.33 25.00 3.39
CA LYS C 294 10.64 24.70 4.65
C LYS C 294 11.39 25.34 5.81
N VAL C 295 10.76 26.35 6.41
CA VAL C 295 11.32 27.08 7.56
C VAL C 295 11.82 26.17 8.67
N ASP C 296 11.16 25.03 8.83
CA ASP C 296 11.54 24.04 9.85
C ASP C 296 13.02 23.67 9.76
N ARG C 297 13.54 23.66 8.53
CA ARG C 297 14.93 23.32 8.27
C ARG C 297 15.81 24.56 8.26
N SER C 298 15.47 25.48 7.36
CA SER C 298 16.21 26.74 7.17
C SER C 298 16.42 27.48 8.48
N GLY C 299 15.32 27.69 9.19
CA GLY C 299 15.32 28.41 10.46
C GLY C 299 16.18 27.71 11.50
N ALA C 300 16.07 26.39 11.53
CA ALA C 300 16.87 25.56 12.44
C ALA C 300 18.36 25.67 12.11
N TYR C 301 18.67 25.76 10.83
CA TYR C 301 20.04 25.83 10.35
C TYR C 301 20.61 27.21 10.64
N CYS C 302 19.91 28.23 10.15
CA CYS C 302 20.27 29.63 10.40
C CYS C 302 20.46 29.89 11.89
N ALA C 303 19.63 29.24 12.70
CA ALA C 303 19.71 29.36 14.16
C ALA C 303 21.05 28.83 14.68
N ARG C 304 21.41 27.64 14.21
CA ARG C 304 22.73 27.06 14.53
C ARG C 304 23.83 28.04 14.14
N TRP C 305 23.72 28.56 12.91
CA TRP C 305 24.66 29.53 12.36
C TRP C 305 24.88 30.69 13.33
N ILE C 306 23.78 31.35 13.67
CA ILE C 306 23.80 32.48 14.61
C ILE C 306 24.57 32.12 15.85
N ALA C 307 24.11 31.04 16.50
CA ALA C 307 24.69 30.57 17.75
C ALA C 307 26.18 30.37 17.62
N LYS C 308 26.56 29.62 16.60
CA LYS C 308 27.97 29.31 16.32
C LYS C 308 28.77 30.60 16.15
N SER C 309 28.15 31.58 15.50
CA SER C 309 28.77 32.91 15.33
C SER C 309 28.89 33.63 16.66
N LEU C 310 27.80 33.63 17.40
CA LEU C 310 27.71 34.37 18.67
C LEU C 310 28.75 33.95 19.70
N VAL C 311 29.12 32.66 19.69
CA VAL C 311 30.11 32.13 20.63
C VAL C 311 31.52 32.28 20.06
N HIS C 312 31.60 32.40 18.74
CA HIS C 312 32.89 32.59 18.06
C HIS C 312 33.40 33.98 18.33
N ALA C 313 32.51 34.95 18.16
CA ALA C 313 32.83 36.36 18.38
C ALA C 313 33.13 36.68 19.85
N GLY C 314 33.20 35.66 20.69
CA GLY C 314 33.53 35.82 22.11
C GLY C 314 32.49 36.59 22.89
N LEU C 315 31.27 36.63 22.37
CA LEU C 315 30.16 37.34 23.05
C LEU C 315 29.66 36.55 24.25
N CYS C 316 29.89 35.23 24.22
CA CYS C 316 29.43 34.33 25.28
C CYS C 316 30.09 32.94 25.20
N HIS C 317 29.84 32.15 26.24
CA HIS C 317 30.37 30.77 26.32
C HIS C 317 29.34 29.76 25.78
N ARG C 318 28.07 30.07 26.00
CA ARG C 318 26.96 29.17 25.69
C ARG C 318 25.74 29.97 25.25
N VAL C 319 25.17 29.61 24.11
CA VAL C 319 23.92 30.24 23.63
C VAL C 319 22.90 29.25 23.16
N LEU C 320 21.64 29.69 23.28
CA LEU C 320 20.51 29.01 22.69
C LEU C 320 19.53 29.98 22.01
N VAL C 321 19.81 30.27 20.76
CA VAL C 321 18.93 31.15 20.01
C VAL C 321 17.63 30.49 19.57
N GLN C 322 16.51 31.14 19.82
CA GLN C 322 15.25 30.68 19.26
C GLN C 322 14.66 31.63 18.24
N LEU C 323 14.36 31.07 17.09
CA LEU C 323 13.63 31.79 16.02
C LEU C 323 12.20 31.31 15.93
N SER C 324 11.34 32.14 15.36
CA SER C 324 9.92 31.81 15.15
C SER C 324 9.32 32.52 13.94
N TYR C 325 8.46 31.79 13.24
CA TYR C 325 7.91 32.27 11.96
C TYR C 325 6.41 32.11 11.85
N ALA C 326 5.85 32.94 10.97
CA ALA C 326 4.43 32.91 10.64
C ALA C 326 4.24 32.46 9.19
N ILE C 327 3.21 31.66 8.96
CA ILE C 327 2.90 31.18 7.60
C ILE C 327 2.58 32.37 6.70
N GLY C 328 3.17 32.36 5.51
CA GLY C 328 2.97 33.44 4.53
C GLY C 328 3.67 34.75 4.85
N VAL C 329 4.29 34.85 6.02
CA VAL C 329 5.01 36.07 6.42
C VAL C 329 6.53 35.90 6.32
N SER C 330 7.14 36.74 5.48
CA SER C 330 8.56 36.62 5.13
C SER C 330 9.49 36.79 6.32
N HIS C 331 9.28 37.85 7.09
CA HIS C 331 10.17 38.14 8.23
C HIS C 331 9.87 37.29 9.44
N PRO C 332 10.87 37.09 10.30
CA PRO C 332 10.66 36.32 11.52
C PRO C 332 9.72 37.04 12.45
N LEU C 333 8.73 36.31 12.94
CA LEU C 333 7.67 36.84 13.80
C LEU C 333 8.18 37.21 15.18
N SER C 334 9.22 36.48 15.60
CA SER C 334 9.82 36.67 16.92
C SER C 334 11.26 36.16 16.95
N ILE C 335 11.98 36.61 17.97
CA ILE C 335 13.41 36.26 18.14
C ILE C 335 13.81 36.27 19.62
N ASN C 336 14.67 35.32 19.99
CA ASN C 336 15.17 35.19 21.36
C ASN C 336 16.55 34.56 21.39
N VAL C 337 17.45 35.16 22.17
CA VAL C 337 18.78 34.60 22.40
C VAL C 337 19.00 34.36 23.88
N ASN C 338 18.96 33.10 24.28
CA ASN C 338 19.20 32.72 25.68
C ASN C 338 20.60 32.22 25.94
N THR C 339 21.49 33.14 26.28
CA THR C 339 22.79 32.79 26.84
C THR C 339 22.59 32.42 28.30
N TYR C 340 23.27 31.36 28.73
CA TYR C 340 23.04 30.80 30.08
C TYR C 340 23.80 31.57 31.15
N GLY C 341 23.59 32.88 31.17
CA GLY C 341 24.25 33.77 32.14
C GLY C 341 25.74 33.88 31.87
N THR C 342 26.15 33.28 30.77
CA THR C 342 27.56 33.19 30.40
C THR C 342 28.04 34.37 29.56
N GLY C 343 27.08 34.93 28.85
CA GLY C 343 27.35 35.96 27.87
C GLY C 343 27.59 37.33 28.47
N ILE C 344 28.72 37.93 28.11
CA ILE C 344 29.21 39.15 28.76
C ILE C 344 28.36 40.40 28.55
N CYS C 345 27.92 40.57 27.32
CA CYS C 345 27.12 41.72 27.02
C CYS C 345 25.79 41.32 27.62
N ASP C 346 24.67 41.82 27.13
CA ASP C 346 23.39 41.37 27.66
C ASP C 346 22.29 41.32 26.60
N GLU C 347 21.34 40.47 26.91
CA GLU C 347 20.43 39.87 25.91
C GLU C 347 19.67 40.86 25.07
N SER C 348 19.35 42.01 25.64
CA SER C 348 18.67 43.00 24.86
C SER C 348 19.61 43.38 23.74
N ILE C 349 20.91 43.42 24.04
CA ILE C 349 21.90 43.84 23.05
C ILE C 349 22.11 42.77 22.01
N LEU C 350 22.32 41.53 22.49
CA LEU C 350 22.59 40.39 21.61
C LEU C 350 21.51 40.29 20.55
N VAL C 351 20.26 40.25 21.02
CA VAL C 351 19.09 40.15 20.14
C VAL C 351 19.17 41.15 18.98
N ASP C 352 19.72 42.32 19.29
CA ASP C 352 19.94 43.36 18.28
C ASP C 352 21.04 42.97 17.32
N ILE C 353 22.20 42.63 17.88
CA ILE C 353 23.39 42.28 17.09
C ILE C 353 23.05 41.25 16.03
N VAL C 354 22.31 40.25 16.47
CA VAL C 354 21.82 39.20 15.59
C VAL C 354 21.05 39.80 14.41
N ASN C 355 20.05 40.61 14.75
CA ASN C 355 19.15 41.23 13.76
C ASN C 355 19.88 42.08 12.72
N LYS C 356 20.92 42.75 13.18
CA LYS C 356 21.69 43.69 12.35
C LYS C 356 22.50 42.96 11.28
N ASN C 357 23.04 41.81 11.66
CA ASN C 357 24.06 41.10 10.88
C ASN C 357 23.52 39.93 10.07
N PHE C 358 22.30 39.49 10.42
CA PHE C 358 21.68 38.33 9.77
C PHE C 358 20.37 38.67 9.07
N ASP C 359 20.20 38.13 7.87
CA ASP C 359 18.93 38.24 7.13
C ASP C 359 18.18 36.93 7.28
N MET C 360 17.23 36.92 8.21
CA MET C 360 16.54 35.68 8.61
C MET C 360 15.29 35.38 7.78
N ARG C 361 15.16 36.07 6.66
CA ARG C 361 14.11 35.75 5.68
C ARG C 361 14.45 34.41 5.04
N PRO C 362 13.55 33.43 5.13
CA PRO C 362 13.78 32.11 4.55
C PRO C 362 14.44 32.15 3.18
N GLY C 363 13.91 33.03 2.32
CA GLY C 363 14.41 33.18 0.96
C GLY C 363 15.90 33.44 0.90
N MET C 364 16.37 34.28 1.81
CA MET C 364 17.77 34.70 1.84
C MET C 364 18.64 33.64 2.52
N ILE C 365 18.11 33.01 3.56
CA ILE C 365 18.79 31.89 4.25
C ILE C 365 19.26 30.85 3.27
N ILE C 366 18.38 30.54 2.32
CA ILE C 366 18.68 29.57 1.25
C ILE C 366 19.89 30.03 0.44
N LYS C 367 19.87 31.29 0.05
CA LYS C 367 20.93 31.90 -0.76
C LYS C 367 22.27 31.91 -0.03
N GLU C 368 22.24 32.41 1.20
CA GLU C 368 23.46 32.66 1.98
C GLU C 368 24.13 31.36 2.41
N LEU C 369 23.30 30.37 2.73
CA LEU C 369 23.79 29.07 3.21
C LEU C 369 23.89 28.03 2.08
N GLY C 370 23.56 28.46 0.87
CA GLY C 370 23.64 27.59 -0.32
C GLY C 370 22.87 26.30 -0.12
N LEU C 371 21.59 26.45 0.19
CA LEU C 371 20.71 25.32 0.52
C LEU C 371 19.97 24.77 -0.69
N THR C 372 20.32 25.25 -1.87
CA THR C 372 19.74 24.75 -3.12
C THR C 372 20.57 23.58 -3.66
N ARG C 373 21.61 23.26 -2.93
CA ARG C 373 22.57 22.26 -3.34
C ARG C 373 22.08 20.85 -2.98
N PRO C 374 22.68 19.82 -3.58
CA PRO C 374 22.38 18.46 -3.15
C PRO C 374 23.42 17.99 -2.18
N ILE C 375 23.24 18.41 -0.94
CA ILE C 375 24.14 18.01 0.16
C ILE C 375 23.41 17.32 1.30
N PHE C 376 22.12 17.11 1.13
CA PHE C 376 21.23 16.80 2.24
C PHE C 376 21.17 15.32 2.64
N GLN C 377 21.58 14.45 1.74
CA GLN C 377 21.57 13.01 2.04
C GLN C 377 22.53 12.69 3.18
N LYS C 378 23.74 13.22 3.06
CA LYS C 378 24.79 12.99 4.05
C LYS C 378 24.51 13.66 5.39
N THR C 379 23.61 14.63 5.38
CA THR C 379 23.13 15.29 6.59
C THR C 379 22.28 14.35 7.44
N ALA C 380 21.69 13.36 6.78
CA ALA C 380 20.66 12.49 7.38
C ALA C 380 21.20 11.51 8.42
N VAL C 381 22.51 11.43 8.57
CA VAL C 381 23.11 10.53 9.56
C VAL C 381 24.31 11.16 10.27
N GLY C 382 24.51 10.75 11.51
CA GLY C 382 25.60 11.28 12.33
C GLY C 382 25.41 12.73 12.71
N GLY C 383 24.15 13.20 12.65
CA GLY C 383 23.78 14.53 13.13
C GLY C 383 23.96 15.63 12.11
N HIS C 384 23.04 16.58 12.13
CA HIS C 384 23.06 17.71 11.20
C HIS C 384 24.07 18.77 11.62
N PHE C 385 24.42 18.76 12.91
CA PHE C 385 25.31 19.78 13.47
C PHE C 385 26.56 19.20 14.12
N GLY C 386 27.59 20.04 14.17
CA GLY C 386 28.89 19.67 14.73
C GLY C 386 29.89 19.20 13.69
N ARG C 387 29.41 19.03 12.46
CA ARG C 387 30.27 18.50 11.39
C ARG C 387 30.74 19.60 10.46
N ASN C 388 32.05 19.63 10.25
CA ASN C 388 32.70 20.72 9.52
C ASN C 388 32.98 20.35 8.07
N ASP C 389 31.99 19.72 7.43
CA ASP C 389 31.99 19.51 5.98
C ASP C 389 31.88 20.87 5.30
N PRO C 390 32.64 21.09 4.22
CA PRO C 390 32.64 22.37 3.53
C PRO C 390 31.27 22.83 3.05
N ASP C 391 30.44 21.87 2.64
CA ASP C 391 29.11 22.17 2.09
C ASP C 391 28.13 22.66 3.16
N PHE C 392 28.43 22.32 4.41
CA PHE C 392 27.60 22.74 5.55
C PHE C 392 27.90 24.19 5.89
N LYS C 393 27.39 25.09 5.05
CA LYS C 393 27.69 26.53 5.12
C LYS C 393 27.23 27.20 6.42
N TRP C 394 26.51 26.45 7.24
CA TRP C 394 25.99 26.95 8.53
C TRP C 394 26.93 26.66 9.70
N GLU C 395 27.98 25.89 9.44
CA GLU C 395 28.97 25.53 10.47
C GLU C 395 30.18 26.45 10.47
N PHE C 396 30.29 27.27 9.42
CA PHE C 396 31.35 28.27 9.35
C PHE C 396 30.75 29.60 9.77
N PRO C 397 31.22 30.16 10.88
CA PRO C 397 30.59 31.35 11.43
C PRO C 397 30.63 32.57 10.54
N LYS C 398 29.87 33.57 10.97
CA LYS C 398 29.88 34.88 10.35
C LYS C 398 30.73 35.82 11.19
N GLU C 399 31.05 36.97 10.58
CA GLU C 399 31.80 38.02 11.27
C GLU C 399 30.89 39.21 11.44
N LEU C 400 30.66 39.57 12.69
CA LEU C 400 29.52 40.41 13.05
C LEU C 400 29.99 41.82 13.40
N GLU C 401 29.29 42.79 12.85
CA GLU C 401 29.55 44.19 13.14
C GLU C 401 29.06 44.47 14.56
N ILE C 402 29.97 45.00 15.38
CA ILE C 402 29.76 45.18 16.83
C ILE C 402 29.89 46.63 17.22
N PRO C 403 29.00 47.14 18.08
CA PRO C 403 29.18 48.46 18.62
C PRO C 403 30.42 48.51 19.47
N ALA C 404 31.08 49.66 19.43
CA ALA C 404 32.44 49.77 19.95
C ALA C 404 32.52 49.61 21.47
N GLU C 405 31.37 49.68 22.15
CA GLU C 405 31.32 49.53 23.64
C GLU C 405 31.80 48.17 24.15
N LEU C 406 31.65 47.16 23.30
CA LEU C 406 31.94 45.77 23.68
C LEU C 406 33.15 45.22 22.94
N LYS C 407 34.07 46.10 22.55
CA LYS C 407 35.27 45.69 21.82
C LYS C 407 36.16 44.75 22.65
N PRO C 408 36.04 44.79 23.97
CA PRO C 408 36.69 43.79 24.82
C PRO C 408 35.72 42.67 25.18
N LYS C 409 35.95 41.51 24.56
CA LYS C 409 34.94 40.43 24.49
C LYS C 409 35.28 39.01 25.03
N LEU C 410 36.46 38.49 24.71
CA LEU C 410 36.80 37.11 25.13
C LEU C 410 38.07 36.48 24.51
N LEU C 411 38.37 35.29 25.02
CA LEU C 411 39.44 34.41 24.52
C LEU C 411 39.30 34.07 23.03
N ARG D 22 14.05 40.94 31.37
CA ARG D 22 12.84 40.78 30.52
C ARG D 22 13.20 40.30 29.11
N PHE D 23 12.37 39.40 28.59
CA PHE D 23 12.57 38.80 27.25
C PHE D 23 11.26 38.29 26.66
N PHE D 24 11.32 37.88 25.39
CA PHE D 24 10.18 37.25 24.73
C PHE D 24 10.44 35.78 24.43
N PHE D 25 9.35 35.02 24.33
CA PHE D 25 9.39 33.60 23.96
C PHE D 25 8.17 33.23 23.11
N THR D 26 8.32 32.19 22.30
CA THR D 26 7.25 31.69 21.43
C THR D 26 7.06 30.20 21.54
N SER D 27 5.80 29.78 21.60
CA SER D 27 5.42 28.37 21.50
C SER D 27 4.23 28.19 20.56
N GLU D 28 4.00 26.94 20.19
CA GLU D 28 2.96 26.61 19.21
C GLU D 28 2.16 25.38 19.61
N SER D 29 1.02 25.22 18.93
CA SER D 29 0.21 24.00 19.01
C SER D 29 -0.61 23.80 17.75
N VAL D 30 -1.12 22.59 17.59
CA VAL D 30 -1.96 22.24 16.44
C VAL D 30 -3.20 21.46 16.86
N SER D 31 -4.23 21.52 16.03
CA SER D 31 -5.50 20.84 16.30
C SER D 31 -5.43 19.36 15.94
N GLY D 32 -6.43 18.63 16.41
CA GLY D 32 -6.53 17.19 16.16
C GLY D 32 -6.85 16.85 14.72
N GLY D 33 -7.18 17.88 13.95
CA GLY D 33 -7.45 17.73 12.52
C GLY D 33 -6.16 17.71 11.71
N HIS D 34 -5.11 18.25 12.30
CA HIS D 34 -3.77 18.23 11.70
C HIS D 34 -3.35 16.77 11.41
N PRO D 35 -2.96 16.46 10.18
CA PRO D 35 -2.67 15.08 9.78
C PRO D 35 -1.65 14.39 10.70
N ASP D 36 -0.57 15.10 11.00
CA ASP D 36 0.46 14.60 11.93
C ASP D 36 -0.18 14.16 13.24
N LYS D 37 -1.10 14.99 13.73
CA LYS D 37 -1.78 14.75 15.02
C LYS D 37 -2.90 13.74 14.87
N MET D 38 -3.50 13.71 13.69
CA MET D 38 -4.54 12.74 13.35
C MET D 38 -3.98 11.32 13.49
N CYS D 39 -2.73 11.18 13.09
CA CYS D 39 -2.01 9.90 13.21
C CYS D 39 -1.81 9.56 14.68
N ASP D 40 -1.19 10.49 15.40
CA ASP D 40 -0.94 10.34 16.84
C ASP D 40 -2.19 9.79 17.52
N GLN D 41 -3.32 10.43 17.23
CA GLN D 41 -4.63 10.04 17.77
C GLN D 41 -4.99 8.61 17.39
N ILE D 42 -4.99 8.35 16.09
CA ILE D 42 -5.36 7.03 15.53
C ILE D 42 -4.55 5.92 16.18
N SER D 43 -3.25 6.16 16.28
CA SER D 43 -2.30 5.20 16.84
C SER D 43 -2.66 4.85 18.28
N ASP D 44 -2.95 5.88 19.06
CA ASP D 44 -3.30 5.71 20.48
C ASP D 44 -4.72 5.14 20.64
N ALA D 45 -5.53 5.32 19.60
CA ALA D 45 -6.86 4.72 19.53
C ALA D 45 -6.74 3.21 19.49
N ILE D 46 -5.79 2.72 18.70
CA ILE D 46 -5.52 1.29 18.59
C ILE D 46 -5.06 0.76 19.94
N LEU D 47 -4.09 1.45 20.52
CA LEU D 47 -3.51 1.09 21.82
C LEU D 47 -4.62 0.89 22.86
N ASP D 48 -5.45 1.92 23.01
CA ASP D 48 -6.59 1.89 23.94
C ASP D 48 -7.46 0.67 23.69
N ALA D 49 -7.85 0.52 22.42
CA ALA D 49 -8.61 -0.63 21.95
C ALA D 49 -8.05 -1.95 22.48
N CYS D 50 -6.71 -2.03 22.52
CA CYS D 50 -6.02 -3.24 22.95
C CYS D 50 -6.07 -3.40 24.45
N LEU D 51 -5.60 -2.38 25.16
CA LEU D 51 -5.53 -2.40 26.63
C LEU D 51 -6.91 -2.69 27.24
N ALA D 52 -7.95 -2.29 26.50
CA ALA D 52 -9.34 -2.50 26.91
C ALA D 52 -9.63 -3.95 27.24
N GLN D 53 -9.18 -4.84 26.36
CA GLN D 53 -9.40 -6.28 26.52
C GLN D 53 -8.24 -6.94 27.26
N ASP D 54 -7.03 -6.51 26.92
CA ASP D 54 -5.79 -7.10 27.44
C ASP D 54 -4.83 -6.00 27.95
N PRO D 55 -4.85 -5.74 29.25
CA PRO D 55 -4.02 -4.68 29.83
C PRO D 55 -2.54 -4.96 29.69
N LYS D 56 -2.18 -6.24 29.67
CA LYS D 56 -0.79 -6.66 29.51
C LYS D 56 -0.34 -6.61 28.04
N SER D 57 -1.14 -5.95 27.20
CA SER D 57 -0.83 -5.83 25.77
C SER D 57 0.46 -5.08 25.51
N HIS D 58 1.08 -5.44 24.40
CA HIS D 58 2.27 -4.75 23.92
C HIS D 58 2.03 -4.22 22.51
N VAL D 59 2.06 -2.90 22.40
CA VAL D 59 1.75 -2.21 21.15
C VAL D 59 2.80 -1.16 20.79
N ALA D 60 3.50 -1.42 19.70
CA ALA D 60 4.48 -0.50 19.12
C ALA D 60 4.10 -0.20 17.66
N CYS D 61 3.02 0.56 17.51
CA CYS D 61 2.34 0.74 16.23
C CYS D 61 2.25 2.19 15.81
N GLU D 62 2.37 2.44 14.52
CA GLU D 62 2.38 3.80 13.95
C GLU D 62 1.44 3.97 12.78
N THR D 63 0.99 5.21 12.59
CA THR D 63 0.12 5.56 11.49
C THR D 63 0.76 6.58 10.54
N ALA D 64 0.47 6.40 9.26
CA ALA D 64 0.84 7.34 8.22
C ALA D 64 -0.37 7.61 7.33
N THR D 65 -0.56 8.87 6.95
CA THR D 65 -1.67 9.24 6.02
C THR D 65 -1.32 10.23 4.96
N LYS D 66 -1.99 10.09 3.83
CA LYS D 66 -1.82 11.00 2.73
C LYS D 66 -3.12 11.23 1.95
N THR D 67 -3.07 11.38 0.63
CA THR D 67 -4.19 12.07 0.03
C THR D 67 -5.51 11.40 0.28
N GLY D 68 -5.59 10.10 0.11
CA GLY D 68 -6.88 9.46 0.27
C GLY D 68 -6.79 8.23 1.14
N LEU D 69 -5.74 8.22 1.94
CA LEU D 69 -5.25 6.98 2.48
C LEU D 69 -4.76 7.09 3.91
N ILE D 70 -5.05 6.02 4.67
CA ILE D 70 -4.47 5.82 5.98
C ILE D 70 -3.78 4.48 5.98
N LEU D 71 -2.50 4.52 6.29
CA LEU D 71 -1.71 3.31 6.40
C LEU D 71 -1.27 3.10 7.84
N VAL D 72 -1.81 2.06 8.46
CA VAL D 72 -1.39 1.66 9.80
C VAL D 72 -0.32 0.59 9.67
N LEU D 73 0.83 0.86 10.25
CA LEU D 73 1.96 -0.09 10.25
C LEU D 73 2.63 -0.14 11.61
N GLY D 74 3.07 -1.34 11.98
CA GLY D 74 3.69 -1.57 13.27
C GLY D 74 3.52 -2.99 13.74
N GLU D 75 3.77 -3.19 15.03
CA GLU D 75 3.70 -4.52 15.63
C GLU D 75 3.00 -4.48 16.96
N ILE D 76 2.18 -5.50 17.21
CA ILE D 76 1.53 -5.58 18.49
C ILE D 76 1.22 -7.01 18.96
N THR D 77 1.77 -7.29 20.12
CA THR D 77 1.56 -8.53 20.83
C THR D 77 0.39 -8.39 21.79
N THR D 78 -0.68 -9.13 21.53
CA THR D 78 -1.89 -9.04 22.36
C THR D 78 -2.89 -10.18 22.14
N ASN D 79 -3.73 -10.38 23.16
CA ASN D 79 -4.82 -11.35 23.10
C ASN D 79 -6.11 -10.73 22.58
N ALA D 80 -6.15 -9.39 22.65
CA ALA D 80 -7.33 -8.63 22.27
C ALA D 80 -7.70 -8.85 20.81
N VAL D 81 -8.98 -9.12 20.57
CA VAL D 81 -9.50 -9.20 19.20
C VAL D 81 -10.00 -7.83 18.79
N ILE D 82 -9.26 -7.21 17.88
CA ILE D 82 -9.48 -5.81 17.50
C ILE D 82 -9.83 -5.65 16.03
N ASP D 83 -10.72 -4.69 15.76
CA ASP D 83 -11.10 -4.31 14.40
C ASP D 83 -10.43 -2.98 14.05
N ILE D 84 -9.18 -3.06 13.60
CA ILE D 84 -8.34 -1.86 13.36
C ILE D 84 -8.95 -0.84 12.37
N PRO D 85 -9.35 -1.27 11.17
CA PRO D 85 -9.92 -0.33 10.20
C PRO D 85 -11.11 0.42 10.75
N LYS D 86 -11.93 -0.28 11.53
CA LYS D 86 -13.14 0.30 12.11
C LYS D 86 -12.79 1.34 13.18
N ILE D 87 -11.78 1.03 13.99
CA ILE D 87 -11.26 1.96 14.99
C ILE D 87 -10.81 3.23 14.29
N VAL D 88 -9.92 3.03 13.31
CA VAL D 88 -9.35 4.10 12.50
C VAL D 88 -10.43 5.04 12.00
N ARG D 89 -11.36 4.47 11.24
CA ARG D 89 -12.47 5.22 10.63
C ARG D 89 -13.21 6.03 11.69
N GLY D 90 -13.50 5.38 12.82
CA GLY D 90 -14.18 6.01 13.94
C GLY D 90 -13.48 7.24 14.48
N VAL D 91 -12.15 7.20 14.46
CA VAL D 91 -11.35 8.33 14.93
C VAL D 91 -11.41 9.48 13.96
N VAL D 92 -11.29 9.16 12.67
CA VAL D 92 -11.36 10.15 11.61
C VAL D 92 -12.73 10.85 11.60
N LYS D 93 -13.78 10.07 11.80
CA LYS D 93 -15.13 10.58 11.85
C LYS D 93 -15.27 11.57 13.01
N SER D 94 -14.91 11.09 14.19
CA SER D 94 -14.92 11.90 15.42
C SER D 94 -14.23 13.25 15.23
N ILE D 95 -13.12 13.24 14.49
CA ILE D 95 -12.35 14.46 14.23
C ILE D 95 -13.11 15.43 13.32
N GLY D 96 -14.08 14.88 12.56
CA GLY D 96 -14.99 15.70 11.75
C GLY D 96 -14.83 15.54 10.24
N TYR D 97 -13.95 14.65 9.80
CA TYR D 97 -13.67 14.46 8.39
C TYR D 97 -14.70 13.52 7.75
N ASP D 98 -15.85 14.07 7.41
CA ASP D 98 -16.97 13.32 6.80
C ASP D 98 -17.25 13.68 5.33
N ASP D 99 -16.48 14.63 4.80
CA ASP D 99 -16.68 15.14 3.44
C ASP D 99 -15.36 15.25 2.67
N THR D 100 -15.38 14.80 1.42
CA THR D 100 -14.18 14.90 0.56
C THR D 100 -13.81 16.34 0.27
N ASN D 101 -14.83 17.20 0.21
CA ASN D 101 -14.64 18.63 0.02
C ASN D 101 -13.92 19.26 1.21
N LYS D 102 -14.03 18.61 2.38
CA LYS D 102 -13.34 19.05 3.59
C LYS D 102 -11.87 18.63 3.58
N GLY D 103 -11.53 17.77 2.62
CA GLY D 103 -10.17 17.27 2.44
C GLY D 103 -9.98 15.83 2.89
N PHE D 104 -10.95 15.32 3.64
CA PHE D 104 -10.93 13.91 4.06
C PHE D 104 -12.30 13.37 4.43
N ASP D 105 -12.50 12.09 4.12
CA ASP D 105 -13.78 11.42 4.36
C ASP D 105 -13.56 10.06 5.00
N TYR D 106 -13.98 9.96 6.26
CA TYR D 106 -13.83 8.71 7.02
C TYR D 106 -14.56 7.55 6.36
N GLN D 107 -15.61 7.89 5.63
CA GLN D 107 -16.50 6.90 5.02
C GLN D 107 -15.92 6.30 3.74
N THR D 108 -15.17 7.11 3.00
CA THR D 108 -14.73 6.77 1.64
C THR D 108 -13.24 6.51 1.50
N CYS D 109 -12.46 6.94 2.49
CA CYS D 109 -11.01 6.78 2.47
C CYS D 109 -10.57 5.33 2.58
N SER D 110 -9.35 5.06 2.14
CA SER D 110 -8.77 3.71 2.17
C SER D 110 -7.93 3.47 3.42
N VAL D 111 -8.00 2.24 3.91
CA VAL D 111 -7.26 1.83 5.12
C VAL D 111 -6.42 0.58 4.88
N LEU D 112 -5.11 0.79 4.78
CA LEU D 112 -4.15 -0.31 4.62
C LEU D 112 -3.54 -0.68 5.95
N SER D 113 -3.73 -1.94 6.35
CA SER D 113 -3.14 -2.47 7.57
C SER D 113 -1.93 -3.33 7.27
N CYS D 114 -0.78 -2.88 7.74
CA CYS D 114 0.47 -3.64 7.67
C CYS D 114 0.99 -3.94 9.06
N VAL D 115 0.08 -4.20 9.99
CA VAL D 115 0.44 -4.50 11.37
C VAL D 115 0.57 -6.02 11.55
N GLU D 116 1.64 -6.42 12.24
CA GLU D 116 1.92 -7.83 12.52
C GLU D 116 1.46 -8.18 13.93
N GLN D 117 0.34 -8.89 13.99
CA GLN D 117 -0.33 -9.19 15.27
C GLN D 117 0.08 -10.55 15.81
N GLN D 118 0.22 -10.62 17.13
CA GLN D 118 0.64 -11.85 17.84
C GLN D 118 -0.43 -12.26 18.87
N SER D 119 -0.14 -13.33 19.59
CA SER D 119 -1.08 -13.92 20.58
C SER D 119 -0.59 -14.04 22.03
N GLN D 120 0.73 -14.04 22.23
CA GLN D 120 1.33 -14.12 23.58
C GLN D 120 0.72 -15.26 24.44
N GLU D 132 5.67 -9.57 37.67
CA GLU D 132 7.01 -9.06 37.85
C GLU D 132 7.08 -7.57 37.58
N GLU D 133 7.86 -6.89 38.41
CA GLU D 133 8.08 -5.43 38.38
C GLU D 133 9.55 -5.03 38.22
N ASP D 134 10.46 -6.01 38.28
CA ASP D 134 11.89 -5.75 38.02
C ASP D 134 12.24 -5.97 36.55
N ILE D 135 11.23 -5.93 35.70
CA ILE D 135 11.47 -6.18 34.28
C ILE D 135 12.46 -5.15 33.76
N GLY D 136 13.41 -5.59 32.94
CA GLY D 136 14.35 -4.67 32.30
C GLY D 136 13.65 -3.76 31.32
N ALA D 137 14.14 -2.52 31.20
CA ALA D 137 13.54 -1.52 30.33
C ALA D 137 13.65 -1.97 28.90
N GLY D 138 12.51 -2.14 28.23
CA GLY D 138 12.47 -2.72 26.91
C GLY D 138 12.90 -1.71 25.86
N ASP D 139 14.12 -1.21 26.06
CA ASP D 139 14.79 -0.30 25.14
C ASP D 139 15.74 0.59 25.90
N GLN D 140 16.51 1.37 25.15
CA GLN D 140 17.41 2.34 25.71
C GLN D 140 16.89 3.68 25.30
N GLY D 141 17.31 4.71 26.01
CA GLY D 141 16.81 6.04 25.72
C GLY D 141 17.08 7.14 26.71
N ILE D 142 16.57 8.30 26.35
CA ILE D 142 16.71 9.52 27.13
C ILE D 142 15.33 10.18 27.25
N MET D 143 15.03 10.66 28.44
CA MET D 143 13.71 11.22 28.74
C MET D 143 13.79 12.42 29.67
N PHE D 144 12.83 13.33 29.50
CA PHE D 144 12.84 14.62 30.19
C PHE D 144 11.54 14.96 30.91
N GLY D 145 11.71 15.53 32.10
CA GLY D 145 10.60 16.02 32.92
C GLY D 145 10.76 17.50 33.17
N TYR D 146 9.67 18.25 33.01
CA TYR D 146 9.69 19.71 33.19
C TYR D 146 8.49 20.22 33.97
N ALA D 147 8.73 21.30 34.71
CA ALA D 147 7.71 21.90 35.56
C ALA D 147 8.06 23.36 35.92
N THR D 148 7.05 24.23 35.85
CA THR D 148 7.23 25.65 36.17
C THR D 148 6.02 26.21 36.92
N ASP D 149 6.29 26.82 38.08
CA ASP D 149 5.22 27.34 38.95
C ASP D 149 4.62 28.67 38.46
N GLU D 150 5.07 29.10 37.29
CA GLU D 150 4.51 30.27 36.60
C GLU D 150 3.01 30.15 36.33
N SER D 151 2.51 28.93 36.32
CA SER D 151 1.09 28.64 36.09
C SER D 151 0.54 27.53 37.00
N LYS D 152 -0.79 27.50 37.12
CA LYS D 152 -1.51 26.54 38.01
C LYS D 152 -1.24 25.12 37.56
N GLU D 153 -1.15 24.94 36.26
CA GLU D 153 -0.94 23.62 35.65
C GLU D 153 0.52 23.19 35.69
N MET D 154 1.34 24.04 36.30
CA MET D 154 2.79 23.83 36.44
C MET D 154 3.45 23.75 35.06
N MET D 155 2.92 24.50 34.12
CA MET D 155 3.37 24.47 32.72
C MET D 155 3.73 25.85 32.18
N PRO D 156 4.54 25.89 31.12
CA PRO D 156 4.84 27.16 30.49
C PRO D 156 3.58 27.82 29.95
N LEU D 157 3.33 29.03 30.42
CA LEU D 157 2.15 29.79 30.03
C LEU D 157 2.06 29.88 28.51
N THR D 158 3.22 30.12 27.91
CA THR D 158 3.34 30.22 26.45
C THR D 158 2.74 29.02 25.74
N HIS D 159 2.92 27.84 26.32
CA HIS D 159 2.42 26.58 25.75
C HIS D 159 0.94 26.38 26.08
N VAL D 160 0.60 26.65 27.34
CA VAL D 160 -0.78 26.53 27.83
C VAL D 160 -1.76 27.29 26.94
N LEU D 161 -1.48 28.58 26.77
CA LEU D 161 -2.33 29.46 25.96
C LEU D 161 -2.44 28.93 24.54
N SER D 162 -1.28 28.71 23.92
CA SER D 162 -1.19 28.17 22.55
C SER D 162 -2.13 27.00 22.30
N THR D 163 -2.18 26.09 23.27
CA THR D 163 -2.98 24.87 23.16
C THR D 163 -4.44 25.12 23.52
N LYS D 164 -4.66 25.96 24.53
CA LYS D 164 -6.03 26.35 24.92
C LYS D 164 -6.71 27.03 23.75
N LEU D 165 -5.95 27.91 23.11
CA LEU D 165 -6.37 28.57 21.87
C LEU D 165 -6.98 27.57 20.88
N ILE D 166 -6.35 26.40 20.81
CA ILE D 166 -6.71 25.35 19.85
C ILE D 166 -7.92 24.55 20.31
N LEU D 167 -7.93 24.22 21.59
CA LEU D 167 -9.03 23.46 22.18
C LEU D 167 -10.34 24.23 22.00
N ARG D 168 -10.22 25.55 22.08
CA ARG D 168 -11.37 26.45 21.90
C ARG D 168 -11.91 26.42 20.48
N LEU D 169 -11.01 26.29 19.51
CA LEU D 169 -11.42 26.20 18.09
C LEU D 169 -12.22 24.92 17.87
N GLN D 170 -11.85 23.87 18.61
CA GLN D 170 -12.61 22.62 18.60
C GLN D 170 -14.00 22.90 19.14
N GLU D 171 -14.05 23.37 20.38
CA GLU D 171 -15.31 23.69 21.06
C GLU D 171 -16.23 24.41 20.08
N CYS D 172 -15.70 25.48 19.50
CA CYS D 172 -16.43 26.31 18.53
C CYS D 172 -16.93 25.50 17.34
N ARG D 173 -16.05 24.67 16.80
CA ARG D 173 -16.39 23.84 15.64
C ARG D 173 -17.49 22.86 15.98
N GLU D 174 -17.29 22.13 17.07
CA GLU D 174 -18.19 21.05 17.47
C GLU D 174 -19.53 21.57 17.98
N LYS D 175 -19.46 22.57 18.85
CA LYS D 175 -20.65 23.14 19.50
C LYS D 175 -21.48 24.06 18.59
N GLY D 176 -20.92 24.37 17.42
CA GLY D 176 -21.62 25.19 16.42
C GLY D 176 -21.48 26.68 16.65
N ILE D 177 -20.77 27.05 17.71
CA ILE D 177 -20.47 28.45 18.03
C ILE D 177 -19.86 29.19 16.84
N LEU D 178 -19.19 28.42 15.97
CA LEU D 178 -18.60 28.94 14.73
C LEU D 178 -18.67 27.85 13.65
N PRO D 179 -19.86 27.64 13.07
CA PRO D 179 -20.10 26.49 12.18
C PRO D 179 -19.26 26.47 10.90
N TRP D 180 -18.86 27.63 10.43
CA TRP D 180 -18.00 27.74 9.23
C TRP D 180 -16.60 27.16 9.44
N LEU D 181 -16.23 26.98 10.71
CA LEU D 181 -14.93 26.40 11.08
C LEU D 181 -14.73 24.98 10.55
N ARG D 182 -13.47 24.60 10.38
CA ARG D 182 -13.08 23.27 9.89
C ARG D 182 -11.90 22.69 10.71
N PRO D 183 -11.73 21.37 10.70
CA PRO D 183 -10.89 20.71 11.70
C PRO D 183 -9.40 21.05 11.63
N ASP D 184 -8.84 21.03 10.43
CA ASP D 184 -7.40 21.29 10.27
C ASP D 184 -7.06 22.73 10.64
N SER D 185 -6.43 22.88 11.78
CA SER D 185 -6.07 24.19 12.31
C SER D 185 -4.78 24.18 13.10
N LYS D 186 -4.26 25.38 13.32
CA LYS D 186 -2.93 25.58 13.88
C LYS D 186 -2.87 26.91 14.62
N SER D 187 -2.06 26.95 15.67
CA SER D 187 -1.90 28.17 16.49
C SER D 187 -0.47 28.41 16.94
N GLN D 188 -0.26 29.62 17.45
CA GLN D 188 1.08 30.07 17.87
C GLN D 188 1.00 31.30 18.77
N VAL D 189 1.45 31.13 19.99
CA VAL D 189 1.39 32.21 20.99
C VAL D 189 2.78 32.62 21.45
N THR D 190 3.25 33.73 20.90
CA THR D 190 4.52 34.30 21.34
C THR D 190 4.24 35.38 22.35
N LEU D 191 4.87 35.26 23.51
CA LEU D 191 4.56 36.19 24.59
C LEU D 191 5.78 36.75 25.29
N GLU D 192 5.57 37.90 25.94
CA GLU D 192 6.61 38.61 26.67
C GLU D 192 6.73 38.13 28.10
N TYR D 193 7.97 38.09 28.59
CA TYR D 193 8.30 37.55 29.90
C TYR D 193 9.18 38.49 30.72
N GLU D 194 9.33 38.12 31.98
CA GLU D 194 10.35 38.69 32.87
C GLU D 194 10.75 37.62 33.88
N GLU D 195 12.03 37.63 34.26
CA GLU D 195 12.55 36.68 35.24
C GLU D 195 13.06 37.39 36.49
N VAL D 196 12.43 37.08 37.63
CA VAL D 196 12.82 37.62 38.94
C VAL D 196 13.76 36.65 39.66
N GLU D 197 14.99 36.59 39.16
CA GLU D 197 16.04 35.77 39.75
C GLU D 197 15.69 34.29 39.70
N GLY D 198 15.14 33.88 38.55
CA GLY D 198 14.74 32.48 38.30
C GLY D 198 13.25 32.25 38.22
N HIS D 199 12.48 33.13 38.85
CA HIS D 199 11.01 33.05 38.83
C HIS D 199 10.45 33.78 37.60
N LEU D 200 9.71 33.03 36.77
CA LEU D 200 9.15 33.59 35.54
C LEU D 200 7.78 34.21 35.80
N LYS D 201 7.72 35.53 35.63
CA LYS D 201 6.46 36.27 35.67
C LYS D 201 6.14 36.81 34.28
N PRO D 202 5.09 36.28 33.63
CA PRO D 202 4.71 36.77 32.31
C PRO D 202 3.98 38.09 32.39
N ILE D 203 4.22 38.93 31.38
CA ILE D 203 3.75 40.31 31.38
C ILE D 203 2.59 40.51 30.42
N ARG D 204 2.82 40.15 29.16
CA ARG D 204 1.83 40.37 28.10
C ARG D 204 2.08 39.50 26.86
N VAL D 205 0.98 39.21 26.15
CA VAL D 205 1.06 38.49 24.87
C VAL D 205 1.48 39.46 23.76
N HIS D 206 2.73 39.37 23.34
CA HIS D 206 3.29 40.28 22.34
C HIS D 206 2.59 40.14 21.00
N THR D 207 2.61 38.93 20.47
CA THR D 207 1.96 38.61 19.19
C THR D 207 1.16 37.31 19.25
N ILE D 208 0.24 37.17 18.31
CA ILE D 208 -0.61 35.97 18.21
C ILE D 208 -0.83 35.55 16.77
N VAL D 209 -0.80 34.23 16.58
CA VAL D 209 -1.04 33.62 15.28
C VAL D 209 -2.10 32.55 15.41
N ILE D 210 -2.93 32.45 14.37
CA ILE D 210 -3.88 31.36 14.26
C ILE D 210 -4.33 31.17 12.81
N SER D 211 -4.03 29.99 12.30
CA SER D 211 -4.36 29.61 10.93
C SER D 211 -5.30 28.42 10.95
N THR D 212 -6.58 28.69 10.69
CA THR D 212 -7.59 27.63 10.65
C THR D 212 -8.10 27.35 9.25
N GLN D 213 -8.53 26.11 9.05
CA GLN D 213 -9.27 25.73 7.85
C GLN D 213 -10.70 26.22 8.01
N HIS D 214 -11.40 26.40 6.89
CA HIS D 214 -12.78 26.88 6.90
C HIS D 214 -13.57 26.56 5.65
N ALA D 215 -14.89 26.68 5.76
CA ALA D 215 -15.79 26.56 4.62
C ALA D 215 -15.59 27.74 3.67
N ASP D 216 -15.84 27.51 2.38
CA ASP D 216 -15.71 28.56 1.36
C ASP D 216 -16.79 29.63 1.51
N ASN D 217 -17.84 29.30 2.26
CA ASN D 217 -18.93 30.24 2.61
C ASN D 217 -18.63 31.18 3.80
N VAL D 218 -17.42 31.71 3.78
CA VAL D 218 -16.97 32.69 4.77
C VAL D 218 -16.22 33.85 4.16
N SER D 219 -16.46 35.02 4.72
CA SER D 219 -15.75 36.26 4.34
C SER D 219 -14.49 36.46 5.15
N ASN D 220 -13.39 36.72 4.47
CA ASN D 220 -12.10 36.93 5.15
C ASN D 220 -12.27 37.84 6.36
N GLU D 221 -13.10 38.85 6.19
CA GLU D 221 -13.41 39.80 7.26
C GLU D 221 -14.22 39.12 8.35
N GLU D 222 -15.17 38.28 7.92
CA GLU D 222 -16.05 37.55 8.83
C GLU D 222 -15.28 36.58 9.72
N ILE D 223 -14.20 36.02 9.17
CA ILE D 223 -13.35 35.08 9.91
C ILE D 223 -12.61 35.78 11.04
N ALA D 224 -11.94 36.88 10.69
CA ALA D 224 -11.19 37.69 11.65
C ALA D 224 -12.07 38.08 12.84
N LYS D 225 -13.28 38.54 12.51
CA LYS D 225 -14.27 38.94 13.52
C LYS D 225 -14.50 37.81 14.51
N GLY D 226 -14.97 36.69 13.98
CA GLY D 226 -15.31 35.53 14.80
C GLY D 226 -14.13 35.02 15.59
N LEU D 227 -12.95 35.07 14.99
CA LEU D 227 -11.74 34.56 15.62
C LEU D 227 -11.37 35.40 16.84
N GLU D 228 -11.40 36.71 16.66
CA GLU D 228 -11.08 37.62 17.75
C GLU D 228 -12.11 37.54 18.85
N GLU D 229 -13.37 37.57 18.47
CA GLU D 229 -14.47 37.68 19.42
C GLU D 229 -14.73 36.38 20.19
N GLU D 230 -14.79 35.26 19.48
CA GLU D 230 -15.24 33.99 20.08
C GLU D 230 -14.15 32.99 20.44
N VAL D 231 -12.90 33.25 20.07
CA VAL D 231 -11.79 32.40 20.51
C VAL D 231 -10.73 33.17 21.30
N THR D 232 -10.01 34.05 20.62
CA THR D 232 -8.94 34.86 21.25
C THR D 232 -9.37 35.45 22.59
N GLN D 233 -10.44 36.23 22.54
CA GLN D 233 -10.97 36.93 23.72
C GLN D 233 -11.42 36.01 24.82
N LYS D 234 -12.00 34.88 24.43
CA LYS D 234 -12.61 33.94 25.39
C LYS D 234 -11.59 32.95 25.96
N VAL D 235 -10.35 33.05 25.50
CA VAL D 235 -9.26 32.20 26.02
C VAL D 235 -8.13 33.03 26.63
N ILE D 236 -7.70 34.07 25.93
CA ILE D 236 -6.58 34.90 26.39
C ILE D 236 -7.02 35.83 27.53
N PRO D 237 -6.32 35.78 28.67
CA PRO D 237 -6.69 36.63 29.80
C PRO D 237 -6.58 38.10 29.47
N LYS D 238 -7.50 38.88 30.03
CA LYS D 238 -7.57 40.32 29.76
C LYS D 238 -6.35 41.05 30.31
N GLU D 239 -5.80 40.49 31.38
CA GLU D 239 -4.60 41.04 32.03
C GLU D 239 -3.41 41.06 31.08
N LEU D 240 -3.28 40.00 30.30
CA LEU D 240 -2.18 39.84 29.34
C LEU D 240 -2.52 40.48 27.98
N MET D 241 -3.81 40.72 27.78
CA MET D 241 -4.30 41.27 26.51
C MET D 241 -4.13 42.80 26.44
N ASP D 242 -4.12 43.31 25.22
CA ASP D 242 -4.03 44.77 25.02
C ASP D 242 -4.40 45.19 23.58
N ASP D 243 -4.21 46.47 23.27
CA ASP D 243 -4.53 46.99 21.92
C ASP D 243 -3.36 46.85 20.96
N LYS D 244 -2.14 46.87 21.50
CA LYS D 244 -0.90 46.76 20.71
C LYS D 244 -0.52 45.30 20.38
N MET D 245 -1.32 44.34 20.84
CA MET D 245 -1.04 42.90 20.58
C MET D 245 -1.26 42.60 19.11
N LEU D 246 -0.26 41.97 18.51
CA LEU D 246 -0.29 41.62 17.09
C LEU D 246 -1.20 40.43 16.80
N ARG D 247 -1.79 40.46 15.61
CA ARG D 247 -2.75 39.43 15.21
C ARG D 247 -2.53 38.95 13.79
N TYR D 248 -2.40 37.63 13.68
CA TYR D 248 -2.11 36.97 12.42
C TYR D 248 -3.17 35.91 12.15
N TYR D 249 -4.21 36.31 11.42
CA TYR D 249 -5.35 35.43 11.15
C TYR D 249 -5.32 34.97 9.69
N ASN D 250 -5.04 33.68 9.53
CA ASN D 250 -4.83 33.07 8.21
C ASN D 250 -4.00 33.95 7.26
N PRO D 251 -2.77 34.28 7.65
CA PRO D 251 -1.91 35.13 6.83
C PRO D 251 -1.52 34.46 5.51
N SER D 252 -1.64 33.14 5.47
CA SER D 252 -1.49 32.38 4.23
C SER D 252 -2.66 32.65 3.28
N GLY D 253 -3.49 33.64 3.63
CA GLY D 253 -4.65 34.00 2.83
C GLY D 253 -5.79 33.04 3.11
N ARG D 254 -6.17 32.28 2.09
CA ARG D 254 -7.31 31.38 2.21
C ARG D 254 -6.86 29.96 2.58
N PHE D 255 -7.80 29.21 3.12
CA PHE D 255 -7.54 27.87 3.62
C PHE D 255 -8.85 27.08 3.71
N VAL D 256 -9.41 26.73 2.55
CA VAL D 256 -10.67 25.98 2.47
C VAL D 256 -10.41 24.48 2.41
N ILE D 257 -9.61 24.08 1.43
CA ILE D 257 -9.25 22.68 1.26
C ILE D 257 -7.94 22.48 1.99
N GLY D 258 -7.90 21.45 2.83
CA GLY D 258 -6.75 21.15 3.68
C GLY D 258 -6.84 19.73 4.19
N GLY D 259 -6.47 19.53 5.45
CA GLY D 259 -6.47 18.19 6.03
C GLY D 259 -5.28 17.39 5.53
N PRO D 260 -5.41 16.07 5.51
CA PRO D 260 -4.35 15.19 5.01
C PRO D 260 -4.22 15.23 3.50
N MET D 261 -5.20 15.82 2.82
CA MET D 261 -5.13 15.99 1.37
C MET D 261 -4.16 17.11 1.03
N GLY D 262 -3.06 16.74 0.39
CA GLY D 262 -2.01 17.68 0.00
C GLY D 262 -0.83 17.54 0.94
N ASP D 263 -1.09 17.61 2.23
CA ASP D 263 -0.05 17.34 3.23
C ASP D 263 0.04 15.86 3.53
N ALA D 264 1.24 15.45 3.93
CA ALA D 264 1.48 14.12 4.45
C ALA D 264 1.56 14.22 5.96
N GLY D 265 1.15 13.15 6.65
CA GLY D 265 1.17 13.13 8.12
C GLY D 265 1.63 11.82 8.72
N LEU D 266 2.35 11.92 9.84
CA LEU D 266 2.92 10.75 10.50
C LEU D 266 2.77 10.83 12.03
N THR D 267 2.87 9.67 12.66
CA THR D 267 2.83 9.59 14.12
C THR D 267 4.12 10.15 14.71
N GLY D 268 4.00 10.81 15.86
CA GLY D 268 5.16 11.27 16.62
C GLY D 268 5.97 12.38 15.99
N ARG D 269 5.36 13.07 15.02
CA ARG D 269 6.05 14.18 14.34
C ARG D 269 5.83 15.51 15.04
N LYS D 270 4.81 15.57 15.88
CA LYS D 270 4.52 16.76 16.70
C LYS D 270 4.89 16.48 18.16
N ILE D 271 6.15 16.12 18.35
CA ILE D 271 6.67 15.69 19.66
C ILE D 271 6.73 16.85 20.68
N ILE D 272 6.86 18.06 20.16
CA ILE D 272 7.07 19.24 21.02
C ILE D 272 5.74 19.83 21.51
N VAL D 273 4.75 19.90 20.61
CA VAL D 273 3.40 20.34 21.01
C VAL D 273 2.78 19.32 21.97
N ASP D 274 3.22 18.08 21.83
CA ASP D 274 2.82 16.96 22.72
C ASP D 274 3.32 17.14 24.14
N THR D 275 4.38 17.95 24.31
CA THR D 275 5.04 18.09 25.62
C THR D 275 5.03 19.51 26.18
N TYR D 276 6.16 20.22 26.04
CA TYR D 276 6.38 21.51 26.74
C TYR D 276 6.63 22.73 25.84
N GLY D 277 6.31 22.61 24.56
CA GLY D 277 6.46 23.72 23.63
C GLY D 277 7.88 24.25 23.52
N GLY D 278 8.85 23.36 23.70
CA GLY D 278 10.27 23.69 23.52
C GLY D 278 10.91 24.39 24.71
N TRP D 279 10.20 24.41 25.83
CA TRP D 279 10.69 25.08 27.03
C TRP D 279 11.77 24.29 27.74
N GLY D 280 11.53 23.01 27.95
CA GLY D 280 12.48 22.16 28.64
C GLY D 280 13.47 21.52 27.68
N ALA D 281 13.36 20.21 27.52
CA ALA D 281 14.14 19.45 26.54
C ALA D 281 13.32 18.27 26.05
N HIS D 282 13.88 17.51 25.11
CA HIS D 282 13.25 16.26 24.67
C HIS D 282 14.26 15.16 24.41
N GLY D 283 13.81 13.93 24.62
CA GLY D 283 14.64 12.74 24.41
C GLY D 283 14.53 12.16 23.02
N GLY D 284 13.63 12.73 22.22
CA GLY D 284 13.38 12.25 20.86
C GLY D 284 12.26 11.23 20.75
N GLY D 285 11.78 10.77 21.90
CA GLY D 285 10.78 9.69 21.94
C GLY D 285 9.35 10.12 21.66
N ALA D 286 8.85 9.72 20.50
CA ALA D 286 7.44 9.89 20.17
C ALA D 286 6.57 9.08 21.14
N PHE D 287 5.57 9.73 21.73
CA PHE D 287 4.75 9.10 22.77
C PHE D 287 3.68 8.18 22.19
N SER D 288 2.91 8.73 21.26
CA SER D 288 1.71 8.06 20.75
C SER D 288 2.01 6.77 20.00
N GLY D 289 1.12 5.81 20.17
CA GLY D 289 1.21 4.52 19.49
C GLY D 289 2.05 3.51 20.24
N LYS D 290 2.74 3.99 21.28
CA LYS D 290 3.58 3.14 22.12
C LYS D 290 2.85 2.83 23.41
N ASP D 291 2.87 1.55 23.78
CA ASP D 291 2.36 1.12 25.09
C ASP D 291 3.30 1.59 26.19
N SER D 292 2.85 1.47 27.43
CA SER D 292 3.56 2.07 28.57
C SER D 292 4.82 1.32 28.97
N SER D 293 5.02 0.12 28.42
CA SER D 293 6.26 -0.64 28.62
C SER D 293 7.44 0.05 27.95
N LYS D 294 7.13 0.88 26.95
CA LYS D 294 8.15 1.65 26.25
C LYS D 294 8.63 2.79 27.13
N VAL D 295 9.87 2.68 27.57
CA VAL D 295 10.50 3.68 28.45
C VAL D 295 10.36 5.10 27.94
N ASP D 296 10.33 5.24 26.61
CA ASP D 296 10.18 6.56 25.96
C ASP D 296 8.95 7.30 26.50
N ARG D 297 7.92 6.56 26.85
CA ARG D 297 6.67 7.12 27.37
C ARG D 297 6.70 7.19 28.90
N SER D 298 6.88 6.02 29.51
CA SER D 298 6.90 5.86 30.96
C SER D 298 7.86 6.83 31.64
N GLY D 299 9.09 6.81 31.15
CA GLY D 299 10.16 7.66 31.67
C GLY D 299 9.84 9.13 31.54
N ALA D 300 9.28 9.49 30.39
CA ALA D 300 8.86 10.86 30.12
C ALA D 300 7.76 11.30 31.07
N TYR D 301 6.86 10.37 31.38
CA TYR D 301 5.72 10.63 32.24
C TYR D 301 6.19 10.77 33.68
N CYS D 302 6.87 9.72 34.15
CA CYS D 302 7.47 9.71 35.49
C CYS D 302 8.31 10.95 35.72
N ALA D 303 9.00 11.39 34.68
CA ALA D 303 9.83 12.60 34.74
C ALA D 303 8.97 13.83 35.04
N ARG D 304 7.88 13.98 34.31
CA ARG D 304 6.92 15.05 34.55
C ARG D 304 6.46 14.99 36.00
N TRP D 305 6.10 13.78 36.42
CA TRP D 305 5.64 13.51 37.79
C TRP D 305 6.61 14.09 38.80
N ILE D 306 7.86 13.64 38.71
CA ILE D 306 8.93 14.10 39.60
C ILE D 306 8.95 15.61 39.67
N ALA D 307 9.10 16.22 38.51
CA ALA D 307 9.18 17.68 38.38
C ALA D 307 8.00 18.35 39.07
N LYS D 308 6.80 17.91 38.72
CA LYS D 308 5.57 18.45 39.29
C LYS D 308 5.57 18.34 40.82
N SER D 309 6.10 17.22 41.31
CA SER D 309 6.25 16.98 42.75
C SER D 309 7.26 17.93 43.35
N LEU D 310 8.40 18.02 42.68
CA LEU D 310 9.53 18.81 43.17
C LEU D 310 9.20 20.27 43.40
N VAL D 311 8.27 20.81 42.63
CA VAL D 311 7.90 22.19 42.93
C VAL D 311 6.63 22.34 43.74
N HIS D 312 5.93 21.24 43.92
CA HIS D 312 4.80 21.21 44.84
C HIS D 312 5.38 21.36 46.20
N ALA D 313 6.39 20.54 46.43
CA ALA D 313 7.03 20.48 47.74
C ALA D 313 7.79 21.75 48.10
N GLY D 314 7.70 22.77 47.24
CA GLY D 314 8.34 24.07 47.48
C GLY D 314 9.85 23.99 47.48
N LEU D 315 10.39 22.95 46.85
CA LEU D 315 11.84 22.77 46.77
C LEU D 315 12.49 23.75 45.77
N CYS D 316 11.67 24.23 44.84
CA CYS D 316 12.13 25.15 43.78
C CYS D 316 10.98 25.80 43.01
N HIS D 317 11.33 26.76 42.16
CA HIS D 317 10.36 27.46 41.30
C HIS D 317 10.24 26.81 39.92
N ARG D 318 11.36 26.27 39.46
CA ARG D 318 11.47 25.72 38.10
C ARG D 318 12.42 24.55 38.09
N VAL D 319 11.97 23.43 37.51
CA VAL D 319 12.82 22.25 37.38
C VAL D 319 12.74 21.62 36.01
N LEU D 320 13.85 20.99 35.65
CA LEU D 320 13.92 20.13 34.48
C LEU D 320 14.64 18.88 34.90
N VAL D 321 13.94 17.76 34.94
CA VAL D 321 14.54 16.52 35.38
C VAL D 321 14.81 15.67 34.17
N GLN D 322 16.02 15.17 34.06
CA GLN D 322 16.30 14.22 33.01
C GLN D 322 16.60 12.83 33.50
N LEU D 323 15.87 11.89 32.94
CA LEU D 323 16.08 10.46 33.19
C LEU D 323 16.75 9.81 31.98
N SER D 324 17.38 8.67 32.20
CA SER D 324 18.02 7.90 31.13
C SER D 324 18.09 6.41 31.44
N TYR D 325 17.90 5.61 30.39
CA TYR D 325 17.78 4.16 30.54
C TYR D 325 18.62 3.37 29.55
N ALA D 326 18.92 2.14 29.96
CA ALA D 326 19.63 1.19 29.12
C ALA D 326 18.70 0.04 28.75
N ILE D 327 18.82 -0.44 27.52
CA ILE D 327 18.02 -1.59 27.07
C ILE D 327 18.35 -2.81 27.93
N GLY D 328 17.31 -3.50 28.36
CA GLY D 328 17.45 -4.71 29.19
C GLY D 328 17.87 -4.47 30.63
N VAL D 329 18.17 -3.22 30.99
CA VAL D 329 18.53 -2.86 32.36
C VAL D 329 17.38 -2.16 33.07
N SER D 330 16.92 -2.79 34.15
CA SER D 330 15.72 -2.37 34.88
C SER D 330 15.84 -0.98 35.52
N HIS D 331 16.93 -0.75 36.23
CA HIS D 331 17.13 0.52 36.94
C HIS D 331 17.58 1.64 35.96
N PRO D 332 17.30 2.88 36.31
CA PRO D 332 17.74 4.00 35.48
C PRO D 332 19.26 4.11 35.48
N LEU D 333 19.81 4.22 34.28
CA LEU D 333 21.25 4.23 34.03
C LEU D 333 21.89 5.53 34.53
N SER D 334 21.09 6.59 34.51
CA SER D 334 21.53 7.92 34.94
C SER D 334 20.37 8.82 35.33
N ILE D 335 20.70 9.90 36.03
CA ILE D 335 19.70 10.84 36.54
C ILE D 335 20.25 12.24 36.74
N ASN D 336 19.40 13.23 36.44
CA ASN D 336 19.77 14.65 36.55
C ASN D 336 18.55 15.52 36.82
N VAL D 337 18.70 16.43 37.78
CA VAL D 337 17.69 17.43 38.08
C VAL D 337 18.27 18.83 37.94
N ASN D 338 17.89 19.50 36.85
CA ASN D 338 18.36 20.88 36.62
C ASN D 338 17.31 21.92 36.98
N THR D 339 17.36 22.37 38.23
CA THR D 339 16.65 23.57 38.65
C THR D 339 17.42 24.79 38.17
N TYR D 340 16.71 25.77 37.64
CA TYR D 340 17.34 26.92 36.99
C TYR D 340 17.82 27.96 38.00
N GLY D 341 18.62 27.50 38.97
CA GLY D 341 19.13 28.35 40.04
C GLY D 341 18.04 28.81 40.99
N THR D 342 16.84 28.28 40.77
CA THR D 342 15.65 28.68 41.51
C THR D 342 15.44 27.80 42.75
N GLY D 343 16.25 26.74 42.85
CA GLY D 343 16.07 25.72 43.87
C GLY D 343 16.77 26.08 45.16
N ILE D 344 16.01 26.05 46.24
CA ILE D 344 16.54 26.41 47.57
C ILE D 344 17.58 25.40 48.09
N CYS D 345 17.36 24.13 47.79
CA CYS D 345 18.12 23.03 48.41
C CYS D 345 19.58 22.86 48.02
N ASP D 346 19.93 23.33 46.83
CA ASP D 346 21.24 23.00 46.21
C ASP D 346 21.22 21.62 45.57
N GLU D 347 21.94 21.48 44.46
CA GLU D 347 21.57 20.53 43.40
C GLU D 347 21.64 19.03 43.64
N SER D 348 22.71 18.61 44.29
CA SER D 348 22.98 17.20 44.47
C SER D 348 22.19 16.68 45.62
N ILE D 349 21.78 17.59 46.50
CA ILE D 349 21.12 17.17 47.71
C ILE D 349 19.78 16.59 47.31
N LEU D 350 19.19 17.11 46.23
CA LEU D 350 17.84 16.70 45.78
C LEU D 350 17.74 15.59 44.72
N VAL D 351 18.71 15.48 43.82
CA VAL D 351 18.91 14.24 43.04
C VAL D 351 18.72 13.03 43.94
N ASP D 352 19.12 13.20 45.20
CA ASP D 352 18.93 12.19 46.24
C ASP D 352 17.46 12.03 46.60
N ILE D 353 16.82 13.15 46.95
CA ILE D 353 15.40 13.17 47.38
C ILE D 353 14.55 12.40 46.39
N VAL D 354 14.78 12.70 45.12
CA VAL D 354 14.09 12.04 44.01
C VAL D 354 14.24 10.52 44.12
N ASN D 355 15.50 10.08 44.21
CA ASN D 355 15.85 8.66 44.26
C ASN D 355 15.20 7.91 45.43
N LYS D 356 15.10 8.60 46.55
CA LYS D 356 14.57 8.03 47.81
C LYS D 356 13.08 7.75 47.71
N ASN D 357 12.37 8.66 47.05
CA ASN D 357 10.91 8.70 47.08
C ASN D 357 10.24 8.12 45.85
N PHE D 358 11.02 7.93 44.79
CA PHE D 358 10.50 7.41 43.52
C PHE D 358 11.14 6.09 43.09
N ASP D 359 10.31 5.17 42.63
CA ASP D 359 10.77 3.92 42.03
C ASP D 359 10.69 4.02 40.52
N MET D 360 11.84 4.32 39.91
CA MET D 360 11.90 4.67 38.48
C MET D 360 12.12 3.46 37.57
N ARG D 361 11.91 2.27 38.13
CA ARG D 361 11.90 1.04 37.36
C ARG D 361 10.64 1.03 36.47
N PRO D 362 10.82 0.94 35.15
CA PRO D 362 9.67 0.98 34.22
C PRO D 362 8.50 0.15 34.70
N GLY D 363 8.80 -1.05 35.19
CA GLY D 363 7.78 -1.97 35.69
C GLY D 363 6.88 -1.35 36.74
N MET D 364 7.49 -0.58 37.64
CA MET D 364 6.77 0.08 38.76
C MET D 364 6.01 1.28 38.28
N ILE D 365 6.68 2.05 37.42
CA ILE D 365 6.14 3.26 36.83
C ILE D 365 4.73 2.98 36.25
N ILE D 366 4.61 1.84 35.58
CA ILE D 366 3.32 1.37 35.03
C ILE D 366 2.28 1.20 36.13
N LYS D 367 2.70 0.51 37.20
CA LYS D 367 1.83 0.20 38.34
C LYS D 367 1.35 1.47 39.04
N GLU D 368 2.30 2.33 39.36
CA GLU D 368 2.04 3.51 40.20
C GLU D 368 1.20 4.53 39.47
N LEU D 369 1.46 4.67 38.18
CA LEU D 369 0.78 5.65 37.34
C LEU D 369 -0.43 5.06 36.60
N GLY D 370 -0.68 3.79 36.84
CA GLY D 370 -1.84 3.09 36.25
C GLY D 370 -1.84 3.23 34.73
N LEU D 371 -0.75 2.80 34.12
CA LEU D 371 -0.52 2.98 32.69
C LEU D 371 -0.98 1.78 31.86
N THR D 372 -1.64 0.83 32.52
CA THR D 372 -2.21 -0.34 31.82
C THR D 372 -3.64 -0.03 31.36
N ARG D 373 -4.08 1.19 31.64
CA ARG D 373 -5.46 1.63 31.47
C ARG D 373 -5.71 2.41 30.17
N PRO D 374 -6.79 2.10 29.46
CA PRO D 374 -7.08 2.78 28.18
C PRO D 374 -7.44 4.24 28.33
N ILE D 375 -6.43 5.06 28.54
CA ILE D 375 -6.59 6.51 28.67
C ILE D 375 -5.80 7.29 27.63
N PHE D 376 -5.15 6.57 26.73
CA PHE D 376 -4.08 7.14 25.90
C PHE D 376 -4.55 7.87 24.64
N GLN D 377 -5.77 7.58 24.20
CA GLN D 377 -6.31 8.24 23.00
C GLN D 377 -6.44 9.74 23.24
N LYS D 378 -7.05 10.08 24.36
CA LYS D 378 -7.29 11.48 24.73
C LYS D 378 -6.01 12.25 25.05
N THR D 379 -4.95 11.51 25.32
CA THR D 379 -3.62 12.07 25.53
C THR D 379 -3.04 12.63 24.22
N ALA D 380 -3.53 12.09 23.11
CA ALA D 380 -2.93 12.34 21.80
C ALA D 380 -3.18 13.75 21.23
N VAL D 381 -4.01 14.54 21.90
CA VAL D 381 -4.29 15.92 21.44
C VAL D 381 -4.37 16.90 22.61
N GLY D 382 -3.99 18.14 22.34
CA GLY D 382 -3.99 19.18 23.36
C GLY D 382 -2.92 18.98 24.42
N GLY D 383 -1.90 18.19 24.08
CA GLY D 383 -0.72 18.01 24.93
C GLY D 383 -0.88 16.93 25.99
N HIS D 384 0.21 16.22 26.24
CA HIS D 384 0.22 15.14 27.24
C HIS D 384 0.32 15.68 28.66
N PHE D 385 0.82 16.91 28.78
CA PHE D 385 1.03 17.52 30.09
C PHE D 385 0.28 18.83 30.29
N GLY D 386 0.04 19.13 31.56
CA GLY D 386 -0.68 20.34 31.96
C GLY D 386 -2.16 20.11 32.18
N ARG D 387 -2.63 18.92 31.83
CA ARG D 387 -4.06 18.61 31.95
C ARG D 387 -4.34 17.76 33.18
N ASN D 388 -5.31 18.21 33.97
CA ASN D 388 -5.61 17.60 35.26
C ASN D 388 -6.81 16.65 35.20
N ASP D 389 -6.82 15.83 34.15
CA ASP D 389 -7.75 14.70 34.05
C ASP D 389 -7.39 13.70 35.15
N PRO D 390 -8.40 13.13 35.82
CA PRO D 390 -8.17 12.19 36.90
C PRO D 390 -7.30 10.98 36.53
N ASP D 391 -7.46 10.52 35.30
CA ASP D 391 -6.74 9.33 34.81
C ASP D 391 -5.25 9.60 34.60
N PHE D 392 -4.91 10.87 34.43
CA PHE D 392 -3.51 11.27 34.24
C PHE D 392 -2.80 11.28 35.59
N LYS D 393 -2.49 10.07 36.08
CA LYS D 393 -1.95 9.88 37.44
C LYS D 393 -0.58 10.54 37.66
N TRP D 394 -0.02 11.08 36.58
CA TRP D 394 1.31 11.75 36.62
C TRP D 394 1.21 13.25 36.86
N GLU D 395 -0.01 13.76 36.85
CA GLU D 395 -0.26 15.20 37.06
C GLU D 395 -0.61 15.53 38.51
N PHE D 396 -0.88 14.49 39.29
CA PHE D 396 -1.13 14.66 40.72
C PHE D 396 0.18 14.33 41.44
N PRO D 397 0.76 15.32 42.11
CA PRO D 397 2.08 15.12 42.69
C PRO D 397 2.15 14.06 43.78
N LYS D 398 3.39 13.75 44.13
CA LYS D 398 3.67 12.86 45.24
C LYS D 398 4.05 13.66 46.46
N GLU D 399 4.06 12.96 47.59
CA GLU D 399 4.47 13.51 48.86
C GLU D 399 5.79 12.88 49.26
N LEU D 400 6.77 13.73 49.52
CA LEU D 400 8.15 13.28 49.63
C LEU D 400 8.74 13.43 51.01
N GLU D 401 9.47 12.40 51.43
CA GLU D 401 10.21 12.44 52.70
C GLU D 401 11.38 13.42 52.52
N ILE D 402 11.47 14.35 53.46
CA ILE D 402 12.45 15.42 53.41
C ILE D 402 13.23 15.52 54.73
N PRO D 403 14.56 15.65 54.65
CA PRO D 403 15.33 15.89 55.85
C PRO D 403 14.91 17.22 56.45
N ALA D 404 14.83 17.24 57.77
CA ALA D 404 14.25 18.38 58.50
C ALA D 404 15.09 19.63 58.34
N GLU D 405 16.33 19.46 57.86
CA GLU D 405 17.24 20.57 57.67
C GLU D 405 16.71 21.59 56.68
N LEU D 406 15.62 21.26 55.99
CA LEU D 406 15.11 22.09 54.90
C LEU D 406 13.80 22.81 55.20
N LYS D 407 13.52 23.10 56.46
CA LYS D 407 12.21 23.61 56.85
C LYS D 407 11.85 24.93 56.13
N PRO D 408 12.85 25.73 55.80
CA PRO D 408 12.61 26.93 54.99
C PRO D 408 12.90 26.72 53.51
N LYS D 409 11.83 26.76 52.73
CA LYS D 409 11.90 26.57 51.30
C LYS D 409 11.01 27.57 50.56
N LEU D 410 9.77 27.15 50.29
CA LEU D 410 8.84 27.90 49.45
C LEU D 410 7.37 27.85 49.81
N LEU D 411 6.65 28.85 49.31
CA LEU D 411 5.23 29.02 49.60
C LEU D 411 4.43 27.75 49.28
C ACT E . -0.69 -13.50 -17.48
O ACT E . -1.89 -13.18 -17.53
OXT ACT E . -0.05 -13.00 -16.52
CH3 ACT E . -0.06 -14.42 -18.48
C ACT F . -16.24 -10.38 -10.57
O ACT F . -15.40 -11.22 -10.99
OXT ACT F . -15.74 -9.35 -10.09
CH3 ACT F . -17.72 -10.58 -10.66
C ACT G . 11.41 4.43 18.72
O ACT G . 10.90 5.58 18.60
OXT ACT G . 10.72 3.51 18.23
CH3 ACT G . 12.73 4.20 19.38
C ACT H . 5.49 18.92 9.34
O ACT H . 6.47 18.51 10.01
OXT ACT H . 4.88 18.05 8.67
CH3 ACT H . 5.09 20.37 9.33
#